data_7B6Y
# 
_entry.id   7B6Y 
# 
_audit_conform.dict_name       mmcif_pdbx.dic 
_audit_conform.dict_version    5.395 
_audit_conform.dict_location   http://mmcif.pdb.org/dictionaries/ascii/mmcif_pdbx.dic 
# 
loop_
_database_2.database_id 
_database_2.database_code 
_database_2.pdbx_database_accession 
_database_2.pdbx_DOI 
PDB   7B6Y         pdb_00007b6y 10.2210/pdb7b6y/pdb 
WWPDB D_1292112765 ?            ?                   
EMDB  EMD-12058    ?            ?                   
# 
loop_
_pdbx_audit_revision_history.ordinal 
_pdbx_audit_revision_history.data_content_type 
_pdbx_audit_revision_history.major_revision 
_pdbx_audit_revision_history.minor_revision 
_pdbx_audit_revision_history.revision_date 
1 'Structure model' 1 0 2022-01-12 
2 'Structure model' 1 1 2024-07-10 
# 
_pdbx_audit_revision_details.ordinal             1 
_pdbx_audit_revision_details.revision_ordinal    1 
_pdbx_audit_revision_details.data_content_type   'Structure model' 
_pdbx_audit_revision_details.provider            repository 
_pdbx_audit_revision_details.type                'Initial release' 
_pdbx_audit_revision_details.description         ? 
_pdbx_audit_revision_details.details             ? 
# 
_pdbx_audit_revision_group.ordinal             1 
_pdbx_audit_revision_group.revision_ordinal    2 
_pdbx_audit_revision_group.data_content_type   'Structure model' 
_pdbx_audit_revision_group.group               'Data collection' 
# 
loop_
_pdbx_audit_revision_category.ordinal 
_pdbx_audit_revision_category.revision_ordinal 
_pdbx_audit_revision_category.data_content_type 
_pdbx_audit_revision_category.category 
1 2 'Structure model' chem_comp_atom 
2 2 'Structure model' chem_comp_bond 
3 2 'Structure model' em_admin       
# 
_pdbx_audit_revision_item.ordinal             1 
_pdbx_audit_revision_item.revision_ordinal    2 
_pdbx_audit_revision_item.data_content_type   'Structure model' 
_pdbx_audit_revision_item.item                '_em_admin.last_update' 
# 
_pdbx_database_status.status_code                     REL 
_pdbx_database_status.status_code_sf                  ? 
_pdbx_database_status.status_code_mr                  ? 
_pdbx_database_status.entry_id                        7B6Y 
_pdbx_database_status.recvd_initial_deposition_date   2020-12-08 
_pdbx_database_status.SG_entry                        N 
_pdbx_database_status.deposit_site                    PDBE 
_pdbx_database_status.process_site                    PDBE 
_pdbx_database_status.status_code_cs                  ? 
_pdbx_database_status.status_code_nmr_data            ? 
_pdbx_database_status.methods_development_category    ? 
_pdbx_database_status.pdb_format_compatible           Y 
# 
_pdbx_database_related.db_name        EMDB 
_pdbx_database_related.details        'C8(355-600) from the MiniTRAPPIII complex' 
_pdbx_database_related.db_id          EMD-12058 
_pdbx_database_related.content_type   'associated EM volume' 
# 
loop_
_audit_author.name 
_audit_author.pdbx_ordinal 
_audit_author.identifier_ORCID 
'Galindo, A.'             1 0000-0002-1108-652X 
'Munro, S.'               2 0000-0001-6160-5773 
'Planelles-Herrero, V.J.' 3 0000-0002-1665-184X 
# 
_citation.abstract                  ? 
_citation.abstract_id_CAS           ? 
_citation.book_id_ISBN              ? 
_citation.book_publisher            ? 
_citation.book_publisher_city       ? 
_citation.book_title                ? 
_citation.coordinate_linkage        ? 
_citation.country                   ? 
_citation.database_id_Medline       ? 
_citation.details                   ? 
_citation.id                        primary 
_citation.journal_abbrev            'To Be Published' 
_citation.journal_id_ASTM           ? 
_citation.journal_id_CSD            0353 
_citation.journal_id_ISSN           ? 
_citation.journal_full              ? 
_citation.journal_issue             ? 
_citation.journal_volume            ? 
_citation.language                  ? 
_citation.page_first                ? 
_citation.page_last                 ? 
_citation.title                     
;Structural insights into the metazoan TRAPP complexes that activate Rab1 and
Rab11.
;
_citation.year                      ? 
_citation.database_id_CSD           ? 
_citation.pdbx_database_id_DOI      ? 
_citation.pdbx_database_id_PubMed   ? 
_citation.unpublished_flag          ? 
# 
loop_
_citation_author.citation_id 
_citation_author.name 
_citation_author.ordinal 
_citation_author.identifier_ORCID 
primary 'Galindo, A.'             1 0000-0002-1108-652X 
primary 'Munro, S.'               2 0000-0001-6160-5773 
primary 'Planelles-Herrero, V.J.' 3 0000-0002-1665-184X 
primary 'Degliesposti, G.'        4 0000-0001-6387-2533 
# 
_entity.id                         1 
_entity.type                       polymer 
_entity.src_method                 man 
_entity.pdbx_description           FI18195p1 
_entity.formula_weight             28378.545 
_entity.pdbx_number_of_molecules   1 
_entity.pdbx_ec                    ? 
_entity.pdbx_mutation              ? 
_entity.pdbx_fragment              ? 
_entity.details                    ? 
# 
_entity_name_com.entity_id   1 
_entity_name_com.name        'Lethal (3) 76BDm,isoform A,isoform B' 
# 
_entity_poly.entity_id                      1 
_entity_poly.type                           'polypeptide(L)' 
_entity_poly.nstd_linkage                   no 
_entity_poly.nstd_monomer                   no 
_entity_poly.pdbx_seq_one_letter_code       
;DNLRHFVQDYAVRALIPYIEHLVAILAEGVTNKKGVSKSLLSATKRWFVTSKPGAGANNQNAVIYTNESAELQTRKLGDL
YFMFGHYNLAFQSYHQAKRDFNADSAWQYYAGALEMAALSAFMLGTAQRKTYDYMEDAIVCYLTVCKLQQFATRATLLSM
ECLKTARLYSEVAKQLIRMTNEESDLRSALLLEQAAYCFLVTQPPMHRKYAFHIVLAGNRYSRAGQRKHAYRCYRQAYQV
FQKREW
;
_entity_poly.pdbx_seq_one_letter_code_can   
;DNLRHFVQDYAVRALIPYIEHLVAILAEGVTNKKGVSKSLLSATKRWFVTSKPGAGANNQNAVIYTNESAELQTRKLGDL
YFMFGHYNLAFQSYHQAKRDFNADSAWQYYAGALEMAALSAFMLGTAQRKTYDYMEDAIVCYLTVCKLQQFATRATLLSM
ECLKTARLYSEVAKQLIRMTNEESDLRSALLLEQAAYCFLVTQPPMHRKYAFHIVLAGNRYSRAGQRKHAYRCYRQAYQV
FQKREW
;
_entity_poly.pdbx_strand_id                 A 
_entity_poly.pdbx_target_identifier         ? 
# 
loop_
_entity_poly_seq.entity_id 
_entity_poly_seq.num 
_entity_poly_seq.mon_id 
_entity_poly_seq.hetero 
1 1   ASP n 
1 2   ASN n 
1 3   LEU n 
1 4   ARG n 
1 5   HIS n 
1 6   PHE n 
1 7   VAL n 
1 8   GLN n 
1 9   ASP n 
1 10  TYR n 
1 11  ALA n 
1 12  VAL n 
1 13  ARG n 
1 14  ALA n 
1 15  LEU n 
1 16  ILE n 
1 17  PRO n 
1 18  TYR n 
1 19  ILE n 
1 20  GLU n 
1 21  HIS n 
1 22  LEU n 
1 23  VAL n 
1 24  ALA n 
1 25  ILE n 
1 26  LEU n 
1 27  ALA n 
1 28  GLU n 
1 29  GLY n 
1 30  VAL n 
1 31  THR n 
1 32  ASN n 
1 33  LYS n 
1 34  LYS n 
1 35  GLY n 
1 36  VAL n 
1 37  SER n 
1 38  LYS n 
1 39  SER n 
1 40  LEU n 
1 41  LEU n 
1 42  SER n 
1 43  ALA n 
1 44  THR n 
1 45  LYS n 
1 46  ARG n 
1 47  TRP n 
1 48  PHE n 
1 49  VAL n 
1 50  THR n 
1 51  SER n 
1 52  LYS n 
1 53  PRO n 
1 54  GLY n 
1 55  ALA n 
1 56  GLY n 
1 57  ALA n 
1 58  ASN n 
1 59  ASN n 
1 60  GLN n 
1 61  ASN n 
1 62  ALA n 
1 63  VAL n 
1 64  ILE n 
1 65  TYR n 
1 66  THR n 
1 67  ASN n 
1 68  GLU n 
1 69  SER n 
1 70  ALA n 
1 71  GLU n 
1 72  LEU n 
1 73  GLN n 
1 74  THR n 
1 75  ARG n 
1 76  LYS n 
1 77  LEU n 
1 78  GLY n 
1 79  ASP n 
1 80  LEU n 
1 81  TYR n 
1 82  PHE n 
1 83  MET n 
1 84  PHE n 
1 85  GLY n 
1 86  HIS n 
1 87  TYR n 
1 88  ASN n 
1 89  LEU n 
1 90  ALA n 
1 91  PHE n 
1 92  GLN n 
1 93  SER n 
1 94  TYR n 
1 95  HIS n 
1 96  GLN n 
1 97  ALA n 
1 98  LYS n 
1 99  ARG n 
1 100 ASP n 
1 101 PHE n 
1 102 ASN n 
1 103 ALA n 
1 104 ASP n 
1 105 SER n 
1 106 ALA n 
1 107 TRP n 
1 108 GLN n 
1 109 TYR n 
1 110 TYR n 
1 111 ALA n 
1 112 GLY n 
1 113 ALA n 
1 114 LEU n 
1 115 GLU n 
1 116 MET n 
1 117 ALA n 
1 118 ALA n 
1 119 LEU n 
1 120 SER n 
1 121 ALA n 
1 122 PHE n 
1 123 MET n 
1 124 LEU n 
1 125 GLY n 
1 126 THR n 
1 127 ALA n 
1 128 GLN n 
1 129 ARG n 
1 130 LYS n 
1 131 THR n 
1 132 TYR n 
1 133 ASP n 
1 134 TYR n 
1 135 MET n 
1 136 GLU n 
1 137 ASP n 
1 138 ALA n 
1 139 ILE n 
1 140 VAL n 
1 141 CYS n 
1 142 TYR n 
1 143 LEU n 
1 144 THR n 
1 145 VAL n 
1 146 CYS n 
1 147 LYS n 
1 148 LEU n 
1 149 GLN n 
1 150 GLN n 
1 151 PHE n 
1 152 ALA n 
1 153 THR n 
1 154 ARG n 
1 155 ALA n 
1 156 THR n 
1 157 LEU n 
1 158 LEU n 
1 159 SER n 
1 160 MET n 
1 161 GLU n 
1 162 CYS n 
1 163 LEU n 
1 164 LYS n 
1 165 THR n 
1 166 ALA n 
1 167 ARG n 
1 168 LEU n 
1 169 TYR n 
1 170 SER n 
1 171 GLU n 
1 172 VAL n 
1 173 ALA n 
1 174 LYS n 
1 175 GLN n 
1 176 LEU n 
1 177 ILE n 
1 178 ARG n 
1 179 MET n 
1 180 THR n 
1 181 ASN n 
1 182 GLU n 
1 183 GLU n 
1 184 SER n 
1 185 ASP n 
1 186 LEU n 
1 187 ARG n 
1 188 SER n 
1 189 ALA n 
1 190 LEU n 
1 191 LEU n 
1 192 LEU n 
1 193 GLU n 
1 194 GLN n 
1 195 ALA n 
1 196 ALA n 
1 197 TYR n 
1 198 CYS n 
1 199 PHE n 
1 200 LEU n 
1 201 VAL n 
1 202 THR n 
1 203 GLN n 
1 204 PRO n 
1 205 PRO n 
1 206 MET n 
1 207 HIS n 
1 208 ARG n 
1 209 LYS n 
1 210 TYR n 
1 211 ALA n 
1 212 PHE n 
1 213 HIS n 
1 214 ILE n 
1 215 VAL n 
1 216 LEU n 
1 217 ALA n 
1 218 GLY n 
1 219 ASN n 
1 220 ARG n 
1 221 TYR n 
1 222 SER n 
1 223 ARG n 
1 224 ALA n 
1 225 GLY n 
1 226 GLN n 
1 227 ARG n 
1 228 LYS n 
1 229 HIS n 
1 230 ALA n 
1 231 TYR n 
1 232 ARG n 
1 233 CYS n 
1 234 TYR n 
1 235 ARG n 
1 236 GLN n 
1 237 ALA n 
1 238 TYR n 
1 239 GLN n 
1 240 VAL n 
1 241 PHE n 
1 242 GLN n 
1 243 LYS n 
1 244 ARG n 
1 245 GLU n 
1 246 TRP n 
# 
_entity_src_gen.entity_id                          1 
_entity_src_gen.pdbx_src_id                        1 
_entity_src_gen.pdbx_alt_source_flag               sample 
_entity_src_gen.pdbx_seq_type                      'Biological sequence' 
_entity_src_gen.pdbx_beg_seq_num                   1 
_entity_src_gen.pdbx_end_seq_num                   246 
_entity_src_gen.gene_src_common_name               'Fruit fly' 
_entity_src_gen.gene_src_genus                     ? 
_entity_src_gen.pdbx_gene_src_gene                 'l(3)76BDm, Dmel\CG8793, l(3)76BDm-RA, l(3)L3809, TRAPPC8, CG8793, Dmel_CG8793' 
_entity_src_gen.gene_src_species                   ? 
_entity_src_gen.gene_src_strain                    ? 
_entity_src_gen.gene_src_tissue                    ? 
_entity_src_gen.gene_src_tissue_fraction           ? 
_entity_src_gen.gene_src_details                   ? 
_entity_src_gen.pdbx_gene_src_fragment             ? 
_entity_src_gen.pdbx_gene_src_scientific_name      'Drosophila melanogaster' 
_entity_src_gen.pdbx_gene_src_ncbi_taxonomy_id     7227 
_entity_src_gen.pdbx_gene_src_variant              ? 
_entity_src_gen.pdbx_gene_src_cell_line            ? 
_entity_src_gen.pdbx_gene_src_atcc                 ? 
_entity_src_gen.pdbx_gene_src_organ                ? 
_entity_src_gen.pdbx_gene_src_organelle            ? 
_entity_src_gen.pdbx_gene_src_cell                 ? 
_entity_src_gen.pdbx_gene_src_cellular_location    ? 
_entity_src_gen.host_org_common_name               ? 
_entity_src_gen.pdbx_host_org_scientific_name      'Spodoptera aff. frugiperda 1 BOLD-2017' 
_entity_src_gen.pdbx_host_org_ncbi_taxonomy_id     2449148 
_entity_src_gen.host_org_genus                     ? 
_entity_src_gen.pdbx_host_org_gene                 ? 
_entity_src_gen.pdbx_host_org_organ                ? 
_entity_src_gen.host_org_species                   ? 
_entity_src_gen.pdbx_host_org_tissue               ? 
_entity_src_gen.pdbx_host_org_tissue_fraction      ? 
_entity_src_gen.pdbx_host_org_strain               ? 
_entity_src_gen.pdbx_host_org_variant              ? 
_entity_src_gen.pdbx_host_org_cell_line            ? 
_entity_src_gen.pdbx_host_org_atcc                 ? 
_entity_src_gen.pdbx_host_org_culture_collection   ? 
_entity_src_gen.pdbx_host_org_cell                 ? 
_entity_src_gen.pdbx_host_org_organelle            ? 
_entity_src_gen.pdbx_host_org_cellular_location    ? 
_entity_src_gen.pdbx_host_org_vector_type          ? 
_entity_src_gen.pdbx_host_org_vector               ? 
_entity_src_gen.host_org_details                   ? 
_entity_src_gen.expression_system_id               ? 
_entity_src_gen.plasmid_name                       ? 
_entity_src_gen.plasmid_details                    ? 
_entity_src_gen.pdbx_description                   ? 
# 
loop_
_chem_comp.id 
_chem_comp.type 
_chem_comp.mon_nstd_flag 
_chem_comp.name 
_chem_comp.pdbx_synonyms 
_chem_comp.formula 
_chem_comp.formula_weight 
ALA 'L-peptide linking' y ALANINE         ? 'C3 H7 N O2'     89.093  
ARG 'L-peptide linking' y ARGININE        ? 'C6 H15 N4 O2 1' 175.209 
ASN 'L-peptide linking' y ASPARAGINE      ? 'C4 H8 N2 O3'    132.118 
ASP 'L-peptide linking' y 'ASPARTIC ACID' ? 'C4 H7 N O4'     133.103 
CYS 'L-peptide linking' y CYSTEINE        ? 'C3 H7 N O2 S'   121.158 
GLN 'L-peptide linking' y GLUTAMINE       ? 'C5 H10 N2 O3'   146.144 
GLU 'L-peptide linking' y 'GLUTAMIC ACID' ? 'C5 H9 N O4'     147.129 
GLY 'peptide linking'   y GLYCINE         ? 'C2 H5 N O2'     75.067  
HIS 'L-peptide linking' y HISTIDINE       ? 'C6 H10 N3 O2 1' 156.162 
ILE 'L-peptide linking' y ISOLEUCINE      ? 'C6 H13 N O2'    131.173 
LEU 'L-peptide linking' y LEUCINE         ? 'C6 H13 N O2'    131.173 
LYS 'L-peptide linking' y LYSINE          ? 'C6 H15 N2 O2 1' 147.195 
MET 'L-peptide linking' y METHIONINE      ? 'C5 H11 N O2 S'  149.211 
PHE 'L-peptide linking' y PHENYLALANINE   ? 'C9 H11 N O2'    165.189 
PRO 'L-peptide linking' y PROLINE         ? 'C5 H9 N O2'     115.130 
SER 'L-peptide linking' y SERINE          ? 'C3 H7 N O3'     105.093 
THR 'L-peptide linking' y THREONINE       ? 'C4 H9 N O3'     119.119 
TRP 'L-peptide linking' y TRYPTOPHAN      ? 'C11 H12 N2 O2'  204.225 
TYR 'L-peptide linking' y TYROSINE        ? 'C9 H11 N O3'    181.189 
VAL 'L-peptide linking' y VALINE          ? 'C5 H11 N O2'    117.146 
# 
loop_
_pdbx_poly_seq_scheme.asym_id 
_pdbx_poly_seq_scheme.entity_id 
_pdbx_poly_seq_scheme.seq_id 
_pdbx_poly_seq_scheme.mon_id 
_pdbx_poly_seq_scheme.ndb_seq_num 
_pdbx_poly_seq_scheme.pdb_seq_num 
_pdbx_poly_seq_scheme.auth_seq_num 
_pdbx_poly_seq_scheme.pdb_mon_id 
_pdbx_poly_seq_scheme.auth_mon_id 
_pdbx_poly_seq_scheme.pdb_strand_id 
_pdbx_poly_seq_scheme.pdb_ins_code 
_pdbx_poly_seq_scheme.hetero 
A 1 1   ASP 1   355 355 ASP ASP A . n 
A 1 2   ASN 2   356 356 ASN ASN A . n 
A 1 3   LEU 3   357 357 LEU LEU A . n 
A 1 4   ARG 4   358 358 ARG ARG A . n 
A 1 5   HIS 5   359 359 HIS HIS A . n 
A 1 6   PHE 6   360 360 PHE PHE A . n 
A 1 7   VAL 7   361 361 VAL VAL A . n 
A 1 8   GLN 8   362 362 GLN GLN A . n 
A 1 9   ASP 9   363 363 ASP ASP A . n 
A 1 10  TYR 10  364 364 TYR TYR A . n 
A 1 11  ALA 11  365 365 ALA ALA A . n 
A 1 12  VAL 12  366 366 VAL VAL A . n 
A 1 13  ARG 13  367 367 ARG ARG A . n 
A 1 14  ALA 14  368 368 ALA ALA A . n 
A 1 15  LEU 15  369 369 LEU LEU A . n 
A 1 16  ILE 16  370 370 ILE ILE A . n 
A 1 17  PRO 17  371 371 PRO PRO A . n 
A 1 18  TYR 18  372 372 TYR TYR A . n 
A 1 19  ILE 19  373 373 ILE ILE A . n 
A 1 20  GLU 20  374 374 GLU GLU A . n 
A 1 21  HIS 21  375 375 HIS HIS A . n 
A 1 22  LEU 22  376 376 LEU LEU A . n 
A 1 23  VAL 23  377 377 VAL VAL A . n 
A 1 24  ALA 24  378 378 ALA ALA A . n 
A 1 25  ILE 25  379 379 ILE ILE A . n 
A 1 26  LEU 26  380 380 LEU LEU A . n 
A 1 27  ALA 27  381 381 ALA ALA A . n 
A 1 28  GLU 28  382 382 GLU GLU A . n 
A 1 29  GLY 29  383 383 GLY GLY A . n 
A 1 30  VAL 30  384 384 VAL VAL A . n 
A 1 31  THR 31  385 385 THR THR A . n 
A 1 32  ASN 32  386 ?   ?   ?   A . n 
A 1 33  LYS 33  387 ?   ?   ?   A . n 
A 1 34  LYS 34  388 ?   ?   ?   A . n 
A 1 35  GLY 35  389 ?   ?   ?   A . n 
A 1 36  VAL 36  390 ?   ?   ?   A . n 
A 1 37  SER 37  391 ?   ?   ?   A . n 
A 1 38  LYS 38  392 ?   ?   ?   A . n 
A 1 39  SER 39  393 ?   ?   ?   A . n 
A 1 40  LEU 40  394 ?   ?   ?   A . n 
A 1 41  LEU 41  395 ?   ?   ?   A . n 
A 1 42  SER 42  396 ?   ?   ?   A . n 
A 1 43  ALA 43  397 ?   ?   ?   A . n 
A 1 44  THR 44  398 ?   ?   ?   A . n 
A 1 45  LYS 45  399 ?   ?   ?   A . n 
A 1 46  ARG 46  400 ?   ?   ?   A . n 
A 1 47  TRP 47  401 ?   ?   ?   A . n 
A 1 48  PHE 48  402 ?   ?   ?   A . n 
A 1 49  VAL 49  403 ?   ?   ?   A . n 
A 1 50  THR 50  404 ?   ?   ?   A . n 
A 1 51  SER 51  405 ?   ?   ?   A . n 
A 1 52  LYS 52  406 ?   ?   ?   A . n 
A 1 53  PRO 53  407 ?   ?   ?   A . n 
A 1 54  GLY 54  408 ?   ?   ?   A . n 
A 1 55  ALA 55  409 ?   ?   ?   A . n 
A 1 56  GLY 56  410 ?   ?   ?   A . n 
A 1 57  ALA 57  411 ?   ?   ?   A . n 
A 1 58  ASN 58  412 ?   ?   ?   A . n 
A 1 59  ASN 59  413 ?   ?   ?   A . n 
A 1 60  GLN 60  414 ?   ?   ?   A . n 
A 1 61  ASN 61  415 ?   ?   ?   A . n 
A 1 62  ALA 62  416 ?   ?   ?   A . n 
A 1 63  VAL 63  417 ?   ?   ?   A . n 
A 1 64  ILE 64  418 ?   ?   ?   A . n 
A 1 65  TYR 65  419 ?   ?   ?   A . n 
A 1 66  THR 66  420 ?   ?   ?   A . n 
A 1 67  ASN 67  421 ?   ?   ?   A . n 
A 1 68  GLU 68  422 ?   ?   ?   A . n 
A 1 69  SER 69  423 ?   ?   ?   A . n 
A 1 70  ALA 70  424 424 ALA ALA A . n 
A 1 71  GLU 71  425 425 GLU GLU A . n 
A 1 72  LEU 72  426 426 LEU LEU A . n 
A 1 73  GLN 73  427 427 GLN GLN A . n 
A 1 74  THR 74  428 428 THR THR A . n 
A 1 75  ARG 75  429 429 ARG ARG A . n 
A 1 76  LYS 76  430 430 LYS LYS A . n 
A 1 77  LEU 77  431 431 LEU LEU A . n 
A 1 78  GLY 78  432 432 GLY GLY A . n 
A 1 79  ASP 79  433 433 ASP ASP A . n 
A 1 80  LEU 80  434 434 LEU LEU A . n 
A 1 81  TYR 81  435 435 TYR TYR A . n 
A 1 82  PHE 82  436 436 PHE PHE A . n 
A 1 83  MET 83  437 437 MET MET A . n 
A 1 84  PHE 84  438 438 PHE PHE A . n 
A 1 85  GLY 85  439 439 GLY GLY A . n 
A 1 86  HIS 86  440 440 HIS HIS A . n 
A 1 87  TYR 87  441 441 TYR TYR A . n 
A 1 88  ASN 88  442 442 ASN ASN A . n 
A 1 89  LEU 89  443 443 LEU LEU A . n 
A 1 90  ALA 90  444 444 ALA ALA A . n 
A 1 91  PHE 91  445 445 PHE PHE A . n 
A 1 92  GLN 92  446 446 GLN GLN A . n 
A 1 93  SER 93  447 447 SER SER A . n 
A 1 94  TYR 94  448 448 TYR TYR A . n 
A 1 95  HIS 95  449 449 HIS HIS A . n 
A 1 96  GLN 96  450 450 GLN GLN A . n 
A 1 97  ALA 97  451 451 ALA ALA A . n 
A 1 98  LYS 98  452 452 LYS LYS A . n 
A 1 99  ARG 99  453 453 ARG ARG A . n 
A 1 100 ASP 100 454 454 ASP ASP A . n 
A 1 101 PHE 101 455 455 PHE PHE A . n 
A 1 102 ASN 102 456 456 ASN ASN A . n 
A 1 103 ALA 103 457 457 ALA ALA A . n 
A 1 104 ASP 104 458 458 ASP ASP A . n 
A 1 105 SER 105 459 459 SER SER A . n 
A 1 106 ALA 106 460 460 ALA ALA A . n 
A 1 107 TRP 107 461 461 TRP TRP A . n 
A 1 108 GLN 108 462 462 GLN GLN A . n 
A 1 109 TYR 109 463 463 TYR TYR A . n 
A 1 110 TYR 110 464 464 TYR TYR A . n 
A 1 111 ALA 111 465 465 ALA ALA A . n 
A 1 112 GLY 112 466 466 GLY GLY A . n 
A 1 113 ALA 113 467 467 ALA ALA A . n 
A 1 114 LEU 114 468 468 LEU LEU A . n 
A 1 115 GLU 115 469 469 GLU GLU A . n 
A 1 116 MET 116 470 470 MET MET A . n 
A 1 117 ALA 117 471 471 ALA ALA A . n 
A 1 118 ALA 118 472 472 ALA ALA A . n 
A 1 119 LEU 119 473 473 LEU LEU A . n 
A 1 120 SER 120 474 474 SER SER A . n 
A 1 121 ALA 121 475 475 ALA ALA A . n 
A 1 122 PHE 122 476 476 PHE PHE A . n 
A 1 123 MET 123 477 477 MET MET A . n 
A 1 124 LEU 124 478 478 LEU LEU A . n 
A 1 125 GLY 125 479 479 GLY GLY A . n 
A 1 126 THR 126 480 480 THR THR A . n 
A 1 127 ALA 127 481 481 ALA ALA A . n 
A 1 128 GLN 128 482 482 GLN GLN A . n 
A 1 129 ARG 129 483 483 ARG ARG A . n 
A 1 130 LYS 130 484 484 LYS LYS A . n 
A 1 131 THR 131 485 485 THR THR A . n 
A 1 132 TYR 132 486 486 TYR TYR A . n 
A 1 133 ASP 133 487 487 ASP ASP A . n 
A 1 134 TYR 134 488 488 TYR TYR A . n 
A 1 135 MET 135 489 489 MET MET A . n 
A 1 136 GLU 136 490 490 GLU GLU A . n 
A 1 137 ASP 137 491 491 ASP ASP A . n 
A 1 138 ALA 138 492 492 ALA ALA A . n 
A 1 139 ILE 139 493 493 ILE ILE A . n 
A 1 140 VAL 140 494 494 VAL VAL A . n 
A 1 141 CYS 141 495 495 CYS CYS A . n 
A 1 142 TYR 142 496 496 TYR TYR A . n 
A 1 143 LEU 143 497 497 LEU LEU A . n 
A 1 144 THR 144 498 498 THR THR A . n 
A 1 145 VAL 145 499 499 VAL VAL A . n 
A 1 146 CYS 146 500 500 CYS CYS A . n 
A 1 147 LYS 147 501 501 LYS LYS A . n 
A 1 148 LEU 148 502 502 LEU LEU A . n 
A 1 149 GLN 149 503 503 GLN GLN A . n 
A 1 150 GLN 150 504 504 GLN GLN A . n 
A 1 151 PHE 151 505 505 PHE PHE A . n 
A 1 152 ALA 152 506 506 ALA ALA A . n 
A 1 153 THR 153 507 507 THR THR A . n 
A 1 154 ARG 154 508 508 ARG ARG A . n 
A 1 155 ALA 155 509 509 ALA ALA A . n 
A 1 156 THR 156 510 510 THR THR A . n 
A 1 157 LEU 157 511 511 LEU LEU A . n 
A 1 158 LEU 158 512 512 LEU LEU A . n 
A 1 159 SER 159 513 513 SER SER A . n 
A 1 160 MET 160 514 514 MET MET A . n 
A 1 161 GLU 161 515 515 GLU GLU A . n 
A 1 162 CYS 162 516 516 CYS CYS A . n 
A 1 163 LEU 163 517 517 LEU LEU A . n 
A 1 164 LYS 164 518 518 LYS LYS A . n 
A 1 165 THR 165 519 519 THR THR A . n 
A 1 166 ALA 166 520 520 ALA ALA A . n 
A 1 167 ARG 167 521 521 ARG ARG A . n 
A 1 168 LEU 168 522 522 LEU LEU A . n 
A 1 169 TYR 169 523 523 TYR TYR A . n 
A 1 170 SER 170 524 524 SER SER A . n 
A 1 171 GLU 171 525 525 GLU GLU A . n 
A 1 172 VAL 172 526 526 VAL VAL A . n 
A 1 173 ALA 173 527 527 ALA ALA A . n 
A 1 174 LYS 174 528 528 LYS LYS A . n 
A 1 175 GLN 175 529 529 GLN GLN A . n 
A 1 176 LEU 176 530 530 LEU LEU A . n 
A 1 177 ILE 177 531 531 ILE ILE A . n 
A 1 178 ARG 178 532 532 ARG ARG A . n 
A 1 179 MET 179 533 533 MET MET A . n 
A 1 180 THR 180 534 534 THR THR A . n 
A 1 181 ASN 181 535 535 ASN ASN A . n 
A 1 182 GLU 182 536 536 GLU GLU A . n 
A 1 183 GLU 183 537 537 GLU GLU A . n 
A 1 184 SER 184 538 538 SER SER A . n 
A 1 185 ASP 185 539 539 ASP ASP A . n 
A 1 186 LEU 186 540 540 LEU LEU A . n 
A 1 187 ARG 187 541 541 ARG ARG A . n 
A 1 188 SER 188 542 542 SER SER A . n 
A 1 189 ALA 189 543 543 ALA ALA A . n 
A 1 190 LEU 190 544 544 LEU LEU A . n 
A 1 191 LEU 191 545 545 LEU LEU A . n 
A 1 192 LEU 192 546 546 LEU LEU A . n 
A 1 193 GLU 193 547 547 GLU GLU A . n 
A 1 194 GLN 194 548 548 GLN GLN A . n 
A 1 195 ALA 195 549 549 ALA ALA A . n 
A 1 196 ALA 196 550 550 ALA ALA A . n 
A 1 197 TYR 197 551 551 TYR TYR A . n 
A 1 198 CYS 198 552 552 CYS CYS A . n 
A 1 199 PHE 199 553 553 PHE PHE A . n 
A 1 200 LEU 200 554 554 LEU LEU A . n 
A 1 201 VAL 201 555 555 VAL VAL A . n 
A 1 202 THR 202 556 556 THR THR A . n 
A 1 203 GLN 203 557 557 GLN GLN A . n 
A 1 204 PRO 204 558 558 PRO PRO A . n 
A 1 205 PRO 205 559 559 PRO PRO A . n 
A 1 206 MET 206 560 560 MET MET A . n 
A 1 207 HIS 207 561 561 HIS HIS A . n 
A 1 208 ARG 208 562 562 ARG ARG A . n 
A 1 209 LYS 209 563 563 LYS LYS A . n 
A 1 210 TYR 210 564 564 TYR TYR A . n 
A 1 211 ALA 211 565 565 ALA ALA A . n 
A 1 212 PHE 212 566 566 PHE PHE A . n 
A 1 213 HIS 213 567 567 HIS HIS A . n 
A 1 214 ILE 214 568 568 ILE ILE A . n 
A 1 215 VAL 215 569 569 VAL VAL A . n 
A 1 216 LEU 216 570 570 LEU LEU A . n 
A 1 217 ALA 217 571 571 ALA ALA A . n 
A 1 218 GLY 218 572 572 GLY GLY A . n 
A 1 219 ASN 219 573 573 ASN ASN A . n 
A 1 220 ARG 220 574 574 ARG ARG A . n 
A 1 221 TYR 221 575 575 TYR TYR A . n 
A 1 222 SER 222 576 576 SER SER A . n 
A 1 223 ARG 223 577 577 ARG ARG A . n 
A 1 224 ALA 224 578 578 ALA ALA A . n 
A 1 225 GLY 225 579 579 GLY GLY A . n 
A 1 226 GLN 226 580 580 GLN GLN A . n 
A 1 227 ARG 227 581 581 ARG ARG A . n 
A 1 228 LYS 228 582 582 LYS LYS A . n 
A 1 229 HIS 229 583 583 HIS HIS A . n 
A 1 230 ALA 230 584 584 ALA ALA A . n 
A 1 231 TYR 231 585 585 TYR TYR A . n 
A 1 232 ARG 232 586 586 ARG ARG A . n 
A 1 233 CYS 233 587 587 CYS CYS A . n 
A 1 234 TYR 234 588 588 TYR TYR A . n 
A 1 235 ARG 235 589 589 ARG ARG A . n 
A 1 236 GLN 236 590 590 GLN GLN A . n 
A 1 237 ALA 237 591 591 ALA ALA A . n 
A 1 238 TYR 238 592 592 TYR TYR A . n 
A 1 239 GLN 239 593 593 GLN GLN A . n 
A 1 240 VAL 240 594 594 VAL VAL A . n 
A 1 241 PHE 241 595 595 PHE PHE A . n 
A 1 242 GLN 242 596 596 GLN GLN A . n 
A 1 243 LYS 243 597 597 LYS LYS A . n 
A 1 244 ARG 244 598 598 ARG ARG A . n 
A 1 245 GLU 245 599 599 GLU GLU A . n 
A 1 246 TRP 246 600 600 TRP TRP A . n 
# 
_cell.angle_alpha                  90.00 
_cell.angle_alpha_esd              ? 
_cell.angle_beta                   90.00 
_cell.angle_beta_esd               ? 
_cell.angle_gamma                  90.00 
_cell.angle_gamma_esd              ? 
_cell.entry_id                     7B6Y 
_cell.details                      ? 
_cell.formula_units_Z              ? 
_cell.length_a                     1.00 
_cell.length_a_esd                 ? 
_cell.length_b                     1.00 
_cell.length_b_esd                 ? 
_cell.length_c                     1.00 
_cell.length_c_esd                 ? 
_cell.volume                       ? 
_cell.volume_esd                   ? 
_cell.Z_PDB                        ? 
_cell.reciprocal_angle_alpha       ? 
_cell.reciprocal_angle_beta        ? 
_cell.reciprocal_angle_gamma       ? 
_cell.reciprocal_angle_alpha_esd   ? 
_cell.reciprocal_angle_beta_esd    ? 
_cell.reciprocal_angle_gamma_esd   ? 
_cell.reciprocal_length_a          ? 
_cell.reciprocal_length_b          ? 
_cell.reciprocal_length_c          ? 
_cell.reciprocal_length_a_esd      ? 
_cell.reciprocal_length_b_esd      ? 
_cell.reciprocal_length_c_esd      ? 
_cell.pdbx_unique_axis             ? 
# 
_symmetry.entry_id                         7B6Y 
_symmetry.cell_setting                     ? 
_symmetry.Int_Tables_number                1 
_symmetry.space_group_name_Hall            ? 
_symmetry.space_group_name_H-M             'P 1' 
_symmetry.pdbx_full_space_group_name_H-M   ? 
# 
_exptl.absorpt_coefficient_mu     ? 
_exptl.absorpt_correction_T_max   ? 
_exptl.absorpt_correction_T_min   ? 
_exptl.absorpt_correction_type    ? 
_exptl.absorpt_process_details    ? 
_exptl.entry_id                   7B6Y 
_exptl.crystals_number            ? 
_exptl.details                    ? 
_exptl.method                     'ELECTRON MICROSCOPY' 
_exptl.method_details             ? 
# 
_struct.entry_id                     7B6Y 
_struct.title                        'C8(355-600) from the MiniTRAPPIII complex' 
_struct.pdbx_model_details           ? 
_struct.pdbx_formula_weight          ? 
_struct.pdbx_formula_weight_method   ? 
_struct.pdbx_model_type_details      ? 
_struct.pdbx_CASP_flag               N 
# 
_struct_keywords.entry_id        7B6Y 
_struct_keywords.text            'GEFs, Golgi, Rab1, TRAPPIII complex, EXOCYTOSIS' 
_struct_keywords.pdbx_keywords   EXOCYTOSIS 
# 
_struct_asym.id                            A 
_struct_asym.pdbx_blank_PDB_chainid_flag   N 
_struct_asym.pdbx_modified                 N 
_struct_asym.entity_id                     1 
_struct_asym.details                       ? 
# 
_struct_ref.id                         1 
_struct_ref.db_name                    UNP 
_struct_ref.db_code                    Q9VW22_DROME 
_struct_ref.pdbx_db_accession          Q9VW22 
_struct_ref.pdbx_db_isoform            ? 
_struct_ref.entity_id                  1 
_struct_ref.pdbx_seq_one_letter_code   
;DNLRHFVQDYAVRALIPYIEHLVAILAEGVTNKKGVSKSLLSATKRWFVTSKPGAGANNQNAVIYTNESAELQTRKLGDL
YFMFGHYNLAFQSYHQAKRDFNADSAWQYYAGALEMAALSAFMLGTAQRKTYDYMEDAIVCYLTVCKLQQFATRATLLSM
ECLKTARLYSEVAKQLIRMTNEESDLRSALLLEQAAYCFLVTQPPMHRKYAFHIVLAGNRYSRAGQRKHAYRCYRQAYQV
FQKREW
;
_struct_ref.pdbx_align_begin           355 
# 
_struct_ref_seq.align_id                      1 
_struct_ref_seq.ref_id                        1 
_struct_ref_seq.pdbx_PDB_id_code              7B6Y 
_struct_ref_seq.pdbx_strand_id                A 
_struct_ref_seq.seq_align_beg                 1 
_struct_ref_seq.pdbx_seq_align_beg_ins_code   ? 
_struct_ref_seq.seq_align_end                 246 
_struct_ref_seq.pdbx_seq_align_end_ins_code   ? 
_struct_ref_seq.pdbx_db_accession             Q9VW22 
_struct_ref_seq.db_align_beg                  355 
_struct_ref_seq.pdbx_db_align_beg_ins_code    ? 
_struct_ref_seq.db_align_end                  600 
_struct_ref_seq.pdbx_db_align_end_ins_code    ? 
_struct_ref_seq.pdbx_auth_seq_align_beg       355 
_struct_ref_seq.pdbx_auth_seq_align_end       600 
# 
_pdbx_struct_assembly.id                   1 
_pdbx_struct_assembly.details              author_and_software_defined_assembly 
_pdbx_struct_assembly.method_details       PISA 
_pdbx_struct_assembly.oligomeric_details   monomeric 
_pdbx_struct_assembly.oligomeric_count     1 
# 
loop_
_pdbx_struct_assembly_prop.biol_id 
_pdbx_struct_assembly_prop.type 
_pdbx_struct_assembly_prop.value 
_pdbx_struct_assembly_prop.details 
1 'ABSA (A^2)' 0     ? 
1 MORE         0     ? 
1 'SSA (A^2)'  13560 ? 
# 
_pdbx_struct_assembly_gen.assembly_id       1 
_pdbx_struct_assembly_gen.oper_expression   1 
_pdbx_struct_assembly_gen.asym_id_list      A 
# 
loop_
_pdbx_struct_assembly_auth_evidence.id 
_pdbx_struct_assembly_auth_evidence.assembly_id 
_pdbx_struct_assembly_auth_evidence.experimental_support 
_pdbx_struct_assembly_auth_evidence.details 
1 1 cross-linking    ? 
2 1 'gel filtration' ? 
# 
_pdbx_struct_oper_list.id                   1 
_pdbx_struct_oper_list.type                 'identity operation' 
_pdbx_struct_oper_list.name                 1_555 
_pdbx_struct_oper_list.symmetry_operation   ? 
_pdbx_struct_oper_list.matrix[1][1]         1.0000000000 
_pdbx_struct_oper_list.matrix[1][2]         0.0000000000 
_pdbx_struct_oper_list.matrix[1][3]         0.0000000000 
_pdbx_struct_oper_list.vector[1]            0.0000000000 
_pdbx_struct_oper_list.matrix[2][1]         0.0000000000 
_pdbx_struct_oper_list.matrix[2][2]         1.0000000000 
_pdbx_struct_oper_list.matrix[2][3]         0.0000000000 
_pdbx_struct_oper_list.vector[2]            0.0000000000 
_pdbx_struct_oper_list.matrix[3][1]         0.0000000000 
_pdbx_struct_oper_list.matrix[3][2]         0.0000000000 
_pdbx_struct_oper_list.matrix[3][3]         1.0000000000 
_pdbx_struct_oper_list.vector[3]            0.0000000000 
# 
loop_
_struct_conf.conf_type_id 
_struct_conf.id 
_struct_conf.pdbx_PDB_helix_id 
_struct_conf.beg_label_comp_id 
_struct_conf.beg_label_asym_id 
_struct_conf.beg_label_seq_id 
_struct_conf.pdbx_beg_PDB_ins_code 
_struct_conf.end_label_comp_id 
_struct_conf.end_label_asym_id 
_struct_conf.end_label_seq_id 
_struct_conf.pdbx_end_PDB_ins_code 
_struct_conf.beg_auth_comp_id 
_struct_conf.beg_auth_asym_id 
_struct_conf.beg_auth_seq_id 
_struct_conf.end_auth_comp_id 
_struct_conf.end_auth_asym_id 
_struct_conf.end_auth_seq_id 
_struct_conf.pdbx_PDB_helix_class 
_struct_conf.details 
_struct_conf.pdbx_PDB_helix_length 
HELX_P HELX_P1  AA1 ASP A 1   ? THR A 31  ? ASP A 355 THR A 385 1 ? 31 
HELX_P HELX_P2  AA2 GLU A 71  ? GLY A 85  ? GLU A 425 GLY A 439 1 ? 15 
HELX_P HELX_P3  AA3 HIS A 86  ? ASN A 102 ? HIS A 440 ASN A 456 1 ? 17 
HELX_P HELX_P4  AA4 ALA A 106 ? GLY A 125 ? ALA A 460 GLY A 479 1 ? 20 
HELX_P HELX_P5  AA5 GLN A 128 ? CYS A 146 ? GLN A 482 CYS A 500 1 ? 19 
HELX_P HELX_P6  AA6 LEU A 148 ? ALA A 166 ? LEU A 502 ALA A 520 1 ? 19 
HELX_P HELX_P7  AA7 TYR A 169 ? ASN A 181 ? TYR A 523 ASN A 535 1 ? 13 
HELX_P HELX_P8  AA8 ASP A 185 ? LEU A 200 ? ASP A 539 LEU A 554 1 ? 16 
HELX_P HELX_P9  AA9 MET A 206 ? ALA A 224 ? MET A 560 ALA A 578 1 ? 19 
HELX_P HELX_P10 AB1 GLN A 226 ? LYS A 243 ? GLN A 580 LYS A 597 1 ? 18 
# 
_struct_conf_type.id          HELX_P 
_struct_conf_type.criteria    ? 
_struct_conf_type.reference   ? 
# 
loop_
_pdbx_validate_close_contact.id 
_pdbx_validate_close_contact.PDB_model_num 
_pdbx_validate_close_contact.auth_atom_id_1 
_pdbx_validate_close_contact.auth_asym_id_1 
_pdbx_validate_close_contact.auth_comp_id_1 
_pdbx_validate_close_contact.auth_seq_id_1 
_pdbx_validate_close_contact.PDB_ins_code_1 
_pdbx_validate_close_contact.label_alt_id_1 
_pdbx_validate_close_contact.auth_atom_id_2 
_pdbx_validate_close_contact.auth_asym_id_2 
_pdbx_validate_close_contact.auth_comp_id_2 
_pdbx_validate_close_contact.auth_seq_id_2 
_pdbx_validate_close_contact.PDB_ins_code_2 
_pdbx_validate_close_contact.label_alt_id_2 
_pdbx_validate_close_contact.dist 
1 1 O   A LEU 530 ? ? OG1 A THR 534 ? ? 1.99 
2 1 NH2 A ARG 521 ? ? OG1 A THR 556 ? ? 2.18 
3 1 O   A PHE 445 ? ? ND1 A HIS 449 ? ? 2.18 
4 1 O   A TYR 488 ? ? N   A ALA 492 ? ? 2.19 
5 1 O   A THR 510 ? ? OG  A SER 513 ? ? 2.19 
# 
loop_
_pdbx_validate_torsion.id 
_pdbx_validate_torsion.PDB_model_num 
_pdbx_validate_torsion.auth_comp_id 
_pdbx_validate_torsion.auth_asym_id 
_pdbx_validate_torsion.auth_seq_id 
_pdbx_validate_torsion.PDB_ins_code 
_pdbx_validate_torsion.label_alt_id 
_pdbx_validate_torsion.phi 
_pdbx_validate_torsion.psi 
1 1 LYS A 501 ? ? -90.76 56.60 
2 1 GLU A 537 ? ? 73.17  -9.57 
3 1 HIS A 561 ? ? -56.03 -4.49 
# 
loop_
_pdbx_validate_peptide_omega.id 
_pdbx_validate_peptide_omega.PDB_model_num 
_pdbx_validate_peptide_omega.auth_comp_id_1 
_pdbx_validate_peptide_omega.auth_asym_id_1 
_pdbx_validate_peptide_omega.auth_seq_id_1 
_pdbx_validate_peptide_omega.PDB_ins_code_1 
_pdbx_validate_peptide_omega.label_alt_id_1 
_pdbx_validate_peptide_omega.auth_comp_id_2 
_pdbx_validate_peptide_omega.auth_asym_id_2 
_pdbx_validate_peptide_omega.auth_seq_id_2 
_pdbx_validate_peptide_omega.PDB_ins_code_2 
_pdbx_validate_peptide_omega.label_alt_id_2 
_pdbx_validate_peptide_omega.omega 
1 1 TYR A 435 ? ? PHE A 436 ? ? 149.33  
2 1 PRO A 558 ? ? PRO A 559 ? ? -140.44 
# 
_em_3d_fitting.entry_id          7B6Y 
_em_3d_fitting.id                1 
_em_3d_fitting.details           ? 
_em_3d_fitting.overall_b_value   ? 
_em_3d_fitting.ref_protocol      'BACKBONE TRACE' 
_em_3d_fitting.ref_space         REAL 
_em_3d_fitting.target_criteria   ? 
_em_3d_fitting.method            ? 
# 
_em_3d_reconstruction.entry_id                    7B6Y 
_em_3d_reconstruction.id                          1 
_em_3d_reconstruction.algorithm                   ? 
_em_3d_reconstruction.details                     ? 
_em_3d_reconstruction.refinement_type             ? 
_em_3d_reconstruction.image_processing_id         1 
_em_3d_reconstruction.num_class_averages          ? 
_em_3d_reconstruction.num_particles               486758 
_em_3d_reconstruction.resolution                  5.7 
_em_3d_reconstruction.resolution_method           'FSC 0.143 CUT-OFF' 
_em_3d_reconstruction.symmetry_type               POINT 
_em_3d_reconstruction.method                      ? 
_em_3d_reconstruction.nominal_pixel_size          ? 
_em_3d_reconstruction.actual_pixel_size           ? 
_em_3d_reconstruction.magnification_calibration   ? 
# 
_em_buffer.id            1 
_em_buffer.details       ? 
_em_buffer.pH            7.4 
_em_buffer.specimen_id   1 
_em_buffer.name          ? 
# 
_em_entity_assembly.id                   1 
_em_entity_assembly.parent_id            0 
_em_entity_assembly.details              ? 
_em_entity_assembly.name                 'TRAPP C8 complex from the Mini TRAPPIII complex.' 
_em_entity_assembly.source               RECOMBINANT 
_em_entity_assembly.type                 COMPLEX 
_em_entity_assembly.entity_id_list       1 
_em_entity_assembly.synonym              ? 
_em_entity_assembly.oligomeric_details   ? 
# 
_em_image_scans.entry_id                7B6Y 
_em_image_scans.id                      1 
_em_image_scans.dimension_height        ? 
_em_image_scans.dimension_width         ? 
_em_image_scans.frames_per_image        40 
_em_image_scans.image_recording_id      1 
_em_image_scans.sampling_size           ? 
_em_image_scans.scanner_model           ? 
_em_image_scans.used_frames_per_image   ? 
_em_image_scans.citation_id             ? 
_em_image_scans.number_digital_images   ? 
_em_image_scans.od_range                ? 
_em_image_scans.quant_bit_size          ? 
_em_image_scans.details                 ? 
# 
_em_imaging.id                              1 
_em_imaging.entry_id                        7B6Y 
_em_imaging.accelerating_voltage            300 
_em_imaging.alignment_procedure             'COMA FREE' 
_em_imaging.c2_aperture_diameter            100 
_em_imaging.calibrated_defocus_max          ? 
_em_imaging.calibrated_defocus_min          ? 
_em_imaging.calibrated_magnification        ? 
_em_imaging.cryogen                         NITROGEN 
_em_imaging.details                         ? 
_em_imaging.electron_source                 'FIELD EMISSION GUN' 
_em_imaging.illumination_mode               'FLOOD BEAM' 
_em_imaging.microscope_model                'FEI TITAN KRIOS' 
_em_imaging.mode                            'BRIGHT FIELD' 
_em_imaging.nominal_cs                      2.7 
_em_imaging.nominal_defocus_max             2.5 
_em_imaging.nominal_defocus_min             1.5 
_em_imaging.nominal_magnification           105000 
_em_imaging.recording_temperature_maximum   ? 
_em_imaging.recording_temperature_minimum   ? 
_em_imaging.residual_tilt                   ? 
_em_imaging.specimen_holder_model           'FEI TITAN KRIOS AUTOGRID HOLDER' 
_em_imaging.specimen_id                     1 
_em_imaging.citation_id                     ? 
_em_imaging.date                            ? 
_em_imaging.temperature                     ? 
_em_imaging.tilt_angle_min                  ? 
_em_imaging.tilt_angle_max                  ? 
_em_imaging.astigmatism                     ? 
_em_imaging.detector_distance               ? 
_em_imaging.electron_beam_tilt_params       ? 
_em_imaging.specimen_holder_type            ? 
# 
_em_sample_support.id               1 
_em_sample_support.specimen_id      1 
_em_sample_support.details          ? 
_em_sample_support.grid_material    COPPER 
_em_sample_support.grid_mesh_size   400 
_em_sample_support.grid_type        Quantifoil 
_em_sample_support.method           ? 
_em_sample_support.film_material    ? 
# 
_em_vitrification.id                    1 
_em_vitrification.specimen_id           1 
_em_vitrification.chamber_temperature   285.15 
_em_vitrification.cryogen_name          ETHANE 
_em_vitrification.details               ? 
_em_vitrification.humidity              100 
_em_vitrification.instrument            'FEI VITROBOT MARK III' 
_em_vitrification.entry_id              7B6Y 
_em_vitrification.citation_id           ? 
_em_vitrification.method                ? 
_em_vitrification.temp                  ? 
_em_vitrification.time_resolved_state   ? 
# 
_em_experiment.entry_id                7B6Y 
_em_experiment.id                      1 
_em_experiment.aggregation_state       PARTICLE 
_em_experiment.reconstruction_method   'SINGLE PARTICLE' 
_em_experiment.entity_assembly_id      1 
# 
_em_single_particle_entity.entry_id              7B6Y 
_em_single_particle_entity.id                    1 
_em_single_particle_entity.image_processing_id   1 
_em_single_particle_entity.point_symmetry        C1 
# 
loop_
_pdbx_unobs_or_zero_occ_residues.id 
_pdbx_unobs_or_zero_occ_residues.PDB_model_num 
_pdbx_unobs_or_zero_occ_residues.polymer_flag 
_pdbx_unobs_or_zero_occ_residues.occupancy_flag 
_pdbx_unobs_or_zero_occ_residues.auth_asym_id 
_pdbx_unobs_or_zero_occ_residues.auth_comp_id 
_pdbx_unobs_or_zero_occ_residues.auth_seq_id 
_pdbx_unobs_or_zero_occ_residues.PDB_ins_code 
_pdbx_unobs_or_zero_occ_residues.label_asym_id 
_pdbx_unobs_or_zero_occ_residues.label_comp_id 
_pdbx_unobs_or_zero_occ_residues.label_seq_id 
1  1 Y 1 A ASN 386 ? A ASN 32 
2  1 Y 1 A LYS 387 ? A LYS 33 
3  1 Y 1 A LYS 388 ? A LYS 34 
4  1 Y 1 A GLY 389 ? A GLY 35 
5  1 Y 1 A VAL 390 ? A VAL 36 
6  1 Y 1 A SER 391 ? A SER 37 
7  1 Y 1 A LYS 392 ? A LYS 38 
8  1 Y 1 A SER 393 ? A SER 39 
9  1 Y 1 A LEU 394 ? A LEU 40 
10 1 Y 1 A LEU 395 ? A LEU 41 
11 1 Y 1 A SER 396 ? A SER 42 
12 1 Y 1 A ALA 397 ? A ALA 43 
13 1 Y 1 A THR 398 ? A THR 44 
14 1 Y 1 A LYS 399 ? A LYS 45 
15 1 Y 1 A ARG 400 ? A ARG 46 
16 1 Y 1 A TRP 401 ? A TRP 47 
17 1 Y 1 A PHE 402 ? A PHE 48 
18 1 Y 1 A VAL 403 ? A VAL 49 
19 1 Y 1 A THR 404 ? A THR 50 
20 1 Y 1 A SER 405 ? A SER 51 
21 1 Y 1 A LYS 406 ? A LYS 52 
22 1 Y 1 A PRO 407 ? A PRO 53 
23 1 Y 1 A GLY 408 ? A GLY 54 
24 1 Y 1 A ALA 409 ? A ALA 55 
25 1 Y 1 A GLY 410 ? A GLY 56 
26 1 Y 1 A ALA 411 ? A ALA 57 
27 1 Y 1 A ASN 412 ? A ASN 58 
28 1 Y 1 A ASN 413 ? A ASN 59 
29 1 Y 1 A GLN 414 ? A GLN 60 
30 1 Y 1 A ASN 415 ? A ASN 61 
31 1 Y 1 A ALA 416 ? A ALA 62 
32 1 Y 1 A VAL 417 ? A VAL 63 
33 1 Y 1 A ILE 418 ? A ILE 64 
34 1 Y 1 A TYR 419 ? A TYR 65 
35 1 Y 1 A THR 420 ? A THR 66 
36 1 Y 1 A ASN 421 ? A ASN 67 
37 1 Y 1 A GLU 422 ? A GLU 68 
38 1 Y 1 A SER 423 ? A SER 69 
# 
loop_
_chem_comp_atom.comp_id 
_chem_comp_atom.atom_id 
_chem_comp_atom.type_symbol 
_chem_comp_atom.pdbx_aromatic_flag 
_chem_comp_atom.pdbx_stereo_config 
_chem_comp_atom.pdbx_ordinal 
ALA N    N N N 1   
ALA CA   C N S 2   
ALA C    C N N 3   
ALA O    O N N 4   
ALA CB   C N N 5   
ALA OXT  O N N 6   
ALA H    H N N 7   
ALA H2   H N N 8   
ALA HA   H N N 9   
ALA HB1  H N N 10  
ALA HB2  H N N 11  
ALA HB3  H N N 12  
ALA HXT  H N N 13  
ARG N    N N N 14  
ARG CA   C N S 15  
ARG C    C N N 16  
ARG O    O N N 17  
ARG CB   C N N 18  
ARG CG   C N N 19  
ARG CD   C N N 20  
ARG NE   N N N 21  
ARG CZ   C N N 22  
ARG NH1  N N N 23  
ARG NH2  N N N 24  
ARG OXT  O N N 25  
ARG H    H N N 26  
ARG H2   H N N 27  
ARG HA   H N N 28  
ARG HB2  H N N 29  
ARG HB3  H N N 30  
ARG HG2  H N N 31  
ARG HG3  H N N 32  
ARG HD2  H N N 33  
ARG HD3  H N N 34  
ARG HE   H N N 35  
ARG HH11 H N N 36  
ARG HH12 H N N 37  
ARG HH21 H N N 38  
ARG HH22 H N N 39  
ARG HXT  H N N 40  
ASN N    N N N 41  
ASN CA   C N S 42  
ASN C    C N N 43  
ASN O    O N N 44  
ASN CB   C N N 45  
ASN CG   C N N 46  
ASN OD1  O N N 47  
ASN ND2  N N N 48  
ASN OXT  O N N 49  
ASN H    H N N 50  
ASN H2   H N N 51  
ASN HA   H N N 52  
ASN HB2  H N N 53  
ASN HB3  H N N 54  
ASN HD21 H N N 55  
ASN HD22 H N N 56  
ASN HXT  H N N 57  
ASP N    N N N 58  
ASP CA   C N S 59  
ASP C    C N N 60  
ASP O    O N N 61  
ASP CB   C N N 62  
ASP CG   C N N 63  
ASP OD1  O N N 64  
ASP OD2  O N N 65  
ASP OXT  O N N 66  
ASP H    H N N 67  
ASP H2   H N N 68  
ASP HA   H N N 69  
ASP HB2  H N N 70  
ASP HB3  H N N 71  
ASP HD2  H N N 72  
ASP HXT  H N N 73  
CYS N    N N N 74  
CYS CA   C N R 75  
CYS C    C N N 76  
CYS O    O N N 77  
CYS CB   C N N 78  
CYS SG   S N N 79  
CYS OXT  O N N 80  
CYS H    H N N 81  
CYS H2   H N N 82  
CYS HA   H N N 83  
CYS HB2  H N N 84  
CYS HB3  H N N 85  
CYS HG   H N N 86  
CYS HXT  H N N 87  
GLN N    N N N 88  
GLN CA   C N S 89  
GLN C    C N N 90  
GLN O    O N N 91  
GLN CB   C N N 92  
GLN CG   C N N 93  
GLN CD   C N N 94  
GLN OE1  O N N 95  
GLN NE2  N N N 96  
GLN OXT  O N N 97  
GLN H    H N N 98  
GLN H2   H N N 99  
GLN HA   H N N 100 
GLN HB2  H N N 101 
GLN HB3  H N N 102 
GLN HG2  H N N 103 
GLN HG3  H N N 104 
GLN HE21 H N N 105 
GLN HE22 H N N 106 
GLN HXT  H N N 107 
GLU N    N N N 108 
GLU CA   C N S 109 
GLU C    C N N 110 
GLU O    O N N 111 
GLU CB   C N N 112 
GLU CG   C N N 113 
GLU CD   C N N 114 
GLU OE1  O N N 115 
GLU OE2  O N N 116 
GLU OXT  O N N 117 
GLU H    H N N 118 
GLU H2   H N N 119 
GLU HA   H N N 120 
GLU HB2  H N N 121 
GLU HB3  H N N 122 
GLU HG2  H N N 123 
GLU HG3  H N N 124 
GLU HE2  H N N 125 
GLU HXT  H N N 126 
GLY N    N N N 127 
GLY CA   C N N 128 
GLY C    C N N 129 
GLY O    O N N 130 
GLY OXT  O N N 131 
GLY H    H N N 132 
GLY H2   H N N 133 
GLY HA2  H N N 134 
GLY HA3  H N N 135 
GLY HXT  H N N 136 
HIS N    N N N 137 
HIS CA   C N S 138 
HIS C    C N N 139 
HIS O    O N N 140 
HIS CB   C N N 141 
HIS CG   C Y N 142 
HIS ND1  N Y N 143 
HIS CD2  C Y N 144 
HIS CE1  C Y N 145 
HIS NE2  N Y N 146 
HIS OXT  O N N 147 
HIS H    H N N 148 
HIS H2   H N N 149 
HIS HA   H N N 150 
HIS HB2  H N N 151 
HIS HB3  H N N 152 
HIS HD1  H N N 153 
HIS HD2  H N N 154 
HIS HE1  H N N 155 
HIS HE2  H N N 156 
HIS HXT  H N N 157 
ILE N    N N N 158 
ILE CA   C N S 159 
ILE C    C N N 160 
ILE O    O N N 161 
ILE CB   C N S 162 
ILE CG1  C N N 163 
ILE CG2  C N N 164 
ILE CD1  C N N 165 
ILE OXT  O N N 166 
ILE H    H N N 167 
ILE H2   H N N 168 
ILE HA   H N N 169 
ILE HB   H N N 170 
ILE HG12 H N N 171 
ILE HG13 H N N 172 
ILE HG21 H N N 173 
ILE HG22 H N N 174 
ILE HG23 H N N 175 
ILE HD11 H N N 176 
ILE HD12 H N N 177 
ILE HD13 H N N 178 
ILE HXT  H N N 179 
LEU N    N N N 180 
LEU CA   C N S 181 
LEU C    C N N 182 
LEU O    O N N 183 
LEU CB   C N N 184 
LEU CG   C N N 185 
LEU CD1  C N N 186 
LEU CD2  C N N 187 
LEU OXT  O N N 188 
LEU H    H N N 189 
LEU H2   H N N 190 
LEU HA   H N N 191 
LEU HB2  H N N 192 
LEU HB3  H N N 193 
LEU HG   H N N 194 
LEU HD11 H N N 195 
LEU HD12 H N N 196 
LEU HD13 H N N 197 
LEU HD21 H N N 198 
LEU HD22 H N N 199 
LEU HD23 H N N 200 
LEU HXT  H N N 201 
LYS N    N N N 202 
LYS CA   C N S 203 
LYS C    C N N 204 
LYS O    O N N 205 
LYS CB   C N N 206 
LYS CG   C N N 207 
LYS CD   C N N 208 
LYS CE   C N N 209 
LYS NZ   N N N 210 
LYS OXT  O N N 211 
LYS H    H N N 212 
LYS H2   H N N 213 
LYS HA   H N N 214 
LYS HB2  H N N 215 
LYS HB3  H N N 216 
LYS HG2  H N N 217 
LYS HG3  H N N 218 
LYS HD2  H N N 219 
LYS HD3  H N N 220 
LYS HE2  H N N 221 
LYS HE3  H N N 222 
LYS HZ1  H N N 223 
LYS HZ2  H N N 224 
LYS HZ3  H N N 225 
LYS HXT  H N N 226 
MET N    N N N 227 
MET CA   C N S 228 
MET C    C N N 229 
MET O    O N N 230 
MET CB   C N N 231 
MET CG   C N N 232 
MET SD   S N N 233 
MET CE   C N N 234 
MET OXT  O N N 235 
MET H    H N N 236 
MET H2   H N N 237 
MET HA   H N N 238 
MET HB2  H N N 239 
MET HB3  H N N 240 
MET HG2  H N N 241 
MET HG3  H N N 242 
MET HE1  H N N 243 
MET HE2  H N N 244 
MET HE3  H N N 245 
MET HXT  H N N 246 
PHE N    N N N 247 
PHE CA   C N S 248 
PHE C    C N N 249 
PHE O    O N N 250 
PHE CB   C N N 251 
PHE CG   C Y N 252 
PHE CD1  C Y N 253 
PHE CD2  C Y N 254 
PHE CE1  C Y N 255 
PHE CE2  C Y N 256 
PHE CZ   C Y N 257 
PHE OXT  O N N 258 
PHE H    H N N 259 
PHE H2   H N N 260 
PHE HA   H N N 261 
PHE HB2  H N N 262 
PHE HB3  H N N 263 
PHE HD1  H N N 264 
PHE HD2  H N N 265 
PHE HE1  H N N 266 
PHE HE2  H N N 267 
PHE HZ   H N N 268 
PHE HXT  H N N 269 
PRO N    N N N 270 
PRO CA   C N S 271 
PRO C    C N N 272 
PRO O    O N N 273 
PRO CB   C N N 274 
PRO CG   C N N 275 
PRO CD   C N N 276 
PRO OXT  O N N 277 
PRO H    H N N 278 
PRO HA   H N N 279 
PRO HB2  H N N 280 
PRO HB3  H N N 281 
PRO HG2  H N N 282 
PRO HG3  H N N 283 
PRO HD2  H N N 284 
PRO HD3  H N N 285 
PRO HXT  H N N 286 
SER N    N N N 287 
SER CA   C N S 288 
SER C    C N N 289 
SER O    O N N 290 
SER CB   C N N 291 
SER OG   O N N 292 
SER OXT  O N N 293 
SER H    H N N 294 
SER H2   H N N 295 
SER HA   H N N 296 
SER HB2  H N N 297 
SER HB3  H N N 298 
SER HG   H N N 299 
SER HXT  H N N 300 
THR N    N N N 301 
THR CA   C N S 302 
THR C    C N N 303 
THR O    O N N 304 
THR CB   C N R 305 
THR OG1  O N N 306 
THR CG2  C N N 307 
THR OXT  O N N 308 
THR H    H N N 309 
THR H2   H N N 310 
THR HA   H N N 311 
THR HB   H N N 312 
THR HG1  H N N 313 
THR HG21 H N N 314 
THR HG22 H N N 315 
THR HG23 H N N 316 
THR HXT  H N N 317 
TRP N    N N N 318 
TRP CA   C N S 319 
TRP C    C N N 320 
TRP O    O N N 321 
TRP CB   C N N 322 
TRP CG   C Y N 323 
TRP CD1  C Y N 324 
TRP CD2  C Y N 325 
TRP NE1  N Y N 326 
TRP CE2  C Y N 327 
TRP CE3  C Y N 328 
TRP CZ2  C Y N 329 
TRP CZ3  C Y N 330 
TRP CH2  C Y N 331 
TRP OXT  O N N 332 
TRP H    H N N 333 
TRP H2   H N N 334 
TRP HA   H N N 335 
TRP HB2  H N N 336 
TRP HB3  H N N 337 
TRP HD1  H N N 338 
TRP HE1  H N N 339 
TRP HE3  H N N 340 
TRP HZ2  H N N 341 
TRP HZ3  H N N 342 
TRP HH2  H N N 343 
TRP HXT  H N N 344 
TYR N    N N N 345 
TYR CA   C N S 346 
TYR C    C N N 347 
TYR O    O N N 348 
TYR CB   C N N 349 
TYR CG   C Y N 350 
TYR CD1  C Y N 351 
TYR CD2  C Y N 352 
TYR CE1  C Y N 353 
TYR CE2  C Y N 354 
TYR CZ   C Y N 355 
TYR OH   O N N 356 
TYR OXT  O N N 357 
TYR H    H N N 358 
TYR H2   H N N 359 
TYR HA   H N N 360 
TYR HB2  H N N 361 
TYR HB3  H N N 362 
TYR HD1  H N N 363 
TYR HD2  H N N 364 
TYR HE1  H N N 365 
TYR HE2  H N N 366 
TYR HH   H N N 367 
TYR HXT  H N N 368 
VAL N    N N N 369 
VAL CA   C N S 370 
VAL C    C N N 371 
VAL O    O N N 372 
VAL CB   C N N 373 
VAL CG1  C N N 374 
VAL CG2  C N N 375 
VAL OXT  O N N 376 
VAL H    H N N 377 
VAL H2   H N N 378 
VAL HA   H N N 379 
VAL HB   H N N 380 
VAL HG11 H N N 381 
VAL HG12 H N N 382 
VAL HG13 H N N 383 
VAL HG21 H N N 384 
VAL HG22 H N N 385 
VAL HG23 H N N 386 
VAL HXT  H N N 387 
# 
loop_
_chem_comp_bond.comp_id 
_chem_comp_bond.atom_id_1 
_chem_comp_bond.atom_id_2 
_chem_comp_bond.value_order 
_chem_comp_bond.pdbx_aromatic_flag 
_chem_comp_bond.pdbx_stereo_config 
_chem_comp_bond.pdbx_ordinal 
ALA N   CA   sing N N 1   
ALA N   H    sing N N 2   
ALA N   H2   sing N N 3   
ALA CA  C    sing N N 4   
ALA CA  CB   sing N N 5   
ALA CA  HA   sing N N 6   
ALA C   O    doub N N 7   
ALA C   OXT  sing N N 8   
ALA CB  HB1  sing N N 9   
ALA CB  HB2  sing N N 10  
ALA CB  HB3  sing N N 11  
ALA OXT HXT  sing N N 12  
ARG N   CA   sing N N 13  
ARG N   H    sing N N 14  
ARG N   H2   sing N N 15  
ARG CA  C    sing N N 16  
ARG CA  CB   sing N N 17  
ARG CA  HA   sing N N 18  
ARG C   O    doub N N 19  
ARG C   OXT  sing N N 20  
ARG CB  CG   sing N N 21  
ARG CB  HB2  sing N N 22  
ARG CB  HB3  sing N N 23  
ARG CG  CD   sing N N 24  
ARG CG  HG2  sing N N 25  
ARG CG  HG3  sing N N 26  
ARG CD  NE   sing N N 27  
ARG CD  HD2  sing N N 28  
ARG CD  HD3  sing N N 29  
ARG NE  CZ   sing N N 30  
ARG NE  HE   sing N N 31  
ARG CZ  NH1  sing N N 32  
ARG CZ  NH2  doub N N 33  
ARG NH1 HH11 sing N N 34  
ARG NH1 HH12 sing N N 35  
ARG NH2 HH21 sing N N 36  
ARG NH2 HH22 sing N N 37  
ARG OXT HXT  sing N N 38  
ASN N   CA   sing N N 39  
ASN N   H    sing N N 40  
ASN N   H2   sing N N 41  
ASN CA  C    sing N N 42  
ASN CA  CB   sing N N 43  
ASN CA  HA   sing N N 44  
ASN C   O    doub N N 45  
ASN C   OXT  sing N N 46  
ASN CB  CG   sing N N 47  
ASN CB  HB2  sing N N 48  
ASN CB  HB3  sing N N 49  
ASN CG  OD1  doub N N 50  
ASN CG  ND2  sing N N 51  
ASN ND2 HD21 sing N N 52  
ASN ND2 HD22 sing N N 53  
ASN OXT HXT  sing N N 54  
ASP N   CA   sing N N 55  
ASP N   H    sing N N 56  
ASP N   H2   sing N N 57  
ASP CA  C    sing N N 58  
ASP CA  CB   sing N N 59  
ASP CA  HA   sing N N 60  
ASP C   O    doub N N 61  
ASP C   OXT  sing N N 62  
ASP CB  CG   sing N N 63  
ASP CB  HB2  sing N N 64  
ASP CB  HB3  sing N N 65  
ASP CG  OD1  doub N N 66  
ASP CG  OD2  sing N N 67  
ASP OD2 HD2  sing N N 68  
ASP OXT HXT  sing N N 69  
CYS N   CA   sing N N 70  
CYS N   H    sing N N 71  
CYS N   H2   sing N N 72  
CYS CA  C    sing N N 73  
CYS CA  CB   sing N N 74  
CYS CA  HA   sing N N 75  
CYS C   O    doub N N 76  
CYS C   OXT  sing N N 77  
CYS CB  SG   sing N N 78  
CYS CB  HB2  sing N N 79  
CYS CB  HB3  sing N N 80  
CYS SG  HG   sing N N 81  
CYS OXT HXT  sing N N 82  
GLN N   CA   sing N N 83  
GLN N   H    sing N N 84  
GLN N   H2   sing N N 85  
GLN CA  C    sing N N 86  
GLN CA  CB   sing N N 87  
GLN CA  HA   sing N N 88  
GLN C   O    doub N N 89  
GLN C   OXT  sing N N 90  
GLN CB  CG   sing N N 91  
GLN CB  HB2  sing N N 92  
GLN CB  HB3  sing N N 93  
GLN CG  CD   sing N N 94  
GLN CG  HG2  sing N N 95  
GLN CG  HG3  sing N N 96  
GLN CD  OE1  doub N N 97  
GLN CD  NE2  sing N N 98  
GLN NE2 HE21 sing N N 99  
GLN NE2 HE22 sing N N 100 
GLN OXT HXT  sing N N 101 
GLU N   CA   sing N N 102 
GLU N   H    sing N N 103 
GLU N   H2   sing N N 104 
GLU CA  C    sing N N 105 
GLU CA  CB   sing N N 106 
GLU CA  HA   sing N N 107 
GLU C   O    doub N N 108 
GLU C   OXT  sing N N 109 
GLU CB  CG   sing N N 110 
GLU CB  HB2  sing N N 111 
GLU CB  HB3  sing N N 112 
GLU CG  CD   sing N N 113 
GLU CG  HG2  sing N N 114 
GLU CG  HG3  sing N N 115 
GLU CD  OE1  doub N N 116 
GLU CD  OE2  sing N N 117 
GLU OE2 HE2  sing N N 118 
GLU OXT HXT  sing N N 119 
GLY N   CA   sing N N 120 
GLY N   H    sing N N 121 
GLY N   H2   sing N N 122 
GLY CA  C    sing N N 123 
GLY CA  HA2  sing N N 124 
GLY CA  HA3  sing N N 125 
GLY C   O    doub N N 126 
GLY C   OXT  sing N N 127 
GLY OXT HXT  sing N N 128 
HIS N   CA   sing N N 129 
HIS N   H    sing N N 130 
HIS N   H2   sing N N 131 
HIS CA  C    sing N N 132 
HIS CA  CB   sing N N 133 
HIS CA  HA   sing N N 134 
HIS C   O    doub N N 135 
HIS C   OXT  sing N N 136 
HIS CB  CG   sing N N 137 
HIS CB  HB2  sing N N 138 
HIS CB  HB3  sing N N 139 
HIS CG  ND1  sing Y N 140 
HIS CG  CD2  doub Y N 141 
HIS ND1 CE1  doub Y N 142 
HIS ND1 HD1  sing N N 143 
HIS CD2 NE2  sing Y N 144 
HIS CD2 HD2  sing N N 145 
HIS CE1 NE2  sing Y N 146 
HIS CE1 HE1  sing N N 147 
HIS NE2 HE2  sing N N 148 
HIS OXT HXT  sing N N 149 
ILE N   CA   sing N N 150 
ILE N   H    sing N N 151 
ILE N   H2   sing N N 152 
ILE CA  C    sing N N 153 
ILE CA  CB   sing N N 154 
ILE CA  HA   sing N N 155 
ILE C   O    doub N N 156 
ILE C   OXT  sing N N 157 
ILE CB  CG1  sing N N 158 
ILE CB  CG2  sing N N 159 
ILE CB  HB   sing N N 160 
ILE CG1 CD1  sing N N 161 
ILE CG1 HG12 sing N N 162 
ILE CG1 HG13 sing N N 163 
ILE CG2 HG21 sing N N 164 
ILE CG2 HG22 sing N N 165 
ILE CG2 HG23 sing N N 166 
ILE CD1 HD11 sing N N 167 
ILE CD1 HD12 sing N N 168 
ILE CD1 HD13 sing N N 169 
ILE OXT HXT  sing N N 170 
LEU N   CA   sing N N 171 
LEU N   H    sing N N 172 
LEU N   H2   sing N N 173 
LEU CA  C    sing N N 174 
LEU CA  CB   sing N N 175 
LEU CA  HA   sing N N 176 
LEU C   O    doub N N 177 
LEU C   OXT  sing N N 178 
LEU CB  CG   sing N N 179 
LEU CB  HB2  sing N N 180 
LEU CB  HB3  sing N N 181 
LEU CG  CD1  sing N N 182 
LEU CG  CD2  sing N N 183 
LEU CG  HG   sing N N 184 
LEU CD1 HD11 sing N N 185 
LEU CD1 HD12 sing N N 186 
LEU CD1 HD13 sing N N 187 
LEU CD2 HD21 sing N N 188 
LEU CD2 HD22 sing N N 189 
LEU CD2 HD23 sing N N 190 
LEU OXT HXT  sing N N 191 
LYS N   CA   sing N N 192 
LYS N   H    sing N N 193 
LYS N   H2   sing N N 194 
LYS CA  C    sing N N 195 
LYS CA  CB   sing N N 196 
LYS CA  HA   sing N N 197 
LYS C   O    doub N N 198 
LYS C   OXT  sing N N 199 
LYS CB  CG   sing N N 200 
LYS CB  HB2  sing N N 201 
LYS CB  HB3  sing N N 202 
LYS CG  CD   sing N N 203 
LYS CG  HG2  sing N N 204 
LYS CG  HG3  sing N N 205 
LYS CD  CE   sing N N 206 
LYS CD  HD2  sing N N 207 
LYS CD  HD3  sing N N 208 
LYS CE  NZ   sing N N 209 
LYS CE  HE2  sing N N 210 
LYS CE  HE3  sing N N 211 
LYS NZ  HZ1  sing N N 212 
LYS NZ  HZ2  sing N N 213 
LYS NZ  HZ3  sing N N 214 
LYS OXT HXT  sing N N 215 
MET N   CA   sing N N 216 
MET N   H    sing N N 217 
MET N   H2   sing N N 218 
MET CA  C    sing N N 219 
MET CA  CB   sing N N 220 
MET CA  HA   sing N N 221 
MET C   O    doub N N 222 
MET C   OXT  sing N N 223 
MET CB  CG   sing N N 224 
MET CB  HB2  sing N N 225 
MET CB  HB3  sing N N 226 
MET CG  SD   sing N N 227 
MET CG  HG2  sing N N 228 
MET CG  HG3  sing N N 229 
MET SD  CE   sing N N 230 
MET CE  HE1  sing N N 231 
MET CE  HE2  sing N N 232 
MET CE  HE3  sing N N 233 
MET OXT HXT  sing N N 234 
PHE N   CA   sing N N 235 
PHE N   H    sing N N 236 
PHE N   H2   sing N N 237 
PHE CA  C    sing N N 238 
PHE CA  CB   sing N N 239 
PHE CA  HA   sing N N 240 
PHE C   O    doub N N 241 
PHE C   OXT  sing N N 242 
PHE CB  CG   sing N N 243 
PHE CB  HB2  sing N N 244 
PHE CB  HB3  sing N N 245 
PHE CG  CD1  doub Y N 246 
PHE CG  CD2  sing Y N 247 
PHE CD1 CE1  sing Y N 248 
PHE CD1 HD1  sing N N 249 
PHE CD2 CE2  doub Y N 250 
PHE CD2 HD2  sing N N 251 
PHE CE1 CZ   doub Y N 252 
PHE CE1 HE1  sing N N 253 
PHE CE2 CZ   sing Y N 254 
PHE CE2 HE2  sing N N 255 
PHE CZ  HZ   sing N N 256 
PHE OXT HXT  sing N N 257 
PRO N   CA   sing N N 258 
PRO N   CD   sing N N 259 
PRO N   H    sing N N 260 
PRO CA  C    sing N N 261 
PRO CA  CB   sing N N 262 
PRO CA  HA   sing N N 263 
PRO C   O    doub N N 264 
PRO C   OXT  sing N N 265 
PRO CB  CG   sing N N 266 
PRO CB  HB2  sing N N 267 
PRO CB  HB3  sing N N 268 
PRO CG  CD   sing N N 269 
PRO CG  HG2  sing N N 270 
PRO CG  HG3  sing N N 271 
PRO CD  HD2  sing N N 272 
PRO CD  HD3  sing N N 273 
PRO OXT HXT  sing N N 274 
SER N   CA   sing N N 275 
SER N   H    sing N N 276 
SER N   H2   sing N N 277 
SER CA  C    sing N N 278 
SER CA  CB   sing N N 279 
SER CA  HA   sing N N 280 
SER C   O    doub N N 281 
SER C   OXT  sing N N 282 
SER CB  OG   sing N N 283 
SER CB  HB2  sing N N 284 
SER CB  HB3  sing N N 285 
SER OG  HG   sing N N 286 
SER OXT HXT  sing N N 287 
THR N   CA   sing N N 288 
THR N   H    sing N N 289 
THR N   H2   sing N N 290 
THR CA  C    sing N N 291 
THR CA  CB   sing N N 292 
THR CA  HA   sing N N 293 
THR C   O    doub N N 294 
THR C   OXT  sing N N 295 
THR CB  OG1  sing N N 296 
THR CB  CG2  sing N N 297 
THR CB  HB   sing N N 298 
THR OG1 HG1  sing N N 299 
THR CG2 HG21 sing N N 300 
THR CG2 HG22 sing N N 301 
THR CG2 HG23 sing N N 302 
THR OXT HXT  sing N N 303 
TRP N   CA   sing N N 304 
TRP N   H    sing N N 305 
TRP N   H2   sing N N 306 
TRP CA  C    sing N N 307 
TRP CA  CB   sing N N 308 
TRP CA  HA   sing N N 309 
TRP C   O    doub N N 310 
TRP C   OXT  sing N N 311 
TRP CB  CG   sing N N 312 
TRP CB  HB2  sing N N 313 
TRP CB  HB3  sing N N 314 
TRP CG  CD1  doub Y N 315 
TRP CG  CD2  sing Y N 316 
TRP CD1 NE1  sing Y N 317 
TRP CD1 HD1  sing N N 318 
TRP CD2 CE2  doub Y N 319 
TRP CD2 CE3  sing Y N 320 
TRP NE1 CE2  sing Y N 321 
TRP NE1 HE1  sing N N 322 
TRP CE2 CZ2  sing Y N 323 
TRP CE3 CZ3  doub Y N 324 
TRP CE3 HE3  sing N N 325 
TRP CZ2 CH2  doub Y N 326 
TRP CZ2 HZ2  sing N N 327 
TRP CZ3 CH2  sing Y N 328 
TRP CZ3 HZ3  sing N N 329 
TRP CH2 HH2  sing N N 330 
TRP OXT HXT  sing N N 331 
TYR N   CA   sing N N 332 
TYR N   H    sing N N 333 
TYR N   H2   sing N N 334 
TYR CA  C    sing N N 335 
TYR CA  CB   sing N N 336 
TYR CA  HA   sing N N 337 
TYR C   O    doub N N 338 
TYR C   OXT  sing N N 339 
TYR CB  CG   sing N N 340 
TYR CB  HB2  sing N N 341 
TYR CB  HB3  sing N N 342 
TYR CG  CD1  doub Y N 343 
TYR CG  CD2  sing Y N 344 
TYR CD1 CE1  sing Y N 345 
TYR CD1 HD1  sing N N 346 
TYR CD2 CE2  doub Y N 347 
TYR CD2 HD2  sing N N 348 
TYR CE1 CZ   doub Y N 349 
TYR CE1 HE1  sing N N 350 
TYR CE2 CZ   sing Y N 351 
TYR CE2 HE2  sing N N 352 
TYR CZ  OH   sing N N 353 
TYR OH  HH   sing N N 354 
TYR OXT HXT  sing N N 355 
VAL N   CA   sing N N 356 
VAL N   H    sing N N 357 
VAL N   H2   sing N N 358 
VAL CA  C    sing N N 359 
VAL CA  CB   sing N N 360 
VAL CA  HA   sing N N 361 
VAL C   O    doub N N 362 
VAL C   OXT  sing N N 363 
VAL CB  CG1  sing N N 364 
VAL CB  CG2  sing N N 365 
VAL CB  HB   sing N N 366 
VAL CG1 HG11 sing N N 367 
VAL CG1 HG12 sing N N 368 
VAL CG1 HG13 sing N N 369 
VAL CG2 HG21 sing N N 370 
VAL CG2 HG22 sing N N 371 
VAL CG2 HG23 sing N N 372 
VAL OXT HXT  sing N N 373 
# 
_em_admin.entry_id           7B6Y 
_em_admin.current_status     REL 
_em_admin.deposition_date    2020-12-08 
_em_admin.deposition_site    PDBE 
_em_admin.last_update        2024-07-10 
_em_admin.map_release_date   2022-01-12 
_em_admin.title              'C8 region from the MiniTRAPPIII complex' 
# 
loop_
_em_buffer_component.buffer_id 
_em_buffer_component.id 
_em_buffer_component.concentration 
_em_buffer_component.concentration_units 
_em_buffer_component.formula 
_em_buffer_component.name 
1 1 50    mM      ? Hepes-KOH      
1 2 250   mM      ? KAc            
1 3 1     mM      ? DTT            
1 4 0.005 '(v/v)' ? 'Igepal C-630' 
# 
_em_ctf_correction.id                       1 
_em_ctf_correction.em_image_processing_id   1 
_em_ctf_correction.type                     'PHASE FLIPPING AND AMPLITUDE CORRECTION' 
_em_ctf_correction.details                  ? 
# 
_em_entity_assembly_molwt.entity_assembly_id   1 
_em_entity_assembly_molwt.id                   1 
_em_entity_assembly_molwt.experimental_flag    NO 
_em_entity_assembly_molwt.units                ? 
_em_entity_assembly_molwt.value                ? 
# 
_em_entity_assembly_naturalsource.id                   2 
_em_entity_assembly_naturalsource.entity_assembly_id   1 
_em_entity_assembly_naturalsource.cell                 ? 
_em_entity_assembly_naturalsource.cellular_location    ? 
_em_entity_assembly_naturalsource.ncbi_tax_id          7227 
_em_entity_assembly_naturalsource.organ                ? 
_em_entity_assembly_naturalsource.organelle            ? 
_em_entity_assembly_naturalsource.organism             'Drosophila melanogaster' 
_em_entity_assembly_naturalsource.strain               ? 
_em_entity_assembly_naturalsource.tissue               ? 
# 
_em_entity_assembly_recombinant.id                   2 
_em_entity_assembly_recombinant.entity_assembly_id   1 
_em_entity_assembly_recombinant.cell                 ? 
_em_entity_assembly_recombinant.ncbi_tax_id          2449148 
_em_entity_assembly_recombinant.organism             'Spodoptera aff. frugiperda 1 BOLD-2017' 
_em_entity_assembly_recombinant.plasmid              ? 
_em_entity_assembly_recombinant.strain               ? 
# 
_em_image_processing.id                   1 
_em_image_processing.image_recording_id   1 
_em_image_processing.details              ? 
# 
_em_image_recording.id                            1 
_em_image_recording.imaging_id                    1 
_em_image_recording.avg_electron_dose_per_image   45.6 
_em_image_recording.average_exposure_time         12 
_em_image_recording.details                       ? 
_em_image_recording.detector_mode                 COUNTING 
_em_image_recording.film_or_detector_model        'GATAN K2 QUANTUM (4k x 4k)' 
_em_image_recording.num_diffraction_images        ? 
_em_image_recording.num_grids_imaged              1 
_em_image_recording.num_real_images               3443 
# 
_em_particle_selection.id                       1 
_em_particle_selection.image_processing_id      1 
_em_particle_selection.details                  ? 
_em_particle_selection.method                   ? 
_em_particle_selection.num_particles_selected   1242082 
_em_particle_selection.reference_model          ? 
# 
loop_
_em_software.id 
_em_software.category 
_em_software.details 
_em_software.name 
_em_software.version 
_em_software.image_processing_id 
_em_software.fitting_id 
_em_software.imaging_id 
1  'PARTICLE SELECTION'       ? crYOLO         1.5   1 ? ? 
2  'IMAGE ACQUISITION'        ? EPU            ?     ? ? 1 
3  MASKING                    ? ?              ?     ? ? ? 
4  'CTF CORRECTION'           ? CTFFIND        4.1   1 ? ? 
5  'LAYERLINE INDEXING'       ? ?              ?     ? ? ? 
6  'DIFFRACTION INDEXING'     ? ?              ?     ? ? ? 
7  'MODEL FITTING'            ? 'UCSF Chimera' 1.5   ? 1 ? 
8  OTHER                      ? ?              ?     ? ? ? 
9  'MODEL REFINEMENT'         ? Coot           0.9   ? 1 ? 
10 'INITIAL EULER ASSIGNMENT' ? ?              ?     1 ? ? 
11 'FINAL EULER ASSIGNMENT'   ? RELION         3.1.1 1 ? ? 
12 CLASSIFICATION             ? RELION         3.1.1 1 ? ? 
13 RECONSTRUCTION             ? RELION         3.1.1 1 ? ? 
# 
_em_specimen.id                      1 
_em_specimen.experiment_id           1 
_em_specimen.concentration           0.5 
_em_specimen.details                 ? 
_em_specimen.embedding_applied       NO 
_em_specimen.shadowing_applied       NO 
_em_specimen.staining_applied        NO 
_em_specimen.vitrification_applied   YES 
# 
_atom_sites.entry_id                    7B6Y 
_atom_sites.Cartn_transf_matrix[1][1]   ? 
_atom_sites.Cartn_transf_matrix[1][2]   ? 
_atom_sites.Cartn_transf_matrix[1][3]   ? 
_atom_sites.Cartn_transf_matrix[2][1]   ? 
_atom_sites.Cartn_transf_matrix[2][2]   ? 
_atom_sites.Cartn_transf_matrix[2][3]   ? 
_atom_sites.Cartn_transf_matrix[3][1]   ? 
_atom_sites.Cartn_transf_matrix[3][2]   ? 
_atom_sites.Cartn_transf_matrix[3][3]   ? 
_atom_sites.Cartn_transf_vector[1]      ? 
_atom_sites.Cartn_transf_vector[2]      ? 
_atom_sites.Cartn_transf_vector[3]      ? 
_atom_sites.fract_transf_matrix[1][1]   1.000000 
_atom_sites.fract_transf_matrix[1][2]   0.000000 
_atom_sites.fract_transf_matrix[1][3]   0.000000 
_atom_sites.fract_transf_matrix[2][1]   0.000000 
_atom_sites.fract_transf_matrix[2][2]   1.000000 
_atom_sites.fract_transf_matrix[2][3]   0.000000 
_atom_sites.fract_transf_matrix[3][1]   0.000000 
_atom_sites.fract_transf_matrix[3][2]   0.000000 
_atom_sites.fract_transf_matrix[3][3]   1.000000 
_atom_sites.fract_transf_vector[1]      0.00000 
_atom_sites.fract_transf_vector[2]      0.00000 
_atom_sites.fract_transf_vector[3]      0.00000 
_atom_sites.solution_primary            ? 
_atom_sites.solution_secondary          ? 
_atom_sites.solution_hydrogens          ? 
_atom_sites.special_details             ? 
# 
loop_
_atom_type.symbol 
C 
N 
O 
S 
# 
loop_
_atom_site.group_PDB 
_atom_site.id 
_atom_site.type_symbol 
_atom_site.label_atom_id 
_atom_site.label_alt_id 
_atom_site.label_comp_id 
_atom_site.label_asym_id 
_atom_site.label_entity_id 
_atom_site.label_seq_id 
_atom_site.pdbx_PDB_ins_code 
_atom_site.Cartn_x 
_atom_site.Cartn_y 
_atom_site.Cartn_z 
_atom_site.occupancy 
_atom_site.B_iso_or_equiv 
_atom_site.pdbx_formal_charge 
_atom_site.auth_seq_id 
_atom_site.auth_comp_id 
_atom_site.auth_asym_id 
_atom_site.auth_atom_id 
_atom_site.pdbx_PDB_model_num 
ATOM 1    N N   . ASP A 1 1   ? -37.195 0.634   -16.944 1.00 523.43 ? 355 ASP A N   1 
ATOM 2    C CA  . ASP A 1 1   ? -38.538 0.648   -16.385 1.00 523.43 ? 355 ASP A CA  1 
ATOM 3    C C   . ASP A 1 1   ? -38.673 -0.292  -15.200 1.00 523.43 ? 355 ASP A C   1 
ATOM 4    O O   . ASP A 1 1   ? -37.683 -0.766  -14.646 1.00 523.43 ? 355 ASP A O   1 
ATOM 5    C CB  . ASP A 1 1   ? -39.555 0.255   -17.448 1.00 523.43 ? 355 ASP A CB  1 
ATOM 6    C CG  . ASP A 1 1   ? -39.480 -1.215  -17.797 1.00 523.43 ? 355 ASP A CG  1 
ATOM 7    O OD1 . ASP A 1 1   ? -38.368 -1.779  -17.772 1.00 523.43 ? 355 ASP A OD1 1 
ATOM 8    O OD2 . ASP A 1 1   ? -40.536 -1.812  -18.084 1.00 523.43 ? 355 ASP A OD2 1 
ATOM 9    N N   . ASN A 1 2   ? -39.924 -0.561  -14.823 1.00 557.45 ? 356 ASN A N   1 
ATOM 10   C CA  . ASN A 1 2   ? -40.185 -1.557  -13.793 1.00 557.45 ? 356 ASN A CA  1 
ATOM 11   C C   . ASN A 1 2   ? -39.702 -2.933  -14.224 1.00 557.45 ? 356 ASN A C   1 
ATOM 12   O O   . ASN A 1 2   ? -39.047 -3.638  -13.449 1.00 557.45 ? 356 ASN A O   1 
ATOM 13   C CB  . ASN A 1 2   ? -41.678 -1.591  -13.472 1.00 557.45 ? 356 ASN A CB  1 
ATOM 14   C CG  . ASN A 1 2   ? -42.528 -1.746  -14.710 1.00 557.45 ? 356 ASN A CG  1 
ATOM 15   O OD1 . ASN A 1 2   ? -42.013 -1.751  -15.827 1.00 557.45 ? 356 ASN A OD1 1 
ATOM 16   N ND2 . ASN A 1 2   ? -43.835 -1.875  -14.523 1.00 557.45 ? 356 ASN A ND2 1 
ATOM 17   N N   . LEU A 1 3   ? -40.006 -3.331  -15.463 1.00 547.91 ? 357 LEU A N   1 
ATOM 18   C CA  . LEU A 1 3   ? -39.573 -4.643  -15.935 1.00 547.91 ? 357 LEU A CA  1 
ATOM 19   C C   . LEU A 1 3   ? -38.055 -4.729  -15.971 1.00 547.91 ? 357 LEU A C   1 
ATOM 20   O O   . LEU A 1 3   ? -37.472 -5.798  -15.738 1.00 547.91 ? 357 LEU A O   1 
ATOM 21   C CB  . LEU A 1 3   ? -40.182 -4.940  -17.303 1.00 547.91 ? 357 LEU A CB  1 
ATOM 22   C CG  . LEU A 1 3   ? -41.560 -5.615  -17.271 1.00 547.91 ? 357 LEU A CG  1 
ATOM 23   C CD1 . LEU A 1 3   ? -41.452 -7.025  -16.707 1.00 547.91 ? 357 LEU A CD1 1 
ATOM 24   C CD2 . LEU A 1 3   ? -42.594 -4.806  -16.498 1.00 547.91 ? 357 LEU A CD2 1 
ATOM 25   N N   . ARG A 1 4   ? -37.402 -3.598  -16.235 1.00 543.66 ? 358 ARG A N   1 
ATOM 26   C CA  . ARG A 1 4   ? -35.957 -3.521  -16.088 1.00 543.66 ? 358 ARG A CA  1 
ATOM 27   C C   . ARG A 1 4   ? -35.517 -3.944  -14.689 1.00 543.66 ? 358 ARG A C   1 
ATOM 28   O O   . ARG A 1 4   ? -34.546 -4.696  -14.537 1.00 543.66 ? 358 ARG A O   1 
ATOM 29   C CB  . ARG A 1 4   ? -35.498 -2.104  -16.441 1.00 543.66 ? 358 ARG A CB  1 
ATOM 30   C CG  . ARG A 1 4   ? -34.098 -1.743  -16.031 1.00 543.66 ? 358 ARG A CG  1 
ATOM 31   C CD  . ARG A 1 4   ? -34.172 -0.752  -14.887 1.00 543.66 ? 358 ARG A CD  1 
ATOM 32   N NE  . ARG A 1 4   ? -34.945 0.428   -15.264 1.00 543.66 ? 358 ARG A NE  1 
ATOM 33   C CZ  . ARG A 1 4   ? -35.521 1.253   -14.397 1.00 543.66 ? 358 ARG A CZ  1 
ATOM 34   N NH1 . ARG A 1 4   ? -36.198 2.309   -14.829 1.00 543.66 ? 358 ARG A NH1 1 
ATOM 35   N NH2 . ARG A 1 4   ? -35.438 1.010   -13.098 1.00 543.66 ? 358 ARG A NH2 1 
ATOM 36   N N   . HIS A 1 5   ? -36.245 -3.521  -13.652 1.00 500.22 ? 359 HIS A N   1 
ATOM 37   C CA  . HIS A 1 5   ? -35.831 -3.898  -12.305 1.00 500.22 ? 359 HIS A CA  1 
ATOM 38   C C   . HIS A 1 5   ? -36.241 -5.329  -11.970 1.00 500.22 ? 359 HIS A C   1 
ATOM 39   O O   . HIS A 1 5   ? -35.566 -5.999  -11.180 1.00 500.22 ? 359 HIS A O   1 
ATOM 40   C CB  . HIS A 1 5   ? -36.387 -2.926  -11.268 1.00 500.22 ? 359 HIS A CB  1 
ATOM 41   C CG  . HIS A 1 5   ? -35.720 -3.041  -9.931  1.00 500.22 ? 359 HIS A CG  1 
ATOM 42   N ND1 . HIS A 1 5   ? -36.124 -3.938  -8.967  1.00 500.22 ? 359 HIS A ND1 1 
ATOM 43   C CD2 . HIS A 1 5   ? -34.662 -2.377  -9.407  1.00 500.22 ? 359 HIS A CD2 1 
ATOM 44   C CE1 . HIS A 1 5   ? -35.352 -3.815  -7.901  1.00 500.22 ? 359 HIS A CE1 1 
ATOM 45   N NE2 . HIS A 1 5   ? -34.454 -2.877  -8.144  1.00 500.22 ? 359 HIS A NE2 1 
ATOM 46   N N   . PHE A 1 6   ? -37.356 -5.813  -12.535 1.00 529.24 ? 360 PHE A N   1 
ATOM 47   C CA  . PHE A 1 6   ? -37.632 -7.247  -12.466 1.00 529.24 ? 360 PHE A CA  1 
ATOM 48   C C   . PHE A 1 6   ? -36.427 -8.052  -12.923 1.00 529.24 ? 360 PHE A C   1 
ATOM 49   O O   . PHE A 1 6   ? -35.999 -8.992  -12.242 1.00 529.24 ? 360 PHE A O   1 
ATOM 50   C CB  . PHE A 1 6   ? -38.852 -7.638  -13.307 1.00 529.24 ? 360 PHE A CB  1 
ATOM 51   C CG  . PHE A 1 6   ? -40.162 -7.112  -12.792 1.00 529.24 ? 360 PHE A CG  1 
ATOM 52   C CD1 . PHE A 1 6   ? -40.811 -7.755  -11.757 1.00 529.24 ? 360 PHE A CD1 1 
ATOM 53   C CD2 . PHE A 1 6   ? -40.777 -6.027  -13.374 1.00 529.24 ? 360 PHE A CD2 1 
ATOM 54   C CE1 . PHE A 1 6   ? -42.026 -7.293  -11.291 1.00 529.24 ? 360 PHE A CE1 1 
ATOM 55   C CE2 . PHE A 1 6   ? -41.986 -5.555  -12.921 1.00 529.24 ? 360 PHE A CE2 1 
ATOM 56   C CZ  . PHE A 1 6   ? -42.615 -6.190  -11.877 1.00 529.24 ? 360 PHE A CZ  1 
ATOM 57   N N   . VAL A 1 7   ? -35.860 -7.690  -14.071 1.00 503.30 ? 361 VAL A N   1 
ATOM 58   C CA  . VAL A 1 7   ? -34.737 -8.460  -14.596 1.00 503.30 ? 361 VAL A CA  1 
ATOM 59   C C   . VAL A 1 7   ? -33.485 -8.230  -13.757 1.00 503.30 ? 361 VAL A C   1 
ATOM 60   O O   . VAL A 1 7   ? -32.663 -9.136  -13.589 1.00 503.30 ? 361 VAL A O   1 
ATOM 61   C CB  . VAL A 1 7   ? -34.504 -8.119  -16.077 1.00 503.30 ? 361 VAL A CB  1 
ATOM 62   C CG1 . VAL A 1 7   ? -33.294 -8.872  -16.611 1.00 503.30 ? 361 VAL A CG1 1 
ATOM 63   C CG2 . VAL A 1 7   ? -35.747 -8.443  -16.887 1.00 503.30 ? 361 VAL A CG2 1 
ATOM 64   N N   . GLN A 1 8   ? -33.313 -7.019  -13.222 1.00 465.99 ? 362 GLN A N   1 
ATOM 65   C CA  . GLN A 1 8   ? -32.169 -6.766  -12.346 1.00 465.99 ? 362 GLN A CA  1 
ATOM 66   C C   . GLN A 1 8   ? -32.219 -7.641  -11.101 1.00 465.99 ? 362 GLN A C   1 
ATOM 67   O O   . GLN A 1 8   ? -31.200 -8.208  -10.680 1.00 465.99 ? 362 GLN A O   1 
ATOM 68   C CB  . GLN A 1 8   ? -32.125 -5.290  -11.956 1.00 465.99 ? 362 GLN A CB  1 
ATOM 69   C CG  . GLN A 1 8   ? -31.008 -4.940  -10.988 1.00 465.99 ? 362 GLN A CG  1 
ATOM 70   C CD  . GLN A 1 8   ? -31.484 -4.885  -9.553  1.00 465.99 ? 362 GLN A CD  1 
ATOM 71   O OE1 . GLN A 1 8   ? -32.638 -4.562  -9.286  1.00 465.99 ? 362 GLN A OE1 1 
ATOM 72   N NE2 . GLN A 1 8   ? -30.598 -5.208  -8.620  1.00 465.99 ? 362 GLN A NE2 1 
ATOM 73   N N   . ASP A 1 9   ? -33.396 -7.744  -10.487 1.00 480.92 ? 363 ASP A N   1 
ATOM 74   C CA  . ASP A 1 9   ? -33.567 -8.618  -9.337  1.00 480.92 ? 363 ASP A CA  1 
ATOM 75   C C   . ASP A 1 9   ? -33.372 -10.074 -9.731  1.00 480.92 ? 363 ASP A C   1 
ATOM 76   O O   . ASP A 1 9   ? -32.765 -10.852 -8.987  1.00 480.92 ? 363 ASP A O   1 
ATOM 77   C CB  . ASP A 1 9   ? -34.947 -8.394  -8.724  1.00 480.92 ? 363 ASP A CB  1 
ATOM 78   C CG  . ASP A 1 9   ? -35.027 -7.097  -7.954  1.00 480.92 ? 363 ASP A CG  1 
ATOM 79   O OD1 . ASP A 1 9   ? -33.999 -6.396  -7.882  1.00 480.92 ? 363 ASP A OD1 1 
ATOM 80   O OD2 . ASP A 1 9   ? -36.112 -6.773  -7.427  1.00 480.92 ? 363 ASP A OD2 1 
ATOM 81   N N   . TYR A 1 10  ? -33.894 -10.459 -10.897 1.00 418.02 ? 364 TYR A N   1 
ATOM 82   C CA  . TYR A 1 10  ? -33.595 -11.769 -11.458 1.00 418.02 ? 364 TYR A CA  1 
ATOM 83   C C   . TYR A 1 10  ? -32.095 -12.023 -11.480 1.00 418.02 ? 364 TYR A C   1 
ATOM 84   O O   . TYR A 1 10  ? -31.620 -13.070 -11.017 1.00 418.02 ? 364 TYR A O   1 
ATOM 85   C CB  . TYR A 1 10  ? -34.186 -11.852 -12.866 1.00 418.02 ? 364 TYR A CB  1 
ATOM 86   C CG  . TYR A 1 10  ? -33.633 -12.965 -13.711 1.00 418.02 ? 364 TYR A CG  1 
ATOM 87   C CD1 . TYR A 1 10  ? -34.043 -14.276 -13.527 1.00 418.02 ? 364 TYR A CD1 1 
ATOM 88   C CD2 . TYR A 1 10  ? -32.694 -12.703 -14.698 1.00 418.02 ? 364 TYR A CD2 1 
ATOM 89   C CE1 . TYR A 1 10  ? -33.533 -15.296 -14.305 1.00 418.02 ? 364 TYR A CE1 1 
ATOM 90   C CE2 . TYR A 1 10  ? -32.179 -13.713 -15.478 1.00 418.02 ? 364 TYR A CE2 1 
ATOM 91   C CZ  . TYR A 1 10  ? -32.601 -15.008 -15.278 1.00 418.02 ? 364 TYR A CZ  1 
ATOM 92   O OH  . TYR A 1 10  ? -32.086 -16.018 -16.058 1.00 418.02 ? 364 TYR A OH  1 
ATOM 93   N N   . ALA A 1 11  ? -31.334 -11.049 -11.974 1.00 460.78 ? 365 ALA A N   1 
ATOM 94   C CA  . ALA A 1 11  ? -29.887 -11.189 -12.059 1.00 460.78 ? 365 ALA A CA  1 
ATOM 95   C C   . ALA A 1 11  ? -29.263 -11.375 -10.683 1.00 460.78 ? 365 ALA A C   1 
ATOM 96   O O   . ALA A 1 11  ? -28.506 -12.324 -10.466 1.00 460.78 ? 365 ALA A O   1 
ATOM 97   C CB  . ALA A 1 11  ? -29.288 -9.969  -12.760 1.00 460.78 ? 365 ALA A CB  1 
ATOM 98   N N   . VAL A 1 12  ? -29.577 -10.489 -9.737  1.00 467.45 ? 366 VAL A N   1 
ATOM 99   C CA  . VAL A 1 12  ? -28.883 -10.532 -8.447  1.00 467.45 ? 366 VAL A CA  1 
ATOM 100  C C   . VAL A 1 12  ? -29.237 -11.811 -7.685  1.00 467.45 ? 366 VAL A C   1 
ATOM 101  O O   . VAL A 1 12  ? -28.376 -12.437 -7.040  1.00 467.45 ? 366 VAL A O   1 
ATOM 102  C CB  . VAL A 1 12  ? -29.189 -9.261  -7.631  1.00 467.45 ? 366 VAL A CB  1 
ATOM 103  C CG1 . VAL A 1 12  ? -28.696 -8.031  -8.377  1.00 467.45 ? 366 VAL A CG1 1 
ATOM 104  C CG2 . VAL A 1 12  ? -30.670 -9.134  -7.342  1.00 467.45 ? 366 VAL A CG2 1 
ATOM 105  N N   . ARG A 1 13  ? -30.505 -12.222 -7.750  1.00 483.46 ? 367 ARG A N   1 
ATOM 106  C CA  . ARG A 1 13  ? -30.903 -13.489 -7.153  1.00 483.46 ? 367 ARG A CA  1 
ATOM 107  C C   . ARG A 1 13  ? -30.185 -14.652 -7.817  1.00 483.46 ? 367 ARG A C   1 
ATOM 108  O O   . ARG A 1 13  ? -29.895 -15.660 -7.166  1.00 483.46 ? 367 ARG A O   1 
ATOM 109  C CB  . ARG A 1 13  ? -32.418 -13.653 -7.252  1.00 483.46 ? 367 ARG A CB  1 
ATOM 110  C CG  . ARG A 1 13  ? -32.951 -15.039 -6.931  1.00 483.46 ? 367 ARG A CG  1 
ATOM 111  C CD  . ARG A 1 13  ? -33.012 -15.292 -5.434  1.00 483.46 ? 367 ARG A CD  1 
ATOM 112  N NE  . ARG A 1 13  ? -31.860 -16.039 -4.946  1.00 483.46 ? 367 ARG A NE  1 
ATOM 113  C CZ  . ARG A 1 13  ? -31.672 -16.354 -3.670  1.00 483.46 ? 367 ARG A CZ  1 
ATOM 114  N NH1 . ARG A 1 13  ? -32.549 -15.969 -2.753  1.00 483.46 ? 367 ARG A NH1 1 
ATOM 115  N NH2 . ARG A 1 13  ? -30.610 -17.054 -3.310  1.00 483.46 ? 367 ARG A NH2 1 
ATOM 116  N N   . ALA A 1 14  ? -29.904 -14.541 -9.118  1.00 502.27 ? 368 ALA A N   1 
ATOM 117  C CA  . ALA A 1 14  ? -29.097 -15.562 -9.783  1.00 502.27 ? 368 ALA A CA  1 
ATOM 118  C C   . ALA A 1 14  ? -27.651 -15.537 -9.298  1.00 502.27 ? 368 ALA A C   1 
ATOM 119  O O   . ALA A 1 14  ? -26.976 -16.572 -9.289  1.00 502.27 ? 368 ALA A O   1 
ATOM 120  C CB  . ALA A 1 14  ? -29.162 -15.374 -11.299 1.00 502.27 ? 368 ALA A CB  1 
ATOM 121  N N   . LEU A 1 15  ? -27.146 -14.357 -8.928  1.00 530.07 ? 369 LEU A N   1 
ATOM 122  C CA  . LEU A 1 15  ? -25.772 -14.270 -8.431  1.00 530.07 ? 369 LEU A CA  1 
ATOM 123  C C   . LEU A 1 15  ? -25.625 -14.868 -7.037  1.00 530.07 ? 369 LEU A C   1 
ATOM 124  O O   . LEU A 1 15  ? -24.538 -15.329 -6.669  1.00 530.07 ? 369 LEU A O   1 
ATOM 125  C CB  . LEU A 1 15  ? -25.264 -12.825 -8.438  1.00 530.07 ? 369 LEU A CB  1 
ATOM 126  C CG  . LEU A 1 15  ? -24.678 -12.224 -9.721  1.00 530.07 ? 369 LEU A CG  1 
ATOM 127  C CD1 . LEU A 1 15  ? -23.415 -12.997 -10.076 1.00 530.07 ? 369 LEU A CD1 1 
ATOM 128  C CD2 . LEU A 1 15  ? -25.614 -12.211 -10.905 1.00 530.07 ? 369 LEU A CD2 1 
ATOM 129  N N   . ILE A 1 16  ? -26.690 -14.841 -6.236  1.00 485.87 ? 370 ILE A N   1 
ATOM 130  C CA  . ILE A 1 16  ? -26.621 -15.465 -4.904  1.00 485.87 ? 370 ILE A CA  1 
ATOM 131  C C   . ILE A 1 16  ? -26.139 -16.916 -4.969  1.00 485.87 ? 370 ILE A C   1 
ATOM 132  O O   . ILE A 1 16  ? -25.311 -17.311 -4.127  1.00 485.87 ? 370 ILE A O   1 
ATOM 133  C CB  . ILE A 1 16  ? -27.973 -15.318 -4.179  1.00 485.87 ? 370 ILE A CB  1 
ATOM 134  C CG1 . ILE A 1 16  ? -28.470 -13.877 -4.252  1.00 485.87 ? 370 ILE A CG1 1 
ATOM 135  C CG2 . ILE A 1 16  ? -27.830 -15.727 -2.732  1.00 485.87 ? 370 ILE A CG2 1 
ATOM 136  C CD1 . ILE A 1 16  ? -27.507 -12.878 -3.660  1.00 485.87 ? 370 ILE A CD1 1 
ATOM 137  N N   . PRO A 1 17  ? -26.594 -17.752 -5.906  1.00 535.61 ? 371 PRO A N   1 
ATOM 138  C CA  . PRO A 1 17  ? -25.998 -19.094 -6.006  1.00 535.61 ? 371 PRO A CA  1 
ATOM 139  C C   . PRO A 1 17  ? -24.489 -19.101 -6.197  1.00 535.61 ? 371 PRO A C   1 
ATOM 140  O O   . PRO A 1 17  ? -23.850 -20.082 -5.807  1.00 535.61 ? 371 PRO A O   1 
ATOM 141  C CB  . PRO A 1 17  ? -26.737 -19.704 -7.201  1.00 535.61 ? 371 PRO A CB  1 
ATOM 142  C CG  . PRO A 1 17  ? -28.084 -19.110 -7.100  1.00 535.61 ? 371 PRO A CG  1 
ATOM 143  C CD  . PRO A 1 17  ? -27.883 -17.700 -6.616  1.00 535.61 ? 371 PRO A CD  1 
ATOM 144  N N   . TYR A 1 18  ? -23.883 -18.059 -6.772  1.00 548.10 ? 372 TYR A N   1 
ATOM 145  C CA  . TYR A 1 18  ? -22.421 -17.991 -6.744  1.00 548.10 ? 372 TYR A CA  1 
ATOM 146  C C   . TYR A 1 18  ? -21.871 -17.810 -5.331  1.00 548.10 ? 372 TYR A C   1 
ATOM 147  O O   . TYR A 1 18  ? -20.797 -18.336 -5.017  1.00 548.10 ? 372 TYR A O   1 
ATOM 148  C CB  . TYR A 1 18  ? -21.879 -16.907 -7.680  1.00 548.10 ? 372 TYR A CB  1 
ATOM 149  C CG  . TYR A 1 18  ? -22.037 -17.195 -9.157  1.00 548.10 ? 372 TYR A CG  1 
ATOM 150  C CD1 . TYR A 1 18  ? -22.348 -18.472 -9.604  1.00 548.10 ? 372 TYR A CD1 1 
ATOM 151  C CD2 . TYR A 1 18  ? -21.791 -16.212 -10.107 1.00 548.10 ? 372 TYR A CD2 1 
ATOM 152  C CE1 . TYR A 1 18  ? -22.456 -18.752 -10.954 1.00 548.10 ? 372 TYR A CE1 1 
ATOM 153  C CE2 . TYR A 1 18  ? -21.898 -16.482 -11.460 1.00 548.10 ? 372 TYR A CE2 1 
ATOM 154  C CZ  . TYR A 1 18  ? -22.230 -17.753 -11.876 1.00 548.10 ? 372 TYR A CZ  1 
ATOM 155  O OH  . TYR A 1 18  ? -22.339 -18.026 -13.219 1.00 548.10 ? 372 TYR A OH  1 
ATOM 156  N N   . ILE A 1 19  ? -22.566 -17.072 -4.460  1.00 644.29 ? 373 ILE A N   1 
ATOM 157  C CA  . ILE A 1 19  ? -22.041 -16.968 -3.099  1.00 644.29 ? 373 ILE A CA  1 
ATOM 158  C C   . ILE A 1 19  ? -22.148 -18.323 -2.411  1.00 644.29 ? 373 ILE A C   1 
ATOM 159  O O   . ILE A 1 19  ? -21.270 -18.716 -1.630  1.00 644.29 ? 373 ILE A O   1 
ATOM 160  C CB  . ILE A 1 19  ? -22.734 -15.848 -2.293  1.00 644.29 ? 373 ILE A CB  1 
ATOM 161  C CG1 . ILE A 1 19  ? -24.123 -16.248 -1.795  1.00 644.29 ? 373 ILE A CG1 1 
ATOM 162  C CG2 . ILE A 1 19  ? -22.856 -14.593 -3.140  1.00 644.29 ? 373 ILE A CG2 1 
ATOM 163  C CD1 . ILE A 1 19  ? -24.775 -15.212 -0.919  1.00 644.29 ? 373 ILE A CD1 1 
ATOM 164  N N   . GLU A 1 20  ? -23.198 -19.085 -2.731  1.00 592.43 ? 374 GLU A N   1 
ATOM 165  C CA  . GLU A 1 20  ? -23.260 -20.453 -2.215  1.00 592.43 ? 374 GLU A CA  1 
ATOM 166  C C   . GLU A 1 20  ? -22.153 -21.323 -2.818  1.00 592.43 ? 374 GLU A C   1 
ATOM 167  O O   . GLU A 1 20  ? -21.581 -22.182 -2.133  1.00 592.43 ? 374 GLU A O   1 
ATOM 168  C CB  . GLU A 1 20  ? -24.640 -21.055 -2.481  1.00 592.43 ? 374 GLU A CB  1 
ATOM 169  C CG  . GLU A 1 20  ? -24.878 -22.426 -1.853  1.00 592.43 ? 374 GLU A CG  1 
ATOM 170  C CD  . GLU A 1 20  ? -24.526 -22.486 -0.374  1.00 592.43 ? 374 GLU A CD  1 
ATOM 171  O OE1 . GLU A 1 20  ? -23.334 -22.634 -0.039  1.00 592.43 ? 374 GLU A OE1 1 
ATOM 172  O OE2 . GLU A 1 20  ? -25.452 -22.388 0.458   1.00 592.43 ? 374 GLU A OE2 1 
ATOM 173  N N   . HIS A 1 21  ? -21.843 -21.117 -4.103  1.00 565.63 ? 375 HIS A N   1 
ATOM 174  C CA  . HIS A 1 21  ? -20.718 -21.802 -4.737  1.00 565.63 ? 375 HIS A CA  1 
ATOM 175  C C   . HIS A 1 21  ? -19.424 -21.554 -3.983  1.00 565.63 ? 375 HIS A C   1 
ATOM 176  O O   . HIS A 1 21  ? -18.649 -22.481 -3.737  1.00 565.63 ? 375 HIS A O   1 
ATOM 177  C CB  . HIS A 1 21  ? -20.563 -21.339 -6.189  1.00 565.63 ? 375 HIS A CB  1 
ATOM 178  C CG  . HIS A 1 21  ? -19.458 -22.026 -6.932  1.00 565.63 ? 375 HIS A CG  1 
ATOM 179  N ND1 . HIS A 1 21  ? -18.980 -21.567 -8.141  1.00 565.63 ? 375 HIS A ND1 1 
ATOM 180  C CD2 . HIS A 1 21  ? -18.728 -23.129 -6.636  1.00 565.63 ? 375 HIS A CD2 1 
ATOM 181  C CE1 . HIS A 1 21  ? -18.007 -22.359 -8.559  1.00 565.63 ? 375 HIS A CE1 1 
ATOM 182  N NE2 . HIS A 1 21  ? -17.836 -23.314 -7.663  1.00 565.63 ? 375 HIS A NE2 1 
ATOM 183  N N   . LEU A 1 22  ? -19.166 -20.301 -3.625  1.00 602.59 ? 376 LEU A N   1 
ATOM 184  C CA  . LEU A 1 22  ? -17.926 -19.994 -2.926  1.00 602.59 ? 376 LEU A CA  1 
ATOM 185  C C   . LEU A 1 22  ? -17.961 -20.505 -1.494  1.00 602.59 ? 376 LEU A C   1 
ATOM 186  O O   . LEU A 1 22  ? -16.919 -20.843 -0.928  1.00 602.59 ? 376 LEU A O   1 
ATOM 187  C CB  . LEU A 1 22  ? -17.637 -18.496 -2.981  1.00 602.59 ? 376 LEU A CB  1 
ATOM 188  C CG  . LEU A 1 22  ? -16.941 -18.010 -4.262  1.00 602.59 ? 376 LEU A CG  1 
ATOM 189  C CD1 . LEU A 1 22  ? -15.562 -18.640 -4.353  1.00 602.59 ? 376 LEU A CD1 1 
ATOM 190  C CD2 . LEU A 1 22  ? -17.727 -18.298 -5.540  1.00 602.59 ? 376 LEU A CD2 1 
ATOM 191  N N   . VAL A 1 23  ? -19.148 -20.601 -0.895  1.00 597.62 ? 377 VAL A N   1 
ATOM 192  C CA  . VAL A 1 23  ? -19.243 -21.302 0.384   1.00 597.62 ? 377 VAL A CA  1 
ATOM 193  C C   . VAL A 1 23  ? -18.797 -22.752 0.220   1.00 597.62 ? 377 VAL A C   1 
ATOM 194  O O   . VAL A 1 23  ? -18.033 -23.286 1.037   1.00 597.62 ? 377 VAL A O   1 
ATOM 195  C CB  . VAL A 1 23  ? -20.672 -21.202 0.946   1.00 597.62 ? 377 VAL A CB  1 
ATOM 196  C CG1 . VAL A 1 23  ? -20.867 -22.189 2.083   1.00 597.62 ? 377 VAL A CG1 1 
ATOM 197  C CG2 . VAL A 1 23  ? -20.956 -19.786 1.417   1.00 597.62 ? 377 VAL A CG2 1 
ATOM 198  N N   . ALA A 1 24  ? -19.243 -23.402 -0.857  1.00 620.18 ? 378 ALA A N   1 
ATOM 199  C CA  . ALA A 1 24  ? -18.819 -24.776 -1.125  1.00 620.18 ? 378 ALA A CA  1 
ATOM 200  C C   . ALA A 1 24  ? -17.322 -24.851 -1.409  1.00 620.18 ? 378 ALA A C   1 
ATOM 201  O O   . ALA A 1 24  ? -16.661 -25.837 -1.065  1.00 620.18 ? 378 ALA A O   1 
ATOM 202  C CB  . ALA A 1 24  ? -19.616 -25.354 -2.292  1.00 620.18 ? 378 ALA A CB  1 
ATOM 203  N N   . ILE A 1 25  ? -16.775 -23.826 -2.058  1.00 600.72 ? 379 ILE A N   1 
ATOM 204  C CA  . ILE A 1 25  ? -15.343 -23.802 -2.338  1.00 600.72 ? 379 ILE A CA  1 
ATOM 205  C C   . ILE A 1 25  ? -14.554 -23.637 -1.043  1.00 600.72 ? 379 ILE A C   1 
ATOM 206  O O   . ILE A 1 25  ? -13.497 -24.250 -0.852  1.00 600.72 ? 379 ILE A O   1 
ATOM 207  C CB  . ILE A 1 25  ? -15.025 -22.697 -3.362  1.00 600.72 ? 379 ILE A CB  1 
ATOM 208  C CG1 . ILE A 1 25  ? -15.687 -23.031 -4.701  1.00 600.72 ? 379 ILE A CG1 1 
ATOM 209  C CG2 . ILE A 1 25  ? -13.528 -22.542 -3.537  1.00 600.72 ? 379 ILE A CG2 1 
ATOM 210  C CD1 . ILE A 1 25  ? -15.517 -21.972 -5.755  1.00 600.72 ? 379 ILE A CD1 1 
ATOM 211  N N   . LEU A 1 26  ? -15.067 -22.823 -0.121  1.00 603.83 ? 380 LEU A N   1 
ATOM 212  C CA  . LEU A 1 26  ? -14.499 -22.774 1.222   1.00 603.83 ? 380 LEU A CA  1 
ATOM 213  C C   . LEU A 1 26  ? -14.512 -24.154 1.866   1.00 603.83 ? 380 LEU A C   1 
ATOM 214  O O   . LEU A 1 26  ? -13.512 -24.586 2.455   1.00 603.83 ? 380 LEU A O   1 
ATOM 215  C CB  . LEU A 1 26  ? -15.276 -21.772 2.080   1.00 603.83 ? 380 LEU A CB  1 
ATOM 216  C CG  . LEU A 1 26  ? -14.868 -21.593 3.547   1.00 603.83 ? 380 LEU A CG  1 
ATOM 217  C CD1 . LEU A 1 26  ? -13.470 -21.010 3.674   1.00 603.83 ? 380 LEU A CD1 1 
ATOM 218  C CD2 . LEU A 1 26  ? -15.882 -20.732 4.294   1.00 603.83 ? 380 LEU A CD2 1 
ATOM 219  N N   . ALA A 1 27  ? -15.635 -24.865 1.748   1.00 621.73 ? 381 ALA A N   1 
ATOM 220  C CA  . ALA A 1 27  ? -15.732 -26.204 2.324   1.00 621.73 ? 381 ALA A CA  1 
ATOM 221  C C   . ALA A 1 27  ? -14.692 -27.145 1.727   1.00 621.73 ? 381 ALA A C   1 
ATOM 222  O O   . ALA A 1 27  ? -14.063 -27.928 2.448   1.00 621.73 ? 381 ALA A O   1 
ATOM 223  C CB  . ALA A 1 27  ? -17.138 -26.764 2.118   1.00 621.73 ? 381 ALA A CB  1 
ATOM 224  N N   . GLU A 1 28  ? -14.506 -27.091 0.409   1.00 608.72 ? 382 GLU A N   1 
ATOM 225  C CA  . GLU A 1 28  ? -13.516 -27.959 -0.222  1.00 608.72 ? 382 GLU A CA  1 
ATOM 226  C C   . GLU A 1 28  ? -12.101 -27.516 0.135   1.00 608.72 ? 382 GLU A C   1 
ATOM 227  O O   . GLU A 1 28  ? -11.145 -28.289 0.003   1.00 608.72 ? 382 GLU A O   1 
ATOM 228  C CB  . GLU A 1 28  ? -13.725 -27.983 -1.738  1.00 608.72 ? 382 GLU A CB  1 
ATOM 229  C CG  . GLU A 1 28  ? -13.340 -26.705 -2.458  1.00 608.72 ? 382 GLU A CG  1 
ATOM 230  C CD  . GLU A 1 28  ? -13.923 -26.607 -3.854  1.00 608.72 ? 382 GLU A CD  1 
ATOM 231  O OE1 . GLU A 1 28  ? -14.676 -27.520 -4.250  1.00 608.72 ? 382 GLU A OE1 1 
ATOM 232  O OE2 . GLU A 1 28  ? -13.632 -25.613 -4.552  1.00 608.72 ? 382 GLU A OE2 1 
ATOM 233  N N   . GLY A 1 29  ? -11.949 -26.270 0.591   1.00 535.49 ? 383 GLY A N   1 
ATOM 234  C CA  . GLY A 1 29  ? -10.626 -25.786 0.951   1.00 535.49 ? 383 GLY A CA  1 
ATOM 235  C C   . GLY A 1 29  ? -10.216 -26.118 2.375   1.00 535.49 ? 383 GLY A C   1 
ATOM 236  O O   . GLY A 1 29  ? -9.030  -26.308 2.654   1.00 535.49 ? 383 GLY A O   1 
ATOM 237  N N   . VAL A 1 30  ? -11.184 -26.181 3.297   1.00 441.29 ? 384 VAL A N   1 
ATOM 238  C CA  . VAL A 1 30  ? -10.840 -26.229 4.722   1.00 441.29 ? 384 VAL A CA  1 
ATOM 239  C C   . VAL A 1 30  ? -9.968  -27.439 5.043   1.00 441.29 ? 384 VAL A C   1 
ATOM 240  O O   . VAL A 1 30  ? -8.976  -27.325 5.772   1.00 441.29 ? 384 VAL A O   1 
ATOM 241  C CB  . VAL A 1 30  ? -12.105 -26.194 5.604   1.00 441.29 ? 384 VAL A CB  1 
ATOM 242  C CG1 . VAL A 1 30  ? -12.851 -24.889 5.420   1.00 441.29 ? 384 VAL A CG1 1 
ATOM 243  C CG2 . VAL A 1 30  ? -13.016 -27.374 5.318   1.00 441.29 ? 384 VAL A CG2 1 
ATOM 244  N N   . THR A 1 31  ? -10.310 -28.605 4.512   1.00 449.88 ? 385 THR A N   1 
ATOM 245  C CA  . THR A 1 31  ? -9.591  -29.817 4.879   1.00 449.88 ? 385 THR A CA  1 
ATOM 246  C C   . THR A 1 31  ? -8.934  -30.471 3.673   1.00 449.88 ? 385 THR A C   1 
ATOM 247  O O   . THR A 1 31  ? -7.768  -30.211 3.381   1.00 449.88 ? 385 THR A O   1 
ATOM 248  C CB  . THR A 1 31  ? -10.524 -30.826 5.566   1.00 449.88 ? 385 THR A CB  1 
ATOM 249  O OG1 . THR A 1 31  ? -11.609 -31.151 4.691   1.00 449.88 ? 385 THR A OG1 1 
ATOM 250  C CG2 . THR A 1 31  ? -11.073 -30.243 6.855   1.00 449.88 ? 385 THR A CG2 1 
ATOM 251  N N   . ALA A 1 70  ? -0.033  -27.836 1.854   1.00 675.18 ? 424 ALA A N   1 
ATOM 252  C CA  . ALA A 1 70  ? 1.138   -27.710 0.996   1.00 675.18 ? 424 ALA A CA  1 
ATOM 253  C C   . ALA A 1 70  ? 1.719   -26.302 1.077   1.00 675.18 ? 424 ALA A C   1 
ATOM 254  O O   . ALA A 1 70  ? 1.134   -25.421 1.708   1.00 675.18 ? 424 ALA A O   1 
ATOM 255  C CB  . ALA A 1 70  ? 0.785   -28.059 -0.437  1.00 675.18 ? 424 ALA A CB  1 
ATOM 256  N N   . GLU A 1 71  ? 2.878   -26.096 0.439   1.00 681.43 ? 425 GLU A N   1 
ATOM 257  C CA  . GLU A 1 71  ? 3.538   -24.798 0.521   1.00 681.43 ? 425 GLU A CA  1 
ATOM 258  C C   . GLU A 1 71  ? 2.709   -23.718 -0.161  1.00 681.43 ? 425 GLU A C   1 
ATOM 259  O O   . GLU A 1 71  ? 2.599   -22.595 0.345   1.00 681.43 ? 425 GLU A O   1 
ATOM 260  C CB  . GLU A 1 71  ? 4.950   -24.868 -0.079  1.00 681.43 ? 425 GLU A CB  1 
ATOM 261  C CG  . GLU A 1 71  ? 5.069   -24.801 -1.609  1.00 681.43 ? 425 GLU A CG  1 
ATOM 262  C CD  . GLU A 1 71  ? 4.637   -26.073 -2.315  1.00 681.43 ? 425 GLU A CD  1 
ATOM 263  O OE1 . GLU A 1 71  ? 4.475   -27.111 -1.642  1.00 681.43 ? 425 GLU A OE1 1 
ATOM 264  O OE2 . GLU A 1 71  ? 4.469   -26.035 -3.552  1.00 681.43 ? 425 GLU A OE2 1 
ATOM 265  N N   . LEU A 1 72  ? 2.109   -24.042 -1.307  1.00 597.05 ? 426 LEU A N   1 
ATOM 266  C CA  . LEU A 1 72  ? 1.295   -23.061 -2.014  1.00 597.05 ? 426 LEU A CA  1 
ATOM 267  C C   . LEU A 1 72  ? -0.170  -23.180 -1.613  1.00 597.05 ? 426 LEU A C   1 
ATOM 268  O O   . LEU A 1 72  ? -0.971  -22.275 -1.879  1.00 597.05 ? 426 LEU A O   1 
ATOM 269  C CB  . LEU A 1 72  ? 1.482   -23.237 -3.520  1.00 597.05 ? 426 LEU A CB  1 
ATOM 270  C CG  . LEU A 1 72  ? 2.944   -23.129 -3.974  1.00 597.05 ? 426 LEU A CG  1 
ATOM 271  C CD1 . LEU A 1 72  ? 3.094   -23.434 -5.454  1.00 597.05 ? 426 LEU A CD1 1 
ATOM 272  C CD2 . LEU A 1 72  ? 3.524   -21.760 -3.647  1.00 597.05 ? 426 LEU A CD2 1 
ATOM 273  N N   . GLN A 1 73  ? -0.538  -24.292 -0.968  1.00 580.92 ? 427 GLN A N   1 
ATOM 274  C CA  . GLN A 1 73  ? -1.897  -24.442 -0.457  1.00 580.92 ? 427 GLN A CA  1 
ATOM 275  C C   . GLN A 1 73  ? -2.203  -23.394 0.604   1.00 580.92 ? 427 GLN A C   1 
ATOM 276  O O   . GLN A 1 73  ? -3.282  -22.791 0.600   1.00 580.92 ? 427 GLN A O   1 
ATOM 277  C CB  . GLN A 1 73  ? -2.090  -25.849 0.114   1.00 580.92 ? 427 GLN A CB  1 
ATOM 278  C CG  . GLN A 1 73  ? -3.388  -26.043 0.883   1.00 580.92 ? 427 GLN A CG  1 
ATOM 279  C CD  . GLN A 1 73  ? -3.943  -27.447 0.740   1.00 580.92 ? 427 GLN A CD  1 
ATOM 280  O OE1 . GLN A 1 73  ? -3.221  -28.379 0.388   1.00 580.92 ? 427 GLN A OE1 1 
ATOM 281  N NE2 . GLN A 1 73  ? -5.233  -27.605 1.015   1.00 580.92 ? 427 GLN A NE2 1 
ATOM 282  N N   . THR A 1 74  ? -1.258  -23.161 1.516   1.00 580.98 ? 428 THR A N   1 
ATOM 283  C CA  . THR A 1 74  ? -1.457  -22.149 2.545   1.00 580.98 ? 428 THR A CA  1 
ATOM 284  C C   . THR A 1 74  ? -1.682  -20.779 1.923   1.00 580.98 ? 428 THR A C   1 
ATOM 285  O O   . THR A 1 74  ? -2.536  -20.009 2.380   1.00 580.98 ? 428 THR A O   1 
ATOM 286  C CB  . THR A 1 74  ? -0.251  -22.121 3.485   1.00 580.98 ? 428 THR A CB  1 
ATOM 287  O OG1 . THR A 1 74  ? -0.016  -23.436 4.000   1.00 580.98 ? 428 THR A OG1 1 
ATOM 288  C CG2 . THR A 1 74  ? -0.500  -21.171 4.640   1.00 580.98 ? 428 THR A CG2 1 
ATOM 289  N N   . ARG A 1 75  ? -0.927  -20.461 0.871   1.00 582.10 ? 429 ARG A N   1 
ATOM 290  C CA  . ARG A 1 75  ? -1.086  -19.174 0.206   1.00 582.10 ? 429 ARG A CA  1 
ATOM 291  C C   . ARG A 1 75  ? -2.432  -19.079 -0.500  1.00 582.10 ? 429 ARG A C   1 
ATOM 292  O O   . ARG A 1 75  ? -3.125  -18.058 -0.396  1.00 582.10 ? 429 ARG A O   1 
ATOM 293  C CB  . ARG A 1 75  ? 0.070   -18.956 -0.771  1.00 582.10 ? 429 ARG A CB  1 
ATOM 294  C CG  . ARG A 1 75  ? -0.023  -17.704 -1.636  1.00 582.10 ? 429 ARG A CG  1 
ATOM 295  C CD  . ARG A 1 75  ? -0.505  -18.003 -3.045  1.00 582.10 ? 429 ARG A CD  1 
ATOM 296  N NE  . ARG A 1 75  ? -0.775  -16.775 -3.791  1.00 582.10 ? 429 ARG A NE  1 
ATOM 297  C CZ  . ARG A 1 75  ? -1.026  -16.725 -5.095  1.00 582.10 ? 429 ARG A CZ  1 
ATOM 298  N NH1 . ARG A 1 75  ? -1.263  -15.560 -5.684  1.00 582.10 ? 429 ARG A NH1 1 
ATOM 299  N NH2 . ARG A 1 75  ? -1.053  -17.842 -5.809  1.00 582.10 ? 429 ARG A NH2 1 
ATOM 300  N N   . LYS A 1 76  ? -2.823  -20.138 -1.214  1.00 579.93 ? 430 LYS A N   1 
ATOM 301  C CA  . LYS A 1 76  ? -4.086  -20.089 -1.938  1.00 579.93 ? 430 LYS A CA  1 
ATOM 302  C C   . LYS A 1 76  ? -5.257  -19.996 -0.972  1.00 579.93 ? 430 LYS A C   1 
ATOM 303  O O   . LYS A 1 76  ? -6.304  -19.433 -1.309  1.00 579.93 ? 430 LYS A O   1 
ATOM 304  C CB  . LYS A 1 76  ? -4.233  -21.297 -2.868  1.00 579.93 ? 430 LYS A CB  1 
ATOM 305  C CG  . LYS A 1 76  ? -4.643  -22.621 -2.231  1.00 579.93 ? 430 LYS A CG  1 
ATOM 306  C CD  . LYS A 1 76  ? -4.879  -23.656 -3.335  1.00 579.93 ? 430 LYS A CD  1 
ATOM 307  C CE  . LYS A 1 76  ? -5.543  -24.935 -2.841  1.00 579.93 ? 430 LYS A CE  1 
ATOM 308  N NZ  . LYS A 1 76  ? -4.630  -25.779 -2.032  1.00 579.93 ? 430 LYS A NZ  1 
ATOM 309  N N   . LEU A 1 77  ? -5.092  -20.518 0.244   1.00 672.15 ? 431 LEU A N   1 
ATOM 310  C CA  . LEU A 1 77  ? -6.131  -20.338 1.251   1.00 672.15 ? 431 LEU A CA  1 
ATOM 311  C C   . LEU A 1 77  ? -6.372  -18.861 1.536   1.00 672.15 ? 431 LEU A C   1 
ATOM 312  O O   . LEU A 1 77  ? -7.509  -18.380 1.428   1.00 672.15 ? 431 LEU A O   1 
ATOM 313  C CB  . LEU A 1 77  ? -5.753  -21.078 2.532   1.00 672.15 ? 431 LEU A CB  1 
ATOM 314  C CG  . LEU A 1 77  ? -5.738  -22.605 2.427   1.00 672.15 ? 431 LEU A CG  1 
ATOM 315  C CD1 . LEU A 1 77  ? -5.069  -23.228 3.639   1.00 672.15 ? 431 LEU A CD1 1 
ATOM 316  C CD2 . LEU A 1 77  ? -7.150  -23.147 2.251   1.00 672.15 ? 431 LEU A CD2 1 
ATOM 317  N N   . GLY A 1 78  ? -5.311  -18.128 1.888   1.00 656.42 ? 432 GLY A N   1 
ATOM 318  C CA  . GLY A 1 78  ? -5.458  -16.705 2.135   1.00 656.42 ? 432 GLY A CA  1 
ATOM 319  C C   . GLY A 1 78  ? -6.013  -15.975 0.932   1.00 656.42 ? 432 GLY A C   1 
ATOM 320  O O   . GLY A 1 78  ? -6.870  -15.096 1.069   1.00 656.42 ? 432 GLY A O   1 
ATOM 321  N N   . ASP A 1 79  ? -5.540  -16.341 -0.266  1.00 645.90 ? 433 ASP A N   1 
ATOM 322  C CA  . ASP A 1 79  ? -6.107  -15.768 -1.483  1.00 645.90 ? 433 ASP A CA  1 
ATOM 323  C C   . ASP A 1 79  ? -7.611  -15.961 -1.526  1.00 645.90 ? 433 ASP A C   1 
ATOM 324  O O   . ASP A 1 79  ? -8.353  -15.032 -1.867  1.00 645.90 ? 433 ASP A O   1 
ATOM 325  C CB  . ASP A 1 79  ? -5.474  -16.386 -2.722  1.00 645.90 ? 433 ASP A CB  1 
ATOM 326  C CG  . ASP A 1 79  ? -3.981  -16.403 -2.656  1.00 645.90 ? 433 ASP A CG  1 
ATOM 327  O OD1 . ASP A 1 79  ? -3.385  -17.197 -3.399  1.00 645.90 ? 433 ASP A OD1 1 
ATOM 328  O OD2 . ASP A 1 79  ? -3.406  -15.635 -1.859  1.00 645.90 ? 433 ASP A OD2 1 
ATOM 329  N N   . LEU A 1 80  ? -8.073  -17.160 -1.176  1.00 738.53 ? 434 LEU A N   1 
ATOM 330  C CA  . LEU A 1 80  ? -9.503  -17.429 -1.170  1.00 738.53 ? 434 LEU A CA  1 
ATOM 331  C C   . LEU A 1 80  ? -10.229 -16.540 -0.175  1.00 738.53 ? 434 LEU A C   1 
ATOM 332  O O   . LEU A 1 80  ? -11.028 -15.681 -0.562  1.00 738.53 ? 434 LEU A O   1 
ATOM 333  C CB  . LEU A 1 80  ? -9.753  -18.900 -0.842  1.00 738.53 ? 434 LEU A CB  1 
ATOM 334  C CG  . LEU A 1 80  ? -9.585  -19.890 -1.994  1.00 738.53 ? 434 LEU A CG  1 
ATOM 335  C CD1 . LEU A 1 80  ? -9.472  -21.322 -1.481  1.00 738.53 ? 434 LEU A CD1 1 
ATOM 336  C CD2 . LEU A 1 80  ? -10.746 -19.753 -2.970  1.00 738.53 ? 434 LEU A CD2 1 
ATOM 337  N N   . TYR A 1 81  ? -9.951  -16.715 1.109   1.00 646.87 ? 435 TYR A N   1 
ATOM 338  C CA  . TYR A 1 81  ? -10.727 -16.004 2.117   1.00 646.87 ? 435 TYR A CA  1 
ATOM 339  C C   . TYR A 1 81  ? -10.275 -14.575 2.374   1.00 646.87 ? 435 TYR A C   1 
ATOM 340  O O   . TYR A 1 81  ? -10.593 -14.039 3.440   1.00 646.87 ? 435 TYR A O   1 
ATOM 341  C CB  . TYR A 1 81  ? -10.799 -16.768 3.444   1.00 646.87 ? 435 TYR A CB  1 
ATOM 342  C CG  . TYR A 1 81  ? -9.477  -17.088 4.044   1.00 646.87 ? 435 TYR A CG  1 
ATOM 343  C CD1 . TYR A 1 81  ? -8.915  -18.331 3.853   1.00 646.87 ? 435 TYR A CD1 1 
ATOM 344  C CD2 . TYR A 1 81  ? -8.727  -16.119 4.679   1.00 646.87 ? 435 TYR A CD2 1 
ATOM 345  C CE1 . TYR A 1 81  ? -7.696  -18.637 4.368   1.00 646.87 ? 435 TYR A CE1 1 
ATOM 346  C CE2 . TYR A 1 81  ? -7.494  -16.407 5.170   1.00 646.87 ? 435 TYR A CE2 1 
ATOM 347  C CZ  . TYR A 1 81  ? -6.981  -17.671 5.012   1.00 646.87 ? 435 TYR A CZ  1 
ATOM 348  O OH  . TYR A 1 81  ? -5.750  -17.988 5.508   1.00 646.87 ? 435 TYR A OH  1 
ATOM 349  N N   . PHE A 1 82  ? -9.547  -13.934 1.454   1.00 701.86 ? 436 PHE A N   1 
ATOM 350  C CA  . PHE A 1 82  ? -9.718  -12.484 1.384   1.00 701.86 ? 436 PHE A CA  1 
ATOM 351  C C   . PHE A 1 82  ? -11.193 -12.136 1.302   1.00 701.86 ? 436 PHE A C   1 
ATOM 352  O O   . PHE A 1 82  ? -11.697 -11.322 2.085   1.00 701.86 ? 436 PHE A O   1 
ATOM 353  C CB  . PHE A 1 82  ? -8.997  -11.843 0.195   1.00 701.86 ? 436 PHE A CB  1 
ATOM 354  C CG  . PHE A 1 82  ? -7.508  -11.883 0.265   1.00 701.86 ? 436 PHE A CG  1 
ATOM 355  C CD1 . PHE A 1 82  ? -6.831  -10.963 1.040   1.00 701.86 ? 436 PHE A CD1 1 
ATOM 356  C CD2 . PHE A 1 82  ? -6.780  -12.719 -0.551  1.00 701.86 ? 436 PHE A CD2 1 
ATOM 357  C CE1 . PHE A 1 82  ? -5.459  -10.951 1.088   1.00 701.86 ? 436 PHE A CE1 1 
ATOM 358  C CE2 . PHE A 1 82  ? -5.396  -12.711 -0.507  1.00 701.86 ? 436 PHE A CE2 1 
ATOM 359  C CZ  . PHE A 1 82  ? -4.737  -11.829 0.310   1.00 701.86 ? 436 PHE A CZ  1 
ATOM 360  N N   . MET A 1 83  ? -11.906 -12.770 0.374   1.00 704.70 ? 437 MET A N   1 
ATOM 361  C CA  . MET A 1 83  ? -13.310 -12.449 0.168   1.00 704.70 ? 437 MET A CA  1 
ATOM 362  C C   . MET A 1 83  ? -14.158 -12.905 1.348   1.00 704.70 ? 437 MET A C   1 
ATOM 363  O O   . MET A 1 83  ? -15.072 -12.191 1.778   1.00 704.70 ? 437 MET A O   1 
ATOM 364  C CB  . MET A 1 83  ? -13.793 -13.083 -1.133  1.00 704.70 ? 437 MET A CB  1 
ATOM 365  C CG  . MET A 1 83  ? -13.330 -12.334 -2.379  1.00 704.70 ? 437 MET A CG  1 
ATOM 366  S SD  . MET A 1 83  ? -11.575 -12.560 -2.730  1.00 704.70 ? 437 MET A SD  1 
ATOM 367  C CE  . MET A 1 83  ? -11.559 -14.238 -3.353  1.00 704.70 ? 437 MET A CE  1 
ATOM 368  N N   . PHE A 1 84  ? -13.868 -14.086 1.891   1.00 625.35 ? 438 PHE A N   1 
ATOM 369  C CA  . PHE A 1 84  ? -14.672 -14.623 2.981   1.00 625.35 ? 438 PHE A CA  1 
ATOM 370  C C   . PHE A 1 84  ? -14.493 -13.857 4.283   1.00 625.35 ? 438 PHE A C   1 
ATOM 371  O O   . PHE A 1 84  ? -15.353 -13.963 5.163   1.00 625.35 ? 438 PHE A O   1 
ATOM 372  C CB  . PHE A 1 84  ? -14.344 -16.097 3.191   1.00 625.35 ? 438 PHE A CB  1 
ATOM 373  C CG  . PHE A 1 84  ? -14.707 -16.955 2.023   1.00 625.35 ? 438 PHE A CG  1 
ATOM 374  C CD1 . PHE A 1 84  ? -16.034 -17.186 1.700   1.00 625.35 ? 438 PHE A CD1 1 
ATOM 375  C CD2 . PHE A 1 84  ? -13.724 -17.509 1.230   1.00 625.35 ? 438 PHE A CD2 1 
ATOM 376  C CE1 . PHE A 1 84  ? -16.364 -17.969 0.617   1.00 625.35 ? 438 PHE A CE1 1 
ATOM 377  C CE2 . PHE A 1 84  ? -14.048 -18.289 0.150   1.00 625.35 ? 438 PHE A CE2 1 
ATOM 378  C CZ  . PHE A 1 84  ? -15.366 -18.517 -0.159  1.00 625.35 ? 438 PHE A CZ  1 
ATOM 379  N N   . GLY A 1 85  ? -13.418 -13.091 4.425   1.00 616.72 ? 439 GLY A N   1 
ATOM 380  C CA  . GLY A 1 85  ? -13.218 -12.293 5.615   1.00 616.72 ? 439 GLY A CA  1 
ATOM 381  C C   . GLY A 1 85  ? -12.668 -13.033 6.811   1.00 616.72 ? 439 GLY A C   1 
ATOM 382  O O   . GLY A 1 85  ? -12.696 -12.489 7.921   1.00 616.72 ? 439 GLY A O   1 
ATOM 383  N N   . HIS A 1 86  ? -12.164 -14.252 6.627   1.00 516.84 ? 440 HIS A N   1 
ATOM 384  C CA  . HIS A 1 86  ? -11.573 -15.015 7.724   1.00 516.84 ? 440 HIS A CA  1 
ATOM 385  C C   . HIS A 1 86  ? -10.195 -14.442 8.061   1.00 516.84 ? 440 HIS A C   1 
ATOM 386  O O   . HIS A 1 86  ? -9.144  -14.948 7.659   1.00 516.84 ? 440 HIS A O   1 
ATOM 387  C CB  . HIS A 1 86  ? -11.500 -16.490 7.367   1.00 516.84 ? 440 HIS A CB  1 
ATOM 388  C CG  . HIS A 1 86  ? -12.798 -17.222 7.519   1.00 516.84 ? 440 HIS A CG  1 
ATOM 389  N ND1 . HIS A 1 86  ? -13.277 -17.634 8.745   1.00 516.84 ? 440 HIS A ND1 1 
ATOM 390  C CD2 . HIS A 1 86  ? -13.712 -17.623 6.604   1.00 516.84 ? 440 HIS A CD2 1 
ATOM 391  C CE1 . HIS A 1 86  ? -14.429 -18.257 8.578   1.00 516.84 ? 440 HIS A CE1 1 
ATOM 392  N NE2 . HIS A 1 86  ? -14.716 -18.262 7.289   1.00 516.84 ? 440 HIS A NE2 1 
ATOM 393  N N   . TYR A 1 87  ? -10.228 -13.341 8.817   1.00 457.45 ? 441 TYR A N   1 
ATOM 394  C CA  . TYR A 1 87  ? -9.003  -12.723 9.315   1.00 457.45 ? 441 TYR A CA  1 
ATOM 395  C C   . TYR A 1 87  ? -8.211  -13.693 10.178  1.00 457.45 ? 441 TYR A C   1 
ATOM 396  O O   . TYR A 1 87  ? -6.985  -13.793 10.049  1.00 457.45 ? 441 TYR A O   1 
ATOM 397  C CB  . TYR A 1 87  ? -9.340  -11.471 10.128  1.00 457.45 ? 441 TYR A CB  1 
ATOM 398  C CG  . TYR A 1 87  ? -10.339 -11.717 11.243  1.00 457.45 ? 441 TYR A CG  1 
ATOM 399  C CD1 . TYR A 1 87  ? -9.943  -11.668 12.571  1.00 457.45 ? 441 TYR A CD1 1 
ATOM 400  C CD2 . TYR A 1 87  ? -11.680 -11.962 10.971  1.00 457.45 ? 441 TYR A CD2 1 
ATOM 401  C CE1 . TYR A 1 87  ? -10.847 -11.885 13.594  1.00 457.45 ? 441 TYR A CE1 1 
ATOM 402  C CE2 . TYR A 1 87  ? -12.587 -12.181 11.983  1.00 457.45 ? 441 TYR A CE2 1 
ATOM 403  C CZ  . TYR A 1 87  ? -12.167 -12.139 13.294  1.00 457.45 ? 441 TYR A CZ  1 
ATOM 404  O OH  . TYR A 1 87  ? -13.069 -12.352 14.308  1.00 457.45 ? 441 TYR A OH  1 
ATOM 405  N N   . ASN A 1 88  ? -8.898  -14.404 11.074  1.00 484.64 ? 442 ASN A N   1 
ATOM 406  C CA  . ASN A 1 88  ? -8.257  -15.451 11.861  1.00 484.64 ? 442 ASN A CA  1 
ATOM 407  C C   . ASN A 1 88  ? -7.541  -16.448 10.963  1.00 484.64 ? 442 ASN A C   1 
ATOM 408  O O   . ASN A 1 88  ? -6.421  -16.886 11.264  1.00 484.64 ? 442 ASN A O   1 
ATOM 409  C CB  . ASN A 1 88  ? -9.308  -16.156 12.720  1.00 484.64 ? 442 ASN A CB  1 
ATOM 410  C CG  . ASN A 1 88  ? -10.546 -16.544 11.922  1.00 484.64 ? 442 ASN A CG  1 
ATOM 411  O OD1 . ASN A 1 88  ? -10.612 -16.330 10.711  1.00 484.64 ? 442 ASN A OD1 1 
ATOM 412  N ND2 . ASN A 1 88  ? -11.536 -17.114 12.600  1.00 484.64 ? 442 ASN A ND2 1 
ATOM 413  N N   . LEU A 1 89  ? -8.167  -16.809 9.844   1.00 534.54 ? 443 LEU A N   1 
ATOM 414  C CA  . LEU A 1 89  ? -7.500  -17.704 8.911   1.00 534.54 ? 443 LEU A CA  1 
ATOM 415  C C   . LEU A 1 89  ? -6.330  -17.009 8.229   1.00 534.54 ? 443 LEU A C   1 
ATOM 416  O O   . LEU A 1 89  ? -5.286  -17.624 8.016   1.00 534.54 ? 443 LEU A O   1 
ATOM 417  C CB  . LEU A 1 89  ? -8.497  -18.257 7.892   1.00 534.54 ? 443 LEU A CB  1 
ATOM 418  C CG  . LEU A 1 89  ? -9.583  -19.176 8.465   1.00 534.54 ? 443 LEU A CG  1 
ATOM 419  C CD1 . LEU A 1 89  ? -10.457 -19.772 7.362   1.00 534.54 ? 443 LEU A CD1 1 
ATOM 420  C CD2 . LEU A 1 89  ? -8.989  -20.262 9.343   1.00 534.54 ? 443 LEU A CD2 1 
ATOM 421  N N   . ALA A 1 90  ? -6.468  -15.723 7.894   1.00 495.20 ? 444 ALA A N   1 
ATOM 422  C CA  . ALA A 1 90  ? -5.326  -14.991 7.346   1.00 495.20 ? 444 ALA A CA  1 
ATOM 423  C C   . ALA A 1 90  ? -4.240  -14.818 8.397   1.00 495.20 ? 444 ALA A C   1 
ATOM 424  O O   . ALA A 1 90  ? -3.040  -14.858 8.086   1.00 495.20 ? 444 ALA A O   1 
ATOM 425  C CB  . ALA A 1 90  ? -5.778  -13.635 6.806   1.00 495.20 ? 444 ALA A CB  1 
ATOM 426  N N   . PHE A 1 91  ? -4.659  -14.587 9.644   1.00 456.99 ? 445 PHE A N   1 
ATOM 427  C CA  . PHE A 1 91  ? -3.759  -14.622 10.791  1.00 456.99 ? 445 PHE A CA  1 
ATOM 428  C C   . PHE A 1 91  ? -2.864  -15.853 10.749  1.00 456.99 ? 445 PHE A C   1 
ATOM 429  O O   . PHE A 1 91  ? -1.641  -15.758 10.527  1.00 456.99 ? 445 PHE A O   1 
ATOM 430  C CB  . PHE A 1 91  ? -4.619  -14.609 12.056  1.00 456.99 ? 445 PHE A CB  1 
ATOM 431  C CG  . PHE A 1 91  ? -3.860  -14.598 13.343  1.00 456.99 ? 445 PHE A CG  1 
ATOM 432  C CD1 . PHE A 1 91  ? -3.254  -13.443 13.795  1.00 456.99 ? 445 PHE A CD1 1 
ATOM 433  C CD2 . PHE A 1 91  ? -3.800  -15.734 14.132  1.00 456.99 ? 445 PHE A CD2 1 
ATOM 434  C CE1 . PHE A 1 91  ? -2.578  -13.424 15.000  1.00 456.99 ? 445 PHE A CE1 1 
ATOM 435  C CE2 . PHE A 1 91  ? -3.121  -15.726 15.335  1.00 456.99 ? 445 PHE A CE2 1 
ATOM 436  C CZ  . PHE A 1 91  ? -2.509  -14.567 15.770  1.00 456.99 ? 445 PHE A CZ  1 
ATOM 437  N N   . GLN A 1 92  ? -3.471  -17.030 10.877  1.00 454.20 ? 446 GLN A N   1 
ATOM 438  C CA  . GLN A 1 92  ? -2.683  -18.252 10.888  1.00 454.20 ? 446 GLN A CA  1 
ATOM 439  C C   . GLN A 1 92  ? -2.046  -18.500 9.528   1.00 454.20 ? 446 GLN A C   1 
ATOM 440  O O   . GLN A 1 92  ? -1.072  -19.249 9.420   1.00 454.20 ? 446 GLN A O   1 
ATOM 441  C CB  . GLN A 1 92  ? -3.564  -19.425 11.315  1.00 454.20 ? 446 GLN A CB  1 
ATOM 442  C CG  . GLN A 1 92  ? -4.450  -19.125 12.530  1.00 454.20 ? 446 GLN A CG  1 
ATOM 443  C CD  . GLN A 1 92  ? -3.688  -19.106 13.851  1.00 454.20 ? 446 GLN A CD  1 
ATOM 444  O OE1 . GLN A 1 92  ? -2.636  -18.478 13.973  1.00 454.20 ? 446 GLN A OE1 1 
ATOM 445  N NE2 . GLN A 1 92  ? -4.229  -19.792 14.850  1.00 454.20 ? 446 GLN A NE2 1 
ATOM 446  N N   . SER A 1 93  ? -2.556  -17.848 8.481   1.00 505.13 ? 447 SER A N   1 
ATOM 447  C CA  . SER A 1 93  ? -1.997  -18.036 7.151   1.00 505.13 ? 447 SER A CA  1 
ATOM 448  C C   . SER A 1 93  ? -0.612  -17.431 7.047   1.00 505.13 ? 447 SER A C   1 
ATOM 449  O O   . SER A 1 93  ? 0.332   -18.104 6.622   1.00 505.13 ? 447 SER A O   1 
ATOM 450  C CB  . SER A 1 93  ? -2.914  -17.424 6.100   1.00 505.13 ? 447 SER A CB  1 
ATOM 451  O OG  . SER A 1 93  ? -2.324  -17.497 4.816   1.00 505.13 ? 447 SER A OG  1 
ATOM 452  N N   . TYR A 1 94  ? -0.459  -16.164 7.436   1.00 469.11 ? 448 TYR A N   1 
ATOM 453  C CA  . TYR A 1 94  ? 0.882   -15.595 7.378   1.00 469.11 ? 448 TYR A CA  1 
ATOM 454  C C   . TYR A 1 94  ? 1.764   -16.237 8.438   1.00 469.11 ? 448 TYR A C   1 
ATOM 455  O O   . TYR A 1 94  ? 2.987   -16.349 8.261   1.00 469.11 ? 448 TYR A O   1 
ATOM 456  C CB  . TYR A 1 94  ? 0.896   -14.077 7.550   1.00 469.11 ? 448 TYR A CB  1 
ATOM 457  C CG  . TYR A 1 94  ? 0.432   -13.551 8.880   1.00 469.11 ? 448 TYR A CG  1 
ATOM 458  C CD1 . TYR A 1 94  ? -0.882  -13.199 9.093   1.00 469.11 ? 448 TYR A CD1 1 
ATOM 459  C CD2 . TYR A 1 94  ? 1.329   -13.405 9.929   1.00 469.11 ? 448 TYR A CD2 1 
ATOM 460  C CE1 . TYR A 1 94  ? -1.287  -12.697 10.308  1.00 469.11 ? 448 TYR A CE1 1 
ATOM 461  C CE2 . TYR A 1 94  ? 0.930   -12.923 11.145  1.00 469.11 ? 448 TYR A CE2 1 
ATOM 462  C CZ  . TYR A 1 94  ? -0.382  -12.572 11.331  1.00 469.11 ? 448 TYR A CZ  1 
ATOM 463  O OH  . TYR A 1 94  ? -0.784  -12.087 12.550  1.00 469.11 ? 448 TYR A OH  1 
ATOM 464  N N   . HIS A 1 95  ? 1.162   -16.689 9.545   1.00 478.97 ? 449 HIS A N   1 
ATOM 465  C CA  . HIS A 1 95  ? 1.957   -17.478 10.482  1.00 478.97 ? 449 HIS A CA  1 
ATOM 466  C C   . HIS A 1 95  ? 2.568   -18.694 9.807   1.00 478.97 ? 449 HIS A C   1 
ATOM 467  O O   . HIS A 1 95  ? 3.788   -18.866 9.811   1.00 478.97 ? 449 HIS A O   1 
ATOM 468  C CB  . HIS A 1 95  ? 1.128   -17.894 11.688  1.00 478.97 ? 449 HIS A CB  1 
ATOM 469  C CG  . HIS A 1 95  ? 0.716   -16.745 12.543  1.00 478.97 ? 449 HIS A CG  1 
ATOM 470  N ND1 . HIS A 1 95  ? -0.440  -16.034 12.324  1.00 478.97 ? 449 HIS A ND1 1 
ATOM 471  C CD2 . HIS A 1 95  ? 1.309   -16.187 13.625  1.00 478.97 ? 449 HIS A CD2 1 
ATOM 472  C CE1 . HIS A 1 95  ? -0.540  -15.082 13.232  1.00 478.97 ? 449 HIS A CE1 1 
ATOM 473  N NE2 . HIS A 1 95  ? 0.505   -15.154 14.036  1.00 478.97 ? 449 HIS A NE2 1 
ATOM 474  N N   . GLN A 1 96  ? 1.748   -19.529 9.185   1.00 474.76 ? 450 GLN A N   1 
ATOM 475  C CA  . GLN A 1 96  ? 2.312   -20.707 8.544   1.00 474.76 ? 450 GLN A CA  1 
ATOM 476  C C   . GLN A 1 96  ? 3.254   -20.299 7.422   1.00 474.76 ? 450 GLN A C   1 
ATOM 477  O O   . GLN A 1 96  ? 4.233   -20.996 7.133   1.00 474.76 ? 450 GLN A O   1 
ATOM 478  C CB  . GLN A 1 96  ? 1.200   -21.608 8.016   1.00 474.76 ? 450 GLN A CB  1 
ATOM 479  C CG  . GLN A 1 96  ? 1.718   -22.844 7.322   1.00 474.76 ? 450 GLN A CG  1 
ATOM 480  C CD  . GLN A 1 96  ? 2.724   -23.600 8.164   1.00 474.76 ? 450 GLN A CD  1 
ATOM 481  O OE1 . GLN A 1 96  ? 2.520   -23.807 9.358   1.00 474.76 ? 450 GLN A OE1 1 
ATOM 482  N NE2 . GLN A 1 96  ? 3.826   -24.004 7.546   1.00 474.76 ? 450 GLN A NE2 1 
ATOM 483  N N   . ALA A 1 97  ? 2.992   -19.141 6.816   1.00 537.95 ? 451 ALA A N   1 
ATOM 484  C CA  . ALA A 1 97  ? 3.838   -18.660 5.737   1.00 537.95 ? 451 ALA A CA  1 
ATOM 485  C C   . ALA A 1 97  ? 5.256   -18.403 6.220   1.00 537.95 ? 451 ALA A C   1 
ATOM 486  O O   . ALA A 1 97  ? 6.215   -18.594 5.464   1.00 537.95 ? 451 ALA A O   1 
ATOM 487  C CB  . ALA A 1 97  ? 3.243   -17.390 5.133   1.00 537.95 ? 451 ALA A CB  1 
ATOM 488  N N   . LYS A 1 98  ? 5.416   -17.912 7.451   1.00 530.49 ? 452 LYS A N   1 
ATOM 489  C CA  . LYS A 1 98  ? 6.787   -17.684 7.903   1.00 530.49 ? 452 LYS A CA  1 
ATOM 490  C C   . LYS A 1 98  ? 7.537   -19.006 8.050   1.00 530.49 ? 452 LYS A C   1 
ATOM 491  O O   . LYS A 1 98  ? 8.683   -19.123 7.598   1.00 530.49 ? 452 LYS A O   1 
ATOM 492  C CB  . LYS A 1 98  ? 6.848   -16.867 9.197   1.00 530.49 ? 452 LYS A CB  1 
ATOM 493  C CG  . LYS A 1 98  ? 6.220   -17.452 10.433  1.00 530.49 ? 452 LYS A CG  1 
ATOM 494  C CD  . LYS A 1 98  ? 6.435   -16.525 11.614  1.00 530.49 ? 452 LYS A CD  1 
ATOM 495  C CE  . LYS A 1 98  ? 5.630   -15.247 11.470  1.00 530.49 ? 452 LYS A CE  1 
ATOM 496  N NZ  . LYS A 1 98  ? 4.167   -15.472 11.521  1.00 530.49 ? 452 LYS A NZ  1 
ATOM 497  N N   . ARG A 1 99  ? 6.903   -20.025 8.645   1.00 554.99 ? 453 ARG A N   1 
ATOM 498  C CA  . ARG A 1 99  ? 7.547   -21.337 8.705   1.00 554.99 ? 453 ARG A CA  1 
ATOM 499  C C   . ARG A 1 99  ? 7.766   -21.932 7.322   1.00 554.99 ? 453 ARG A C   1 
ATOM 500  O O   . ARG A 1 99  ? 8.632   -22.795 7.146   1.00 554.99 ? 453 ARG A O   1 
ATOM 501  C CB  . ARG A 1 99  ? 6.764   -22.322 9.579   1.00 554.99 ? 453 ARG A CB  1 
ATOM 502  C CG  . ARG A 1 99  ? 6.991   -22.156 11.073  1.00 554.99 ? 453 ARG A CG  1 
ATOM 503  C CD  . ARG A 1 99  ? 6.183   -21.084 11.761  1.00 554.99 ? 453 ARG A CD  1 
ATOM 504  N NE  . ARG A 1 99  ? 4.763   -21.399 11.741  1.00 554.99 ? 453 ARG A NE  1 
ATOM 505  C CZ  . ARG A 1 99  ? 3.802   -20.539 12.050  1.00 554.99 ? 453 ARG A CZ  1 
ATOM 506  N NH1 . ARG A 1 99  ? 4.103   -19.293 12.399  1.00 554.99 ? 453 ARG A NH1 1 
ATOM 507  N NH2 . ARG A 1 99  ? 2.536   -20.922 12.003  1.00 554.99 ? 453 ARG A NH2 1 
ATOM 508  N N   . ASP A 1 100 ? 6.976   -21.519 6.335   1.00 586.34 ? 454 ASP A N   1 
ATOM 509  C CA  . ASP A 1 100 ? 7.179   -22.059 4.994   1.00 586.34 ? 454 ASP A CA  1 
ATOM 510  C C   . ASP A 1 100 ? 8.352   -21.378 4.296   1.00 586.34 ? 454 ASP A C   1 
ATOM 511  O O   . ASP A 1 100 ? 9.288   -22.046 3.839   1.00 586.34 ? 454 ASP A O   1 
ATOM 512  C CB  . ASP A 1 100 ? 5.900   -21.916 4.169   1.00 586.34 ? 454 ASP A CB  1 
ATOM 513  C CG  . ASP A 1 100 ? 4.701   -22.571 4.831   1.00 586.34 ? 454 ASP A CG  1 
ATOM 514  O OD1 . ASP A 1 100 ? 4.898   -23.517 5.622   1.00 586.34 ? 454 ASP A OD1 1 
ATOM 515  O OD2 . ASP A 1 100 ? 3.561   -22.134 4.568   1.00 586.34 ? 454 ASP A OD2 1 
ATOM 516  N N   . PHE A 1 101 ? 8.329   -20.049 4.218   1.00 603.48 ? 455 PHE A N   1 
ATOM 517  C CA  . PHE A 1 101 ? 9.351   -19.333 3.463   1.00 603.48 ? 455 PHE A CA  1 
ATOM 518  C C   . PHE A 1 101 ? 10.655  -19.229 4.236   1.00 603.48 ? 455 PHE A C   1 
ATOM 519  O O   . PHE A 1 101 ? 11.661  -18.770 3.687   1.00 603.48 ? 455 PHE A O   1 
ATOM 520  C CB  . PHE A 1 101 ? 8.846   -17.950 3.069   1.00 603.48 ? 455 PHE A CB  1 
ATOM 521  C CG  . PHE A 1 101 ? 7.725   -17.985 2.087   1.00 603.48 ? 455 PHE A CG  1 
ATOM 522  C CD1 . PHE A 1 101 ? 7.981   -18.163 0.744   1.00 603.48 ? 455 PHE A CD1 1 
ATOM 523  C CD2 . PHE A 1 101 ? 6.415   -17.874 2.503   1.00 603.48 ? 455 PHE A CD2 1 
ATOM 524  C CE1 . PHE A 1 101 ? 6.952   -18.211 -0.174  1.00 603.48 ? 455 PHE A CE1 1 
ATOM 525  C CE2 . PHE A 1 101 ? 5.382   -17.920 1.593   1.00 603.48 ? 455 PHE A CE2 1 
ATOM 526  C CZ  . PHE A 1 101 ? 5.653   -18.092 0.250   1.00 603.48 ? 455 PHE A CZ  1 
ATOM 527  N N   . ASN A 1 102 ? 10.661  -19.650 5.506   1.00 547.45 ? 456 ASN A N   1 
ATOM 528  C CA  . ASN A 1 102 ? 11.900  -19.671 6.280   1.00 547.45 ? 456 ASN A CA  1 
ATOM 529  C C   . ASN A 1 102 ? 13.081  -20.149 5.441   1.00 547.45 ? 456 ASN A C   1 
ATOM 530  O O   . ASN A 1 102 ? 14.114  -19.474 5.367   1.00 547.45 ? 456 ASN A O   1 
ATOM 531  C CB  . ASN A 1 102 ? 11.715  -20.546 7.520   1.00 547.45 ? 456 ASN A CB  1 
ATOM 532  C CG  . ASN A 1 102 ? 11.389  -21.992 7.177   1.00 547.45 ? 456 ASN A CG  1 
ATOM 533  O OD1 . ASN A 1 102 ? 11.409  -22.394 6.013   1.00 547.45 ? 456 ASN A OD1 1 
ATOM 534  N ND2 . ASN A 1 102 ? 11.073  -22.779 8.197   1.00 547.45 ? 456 ASN A ND2 1 
ATOM 535  N N   . ALA A 1 103 ? 12.939  -21.301 4.788   1.00 539.64 ? 457 ALA A N   1 
ATOM 536  C CA  . ALA A 1 103 ? 13.943  -21.725 3.821   1.00 539.64 ? 457 ALA A CA  1 
ATOM 537  C C   . ALA A 1 103 ? 13.768  -21.003 2.492   1.00 539.64 ? 457 ALA A C   1 
ATOM 538  O O   . ALA A 1 103 ? 14.749  -20.732 1.791   1.00 539.64 ? 457 ALA A O   1 
ATOM 539  C CB  . ALA A 1 103 ? 13.878  -23.238 3.625   1.00 539.64 ? 457 ALA A CB  1 
ATOM 540  N N   . ASP A 1 104 ? 12.527  -20.682 2.127   1.00 573.65 ? 458 ASP A N   1 
ATOM 541  C CA  . ASP A 1 104 ? 12.263  -20.186 0.782   1.00 573.65 ? 458 ASP A CA  1 
ATOM 542  C C   . ASP A 1 104 ? 12.487  -18.681 0.681   1.00 573.65 ? 458 ASP A C   1 
ATOM 543  O O   . ASP A 1 104 ? 11.764  -17.880 1.281   1.00 573.65 ? 458 ASP A O   1 
ATOM 544  C CB  . ASP A 1 104 ? 10.838  -20.535 0.353   1.00 573.65 ? 458 ASP A CB  1 
ATOM 545  C CG  . ASP A 1 104 ? 10.505  -20.006 -1.029  1.00 573.65 ? 458 ASP A CG  1 
ATOM 546  O OD1 . ASP A 1 104 ? 11.427  -19.903 -1.863  1.00 573.65 ? 458 ASP A OD1 1 
ATOM 547  O OD2 . ASP A 1 104 ? 9.324   -19.725 -1.301  1.00 573.65 ? 458 ASP A OD2 1 
ATOM 548  N N   . SER A 1 105 ? 13.469  -18.300 -0.137  1.00 509.22 ? 459 SER A N   1 
ATOM 549  C CA  . SER A 1 105 ? 13.809  -16.891 -0.298  1.00 509.22 ? 459 SER A CA  1 
ATOM 550  C C   . SER A 1 105 ? 12.701  -16.122 -1.007  1.00 509.22 ? 459 SER A C   1 
ATOM 551  O O   . SER A 1 105 ? 12.749  -14.890 -1.093  1.00 509.22 ? 459 SER A O   1 
ATOM 552  C CB  . SER A 1 105 ? 15.124  -16.757 -1.068  1.00 509.22 ? 459 SER A CB  1 
ATOM 553  O OG  . SER A 1 105 ? 15.513  -15.399 -1.193  1.00 509.22 ? 459 SER A OG  1 
ATOM 554  N N   . ALA A 1 106 ? 11.711  -16.823 -1.549  1.00 482.68 ? 460 ALA A N   1 
ATOM 555  C CA  . ALA A 1 106 ? 10.637  -16.136 -2.250  1.00 482.68 ? 460 ALA A CA  1 
ATOM 556  C C   . ALA A 1 106 ? 9.721   -15.440 -1.252  1.00 482.68 ? 460 ALA A C   1 
ATOM 557  O O   . ALA A 1 106 ? 8.568   -15.835 -1.071  1.00 482.68 ? 460 ALA A O   1 
ATOM 558  C CB  . ALA A 1 106 ? 9.840   -17.118 -3.104  1.00 482.68 ? 460 ALA A CB  1 
ATOM 559  N N   . TRP A 1 107 ? 10.221  -14.368 -0.646  1.00 492.83 ? 461 TRP A N   1 
ATOM 560  C CA  . TRP A 1 107 ? 9.482   -13.632 0.369   1.00 492.83 ? 461 TRP A CA  1 
ATOM 561  C C   . TRP A 1 107 ? 8.503   -12.630 -0.216  1.00 492.83 ? 461 TRP A C   1 
ATOM 562  O O   . TRP A 1 107 ? 7.728   -12.037 0.540   1.00 492.83 ? 461 TRP A O   1 
ATOM 563  C CB  . TRP A 1 107 ? 10.444  -12.899 1.309   1.00 492.83 ? 461 TRP A CB  1 
ATOM 564  C CG  . TRP A 1 107 ? 11.526  -13.740 1.912   1.00 492.83 ? 461 TRP A CG  1 
ATOM 565  C CD1 . TRP A 1 107 ? 12.833  -13.783 1.538   1.00 492.83 ? 461 TRP A CD1 1 
ATOM 566  C CD2 . TRP A 1 107 ? 11.420  -14.563 3.082   1.00 492.83 ? 461 TRP A CD2 1 
ATOM 567  N NE1 . TRP A 1 107 ? 13.534  -14.637 2.350   1.00 492.83 ? 461 TRP A NE1 1 
ATOM 568  C CE2 . TRP A 1 107 ? 12.692  -15.121 3.315   1.00 492.83 ? 461 TRP A CE2 1 
ATOM 569  C CE3 . TRP A 1 107 ? 10.370  -14.898 3.940   1.00 492.83 ? 461 TRP A CE3 1 
ATOM 570  C CZ2 . TRP A 1 107 ? 12.940  -15.996 4.369   1.00 492.83 ? 461 TRP A CZ2 1 
ATOM 571  C CZ3 . TRP A 1 107 ? 10.619  -15.766 4.986   1.00 492.83 ? 461 TRP A CZ3 1 
ATOM 572  C CH2 . TRP A 1 107 ? 11.893  -16.301 5.195   1.00 492.83 ? 461 TRP A CH2 1 
ATOM 573  N N   . GLN A 1 108 ? 8.524   -12.412 -1.535  1.00 505.44 ? 462 GLN A N   1 
ATOM 574  C CA  . GLN A 1 108 ? 7.506   -11.563 -2.143  1.00 505.44 ? 462 GLN A CA  1 
ATOM 575  C C   . GLN A 1 108 ? 6.120   -12.086 -1.796  1.00 505.44 ? 462 GLN A C   1 
ATOM 576  O O   . GLN A 1 108 ? 5.219   -11.317 -1.428  1.00 505.44 ? 462 GLN A O   1 
ATOM 577  C CB  . GLN A 1 108 ? 7.710   -11.496 -3.660  1.00 505.44 ? 462 GLN A CB  1 
ATOM 578  C CG  . GLN A 1 108 ? 7.404   -12.781 -4.421  1.00 505.44 ? 462 GLN A CG  1 
ATOM 579  C CD  . GLN A 1 108 ? 8.561   -13.747 -4.437  1.00 505.44 ? 462 GLN A CD  1 
ATOM 580  O OE1 . GLN A 1 108 ? 9.493   -13.626 -3.649  1.00 505.44 ? 462 GLN A OE1 1 
ATOM 581  N NE2 . GLN A 1 108 ? 8.500   -14.729 -5.328  1.00 505.44 ? 462 GLN A NE2 1 
ATOM 582  N N   . TYR A 1 109 ? 5.954   -13.406 -1.864  1.00 570.70 ? 463 TYR A N   1 
ATOM 583  C CA  . TYR A 1 109 ? 4.714   -14.034 -1.443  1.00 570.70 ? 463 TYR A CA  1 
ATOM 584  C C   . TYR A 1 109 ? 4.506   -13.837 0.054   1.00 570.70 ? 463 TYR A C   1 
ATOM 585  O O   . TYR A 1 109 ? 3.401   -13.511 0.505   1.00 570.70 ? 463 TYR A O   1 
ATOM 586  C CB  . TYR A 1 109 ? 4.769   -15.516 -1.805  1.00 570.70 ? 463 TYR A CB  1 
ATOM 587  C CG  . TYR A 1 109 ? 4.412   -15.806 -3.247  1.00 570.70 ? 463 TYR A CG  1 
ATOM 588  C CD1 . TYR A 1 109 ? 3.143   -16.238 -3.602  1.00 570.70 ? 463 TYR A CD1 1 
ATOM 589  C CD2 . TYR A 1 109 ? 5.356   -15.645 -4.253  1.00 570.70 ? 463 TYR A CD2 1 
ATOM 590  C CE1 . TYR A 1 109 ? 2.823   -16.500 -4.921  1.00 570.70 ? 463 TYR A CE1 1 
ATOM 591  C CE2 . TYR A 1 109 ? 5.047   -15.903 -5.571  1.00 570.70 ? 463 TYR A CE2 1 
ATOM 592  C CZ  . TYR A 1 109 ? 3.780   -16.332 -5.900  1.00 570.70 ? 463 TYR A CZ  1 
ATOM 593  O OH  . TYR A 1 109 ? 3.466   -16.593 -7.214  1.00 570.70 ? 463 TYR A OH  1 
ATOM 594  N N   . TYR A 1 110 ? 5.576   -13.995 0.841   1.00 588.30 ? 464 TYR A N   1 
ATOM 595  C CA  . TYR A 1 110 ? 5.479   -13.772 2.280   1.00 588.30 ? 464 TYR A CA  1 
ATOM 596  C C   . TYR A 1 110 ? 5.253   -12.301 2.599   1.00 588.30 ? 464 TYR A C   1 
ATOM 597  O O   . TYR A 1 110 ? 4.550   -11.962 3.564   1.00 588.30 ? 464 TYR A O   1 
ATOM 598  C CB  . TYR A 1 110 ? 6.729   -14.290 2.985   1.00 588.30 ? 464 TYR A CB  1 
ATOM 599  C CG  . TYR A 1 110 ? 6.640   -14.154 4.485   1.00 588.30 ? 464 TYR A CG  1 
ATOM 600  C CD1 . TYR A 1 110 ? 5.765   -14.942 5.221   1.00 588.30 ? 464 TYR A CD1 1 
ATOM 601  C CD2 . TYR A 1 110 ? 7.435   -13.244 5.167   1.00 588.30 ? 464 TYR A CD2 1 
ATOM 602  C CE1 . TYR A 1 110 ? 5.669   -14.811 6.588   1.00 588.30 ? 464 TYR A CE1 1 
ATOM 603  C CE2 . TYR A 1 110 ? 7.354   -13.117 6.536   1.00 588.30 ? 464 TYR A CE2 1 
ATOM 604  C CZ  . TYR A 1 110 ? 6.471   -13.905 7.243   1.00 588.30 ? 464 TYR A CZ  1 
ATOM 605  O OH  . TYR A 1 110 ? 6.381   -13.782 8.610   1.00 588.30 ? 464 TYR A OH  1 
ATOM 606  N N   . ALA A 1 111 ? 5.846   -11.407 1.809   1.00 612.63 ? 465 ALA A N   1 
ATOM 607  C CA  . ALA A 1 111 ? 5.494   -10.004 1.951   1.00 612.63 ? 465 ALA A CA  1 
ATOM 608  C C   . ALA A 1 111 ? 3.991   -9.826  1.824   1.00 612.63 ? 465 ALA A C   1 
ATOM 609  O O   . ALA A 1 111 ? 3.332   -9.366  2.766   1.00 612.63 ? 465 ALA A O   1 
ATOM 610  C CB  . ALA A 1 111 ? 6.231   -9.168  0.909   1.00 612.63 ? 465 ALA A CB  1 
ATOM 611  N N   . GLY A 1 112 ? 3.422   -10.285 0.706   1.00 581.91 ? 466 GLY A N   1 
ATOM 612  C CA  . GLY A 1 112 ? 1.988   -10.152 0.510   1.00 581.91 ? 466 GLY A CA  1 
ATOM 613  C C   . GLY A 1 112 ? 1.192   -10.766 1.643   1.00 581.91 ? 466 GLY A C   1 
ATOM 614  O O   . GLY A 1 112 ? 0.116   -10.280 1.995   1.00 581.91 ? 466 GLY A O   1 
ATOM 615  N N   . ALA A 1 113 ? 1.715   -11.842 2.231   1.00 560.35 ? 467 ALA A N   1 
ATOM 616  C CA  . ALA A 1 113 ? 1.100   -12.394 3.434   1.00 560.35 ? 467 ALA A CA  1 
ATOM 617  C C   . ALA A 1 113 ? 1.100   -11.376 4.567   1.00 560.35 ? 467 ALA A C   1 
ATOM 618  O O   . ALA A 1 113 ? 0.128   -11.266 5.323   1.00 560.35 ? 467 ALA A O   1 
ATOM 619  C CB  . ALA A 1 113 ? 1.833   -13.663 3.867   1.00 560.35 ? 467 ALA A CB  1 
ATOM 620  N N   . LEU A 1 114 ? 2.184   -10.624 4.714   1.00 562.57 ? 468 LEU A N   1 
ATOM 621  C CA  . LEU A 1 114 ? 2.181   -9.641  5.791   1.00 562.57 ? 468 LEU A CA  1 
ATOM 622  C C   . LEU A 1 114 ? 1.206   -8.504  5.504   1.00 562.57 ? 468 LEU A C   1 
ATOM 623  O O   . LEU A 1 114 ? 0.510   -8.040  6.413   1.00 562.57 ? 468 LEU A O   1 
ATOM 624  C CB  . LEU A 1 114 ? 3.593   -9.132  6.063   1.00 562.57 ? 468 LEU A CB  1 
ATOM 625  C CG  . LEU A 1 114 ? 4.500   -10.301 6.465   1.00 562.57 ? 468 LEU A CG  1 
ATOM 626  C CD1 . LEU A 1 114 ? 5.909   -9.847  6.797   1.00 562.57 ? 468 LEU A CD1 1 
ATOM 627  C CD2 . LEU A 1 114 ? 3.905   -11.104 7.619   1.00 562.57 ? 468 LEU A CD2 1 
ATOM 628  N N   . GLU A 1 115 ? 1.095   -8.064  4.250   1.00 557.49 ? 469 GLU A N   1 
ATOM 629  C CA  . GLU A 1 115 ? 0.078   -7.040  3.995   1.00 557.49 ? 469 GLU A CA  1 
ATOM 630  C C   . GLU A 1 115 ? -1.339  -7.583  4.150   1.00 557.49 ? 469 GLU A C   1 
ATOM 631  O O   . GLU A 1 115 ? -2.237  -6.842  4.561   1.00 557.49 ? 469 GLU A O   1 
ATOM 632  C CB  . GLU A 1 115 ? 0.210   -6.325  2.645   1.00 557.49 ? 469 GLU A CB  1 
ATOM 633  C CG  . GLU A 1 115 ? 1.422   -5.414  2.468   1.00 557.49 ? 469 GLU A CG  1 
ATOM 634  C CD  . GLU A 1 115 ? 2.663   -6.120  2.057   1.00 557.49 ? 469 GLU A CD  1 
ATOM 635  O OE1 . GLU A 1 115 ? 2.568   -7.324  1.833   1.00 557.49 ? 469 GLU A OE1 1 
ATOM 636  O OE2 . GLU A 1 115 ? 3.724   -5.471  1.962   1.00 557.49 ? 469 GLU A OE2 1 
ATOM 637  N N   . MET A 1 116 ? -1.582  -8.849  3.810   1.00 539.49 ? 470 MET A N   1 
ATOM 638  C CA  . MET A 1 116 ? -2.923  -9.365  4.070   1.00 539.49 ? 470 MET A CA  1 
ATOM 639  C C   . MET A 1 116 ? -3.170  -9.410  5.569   1.00 539.49 ? 470 MET A C   1 
ATOM 640  O O   . MET A 1 116 ? -4.293  -9.182  6.031   1.00 539.49 ? 470 MET A O   1 
ATOM 641  C CB  . MET A 1 116 ? -3.165  -10.751 3.465   1.00 539.49 ? 470 MET A CB  1 
ATOM 642  C CG  . MET A 1 116 ? -2.375  -11.895 4.032   1.00 539.49 ? 470 MET A CG  1 
ATOM 643  S SD  . MET A 1 116 ? -2.723  -13.456 3.205   1.00 539.49 ? 470 MET A SD  1 
ATOM 644  C CE  . MET A 1 116 ? -1.634  -14.543 4.111   1.00 539.49 ? 470 MET A CE  1 
ATOM 645  N N   . ALA A 1 117 ? -2.125  -9.710  6.342   1.00 509.26 ? 471 ALA A N   1 
ATOM 646  C CA  . ALA A 1 117 ? -2.221  -9.590  7.790   1.00 509.26 ? 471 ALA A CA  1 
ATOM 647  C C   . ALA A 1 117 ? -2.642  -8.187  8.190   1.00 509.26 ? 471 ALA A C   1 
ATOM 648  O O   . ALA A 1 117 ? -3.522  -8.011  9.038   1.00 509.26 ? 471 ALA A O   1 
ATOM 649  C CB  . ALA A 1 117 ? -0.883  -9.938  8.433   1.00 509.26 ? 471 ALA A CB  1 
ATOM 650  N N   . ALA A 1 118 ? -2.017  -7.175  7.589   1.00 484.55 ? 472 ALA A N   1 
ATOM 651  C CA  . ALA A 1 118 ? -2.365  -5.795  7.916   1.00 484.55 ? 472 ALA A CA  1 
ATOM 652  C C   . ALA A 1 118 ? -3.827  -5.506  7.596   1.00 484.55 ? 472 ALA A C   1 
ATOM 653  O O   . ALA A 1 118 ? -4.574  -5.008  8.448   1.00 484.55 ? 472 ALA A O   1 
ATOM 654  C CB  . ALA A 1 118 ? -1.451  -4.834  7.163   1.00 484.55 ? 472 ALA A CB  1 
ATOM 655  N N   . LEU A 1 119 ? -4.246  -5.817  6.365   1.00 468.59 ? 473 LEU A N   1 
ATOM 656  C CA  . LEU A 1 119 ? -5.646  -5.652  5.985   1.00 468.59 ? 473 LEU A CA  1 
ATOM 657  C C   . LEU A 1 119 ? -6.576  -6.307  6.994   1.00 468.59 ? 473 LEU A C   1 
ATOM 658  O O   . LEU A 1 119 ? -7.460  -5.649  7.550   1.00 468.59 ? 473 LEU A O   1 
ATOM 659  C CB  . LEU A 1 119 ? -5.898  -6.214  4.585   1.00 468.59 ? 473 LEU A CB  1 
ATOM 660  C CG  . LEU A 1 119 ? -5.608  -5.380  3.330   1.00 468.59 ? 473 LEU A CG  1 
ATOM 661  C CD1 . LEU A 1 119 ? -6.517  -4.167  3.296   1.00 468.59 ? 473 LEU A CD1 1 
ATOM 662  C CD2 . LEU A 1 119 ? -4.162  -4.942  3.219   1.00 468.59 ? 473 LEU A CD2 1 
ATOM 663  N N   . SER A 1 120 ? -6.368  -7.596  7.265   1.00 458.18 ? 474 SER A N   1 
ATOM 664  C CA  . SER A 1 120 ? -7.171  -8.286  8.265   1.00 458.18 ? 474 SER A CA  1 
ATOM 665  C C   . SER A 1 120 ? -7.167  -7.536  9.589   1.00 458.18 ? 474 SER A C   1 
ATOM 666  O O   . SER A 1 120 ? -8.198  -7.447  10.267  1.00 458.18 ? 474 SER A O   1 
ATOM 667  C CB  . SER A 1 120 ? -6.644  -9.707  8.451   1.00 458.18 ? 474 SER A CB  1 
ATOM 668  O OG  . SER A 1 120 ? -5.314  -9.684  8.943   1.00 458.18 ? 474 SER A OG  1 
ATOM 669  N N   . ALA A 1 121 ? -6.020  -6.969  9.959   1.00 441.91 ? 475 ALA A N   1 
ATOM 670  C CA  . ALA A 1 121 ? -5.907  -6.290  11.241  1.00 441.91 ? 475 ALA A CA  1 
ATOM 671  C C   . ALA A 1 121 ? -6.814  -5.070  11.302  1.00 441.91 ? 475 ALA A C   1 
ATOM 672  O O   . ALA A 1 121 ? -7.720  -5.000  12.141  1.00 441.91 ? 475 ALA A O   1 
ATOM 673  C CB  . ALA A 1 121 ? -4.453  -5.897  11.498  1.00 441.91 ? 475 ALA A CB  1 
ATOM 674  N N   . PHE A 1 122 ? -6.601  -4.097  10.415  1.00 422.92 ? 476 PHE A N   1 
ATOM 675  C CA  . PHE A 1 122 ? -7.339  -2.850  10.593  1.00 422.92 ? 476 PHE A CA  1 
ATOM 676  C C   . PHE A 1 122 ? -8.769  -2.963  10.080  1.00 422.92 ? 476 PHE A C   1 
ATOM 677  O O   . PHE A 1 122 ? -9.593  -2.080  10.343  1.00 422.92 ? 476 PHE A O   1 
ATOM 678  C CB  . PHE A 1 122 ? -6.612  -1.658  9.967   1.00 422.92 ? 476 PHE A CB  1 
ATOM 679  C CG  . PHE A 1 122 ? -6.450  -1.727  8.484   1.00 422.92 ? 476 PHE A CG  1 
ATOM 680  C CD1 . PHE A 1 122 ? -5.336  -2.316  7.925   1.00 422.92 ? 476 PHE A CD1 1 
ATOM 681  C CD2 . PHE A 1 122 ? -7.405  -1.185  7.646   1.00 422.92 ? 476 PHE A CD2 1 
ATOM 682  C CE1 . PHE A 1 122 ? -5.172  -2.364  6.561   1.00 422.92 ? 476 PHE A CE1 1 
ATOM 683  C CE2 . PHE A 1 122 ? -7.249  -1.234  6.279   1.00 422.92 ? 476 PHE A CE2 1 
ATOM 684  C CZ  . PHE A 1 122 ? -6.131  -1.826  5.737   1.00 422.92 ? 476 PHE A CZ  1 
ATOM 685  N N   . MET A 1 123 ? -9.093  -4.037  9.353   1.00 395.25 ? 477 MET A N   1 
ATOM 686  C CA  . MET A 1 123 ? -10.500 -4.409  9.239   1.00 395.25 ? 477 MET A CA  1 
ATOM 687  C C   . MET A 1 123 ? -11.078 -4.733  10.607  1.00 395.25 ? 477 MET A C   1 
ATOM 688  O O   . MET A 1 123 ? -12.180 -4.289  10.946  1.00 395.25 ? 477 MET A O   1 
ATOM 689  C CB  . MET A 1 123 ? -10.681 -5.590  8.285   1.00 395.25 ? 477 MET A CB  1 
ATOM 690  C CG  . MET A 1 123 ? -10.345 -5.328  6.823   1.00 395.25 ? 477 MET A CG  1 
ATOM 691  S SD  . MET A 1 123 ? -11.397 -4.058  6.077   1.00 395.25 ? 477 MET A SD  1 
ATOM 692  C CE  . MET A 1 123 ? -10.326 -2.631  6.066   1.00 395.25 ? 477 MET A CE  1 
ATOM 693  N N   . LEU A 1 124 ? -10.340 -5.492  11.414  1.00 386.17 ? 478 LEU A N   1 
ATOM 694  C CA  . LEU A 1 124 ? -10.744 -5.683  12.802  1.00 386.17 ? 478 LEU A CA  1 
ATOM 695  C C   . LEU A 1 124 ? -10.454 -4.436  13.621  1.00 386.17 ? 478 LEU A C   1 
ATOM 696  O O   . LEU A 1 124 ? -11.071 -4.211  14.669  1.00 386.17 ? 478 LEU A O   1 
ATOM 697  C CB  . LEU A 1 124 ? -10.047 -6.908  13.393  1.00 386.17 ? 478 LEU A CB  1 
ATOM 698  C CG  . LEU A 1 124 ? -10.735 -8.242  13.105  1.00 386.17 ? 478 LEU A CG  1 
ATOM 699  C CD1 . LEU A 1 124 ? -12.097 -8.269  13.771  1.00 386.17 ? 478 LEU A CD1 1 
ATOM 700  C CD2 . LEU A 1 124 ? -10.884 -8.484  11.612  1.00 386.17 ? 478 LEU A CD2 1 
ATOM 701  N N   . GLY A 1 125 ? -9.522  -3.611  13.154  1.00 451.17 ? 479 GLY A N   1 
ATOM 702  C CA  . GLY A 1 125 ? -9.232  -2.346  13.786  1.00 451.17 ? 479 GLY A CA  1 
ATOM 703  C C   . GLY A 1 125 ? -8.012  -2.330  14.676  1.00 451.17 ? 479 GLY A C   1 
ATOM 704  O O   . GLY A 1 125 ? -7.668  -1.263  15.203  1.00 451.17 ? 479 GLY A O   1 
ATOM 705  N N   . THR A 1 126 ? -7.339  -3.470  14.866  1.00 496.76 ? 480 THR A N   1 
ATOM 706  C CA  . THR A 1 126 ? -6.207  -3.502  15.789  1.00 496.76 ? 480 THR A CA  1 
ATOM 707  C C   . THR A 1 126 ? -4.942  -2.915  15.162  1.00 496.76 ? 480 THR A C   1 
ATOM 708  O O   . THR A 1 126 ? -4.382  -1.949  15.694  1.00 496.76 ? 480 THR A O   1 
ATOM 709  C CB  . THR A 1 126 ? -5.985  -4.928  16.317  1.00 496.76 ? 480 THR A CB  1 
ATOM 710  O OG1 . THR A 1 126 ? -4.976  -4.919  17.338  1.00 496.76 ? 480 THR A OG1 1 
ATOM 711  C CG2 . THR A 1 126 ? -5.648  -5.936  15.213  1.00 496.76 ? 480 THR A CG2 1 
ATOM 712  N N   . ALA A 1 127 ? -4.488  -3.461  14.030  1.00 480.12 ? 481 ALA A N   1 
ATOM 713  C CA  . ALA A 1 127 ? -3.302  -2.962  13.331  1.00 480.12 ? 481 ALA A CA  1 
ATOM 714  C C   . ALA A 1 127 ? -2.134  -2.758  14.294  1.00 480.12 ? 481 ALA A C   1 
ATOM 715  O O   . ALA A 1 127 ? -1.744  -1.636  14.611  1.00 480.12 ? 481 ALA A O   1 
ATOM 716  C CB  . ALA A 1 127 ? -3.622  -1.678  12.569  1.00 480.12 ? 481 ALA A CB  1 
ATOM 717  N N   . GLN A 1 128 ? -1.628  -3.866  14.823  1.00 444.52 ? 482 GLN A N   1 
ATOM 718  C CA  . GLN A 1 128 ? -0.581  -3.793  15.830  1.00 444.52 ? 482 GLN A CA  1 
ATOM 719  C C   . GLN A 1 128 ? 0.630   -3.031  15.310  1.00 444.52 ? 482 GLN A C   1 
ATOM 720  O O   . GLN A 1 128 ? 1.049   -3.207  14.165  1.00 444.52 ? 482 GLN A O   1 
ATOM 721  C CB  . GLN A 1 128 ? -0.179  -5.199  16.255  1.00 444.52 ? 482 GLN A CB  1 
ATOM 722  C CG  . GLN A 1 128 ? -1.186  -5.838  17.185  1.00 444.52 ? 482 GLN A CG  1 
ATOM 723  C CD  . GLN A 1 128 ? -1.464  -4.985  18.402  1.00 444.52 ? 482 GLN A CD  1 
ATOM 724  O OE1 . GLN A 1 128 ? -0.544  -4.468  19.035  1.00 444.52 ? 482 GLN A OE1 1 
ATOM 725  N NE2 . GLN A 1 128 ? -2.737  -4.828  18.734  1.00 444.52 ? 482 GLN A NE2 1 
ATOM 726  N N   . ARG A 1 129 ? 1.164   -2.150  16.160  1.00 470.68 ? 483 ARG A N   1 
ATOM 727  C CA  . ARG A 1 129 ? 2.437   -1.496  15.872  1.00 470.68 ? 483 ARG A CA  1 
ATOM 728  C C   . ARG A 1 129 ? 3.444   -2.480  15.307  1.00 470.68 ? 483 ARG A C   1 
ATOM 729  O O   . ARG A 1 129 ? 4.049   -2.233  14.257  1.00 470.68 ? 483 ARG A O   1 
ATOM 730  C CB  . ARG A 1 129 ? 2.997   -0.875  17.148  1.00 470.68 ? 483 ARG A CB  1 
ATOM 731  C CG  . ARG A 1 129 ? 2.192   0.253   17.762  1.00 470.68 ? 483 ARG A CG  1 
ATOM 732  C CD  . ARG A 1 129 ? 2.164   1.493   16.876  1.00 470.68 ? 483 ARG A CD  1 
ATOM 733  N NE  . ARG A 1 129 ? 1.125   1.522   15.853  1.00 470.68 ? 483 ARG A NE  1 
ATOM 734  C CZ  . ARG A 1 129 ? 1.114   2.397   14.849  1.00 470.68 ? 483 ARG A CZ  1 
ATOM 735  N NH1 . ARG A 1 129 ? 2.082   3.300   14.744  1.00 470.68 ? 483 ARG A NH1 1 
ATOM 736  N NH2 . ARG A 1 129 ? 0.137   2.387   13.960  1.00 470.68 ? 483 ARG A NH2 1 
ATOM 737  N N   . LYS A 1 130 ? 3.620   -3.608  15.991  1.00 466.22 ? 484 LYS A N   1 
ATOM 738  C CA  . LYS A 1 130 ? 4.582   -4.604  15.549  1.00 466.22 ? 484 LYS A CA  1 
ATOM 739  C C   . LYS A 1 130 ? 4.253   -5.098  14.151  1.00 466.22 ? 484 LYS A C   1 
ATOM 740  O O   . LYS A 1 130 ? 5.155   -5.302  13.332  1.00 466.22 ? 484 LYS A O   1 
ATOM 741  C CB  . LYS A 1 130 ? 4.623   -5.753  16.554  1.00 466.22 ? 484 LYS A CB  1 
ATOM 742  C CG  . LYS A 1 130 ? 3.327   -6.532  16.670  1.00 466.22 ? 484 LYS A CG  1 
ATOM 743  C CD  . LYS A 1 130 ? 3.009   -6.827  18.120  1.00 466.22 ? 484 LYS A CD  1 
ATOM 744  C CE  . LYS A 1 130 ? 1.622   -7.411  18.270  1.00 466.22 ? 484 LYS A CE  1 
ATOM 745  N NZ  . LYS A 1 130 ? 1.060   -7.211  19.632  1.00 466.22 ? 484 LYS A NZ  1 
ATOM 746  N N   . THR A 1 131 ? 2.964   -5.277  13.854  1.00 506.43 ? 485 THR A N   1 
ATOM 747  C CA  . THR A 1 131 ? 2.573   -5.643  12.501  1.00 506.43 ? 485 THR A CA  1 
ATOM 748  C C   . THR A 1 131 ? 3.142   -4.654  11.498  1.00 506.43 ? 485 THR A C   1 
ATOM 749  O O   . THR A 1 131 ? 3.745   -5.053  10.493  1.00 506.43 ? 485 THR A O   1 
ATOM 750  C CB  . THR A 1 131 ? 1.052   -5.700  12.390  1.00 506.43 ? 485 THR A CB  1 
ATOM 751  O OG1 . THR A 1 131 ? 0.551   -6.720  13.261  1.00 506.43 ? 485 THR A OG1 1 
ATOM 752  C CG2 . THR A 1 131 ? 0.643   -6.018  10.959  1.00 506.43 ? 485 THR A CG2 1 
ATOM 753  N N   . TYR A 1 132 ? 3.003   -3.357  11.785  1.00 542.98 ? 486 TYR A N   1 
ATOM 754  C CA  . TYR A 1 132 ? 3.597   -2.339  10.926  1.00 542.98 ? 486 TYR A CA  1 
ATOM 755  C C   . TYR A 1 132 ? 5.068   -2.603  10.670  1.00 542.98 ? 486 TYR A C   1 
ATOM 756  O O   . TYR A 1 132 ? 5.544   -2.437  9.543   1.00 542.98 ? 486 TYR A O   1 
ATOM 757  C CB  . TYR A 1 132 ? 3.406   -0.955  11.528  1.00 542.98 ? 486 TYR A CB  1 
ATOM 758  C CG  . TYR A 1 132 ? 1.974   -0.531  11.540  1.00 542.98 ? 486 TYR A CG  1 
ATOM 759  C CD1 . TYR A 1 132 ? 1.389   -0.025  10.396  1.00 542.98 ? 486 TYR A CD1 1 
ATOM 760  C CD2 . TYR A 1 132 ? 1.204   -0.622  12.682  1.00 542.98 ? 486 TYR A CD2 1 
ATOM 761  C CE1 . TYR A 1 132 ? 0.077   0.370   10.380  1.00 542.98 ? 486 TYR A CE1 1 
ATOM 762  C CE2 . TYR A 1 132 ? -0.110  -0.234  12.671  1.00 542.98 ? 486 TYR A CE2 1 
ATOM 763  C CZ  . TYR A 1 132 ? -0.666  0.276   11.516  1.00 542.98 ? 486 TYR A CZ  1 
ATOM 764  O OH  . TYR A 1 132 ? -1.978  0.683   11.485  1.00 542.98 ? 486 TYR A OH  1 
ATOM 765  N N   . ASP A 1 133 ? 5.802   -3.019  11.697  1.00 504.42 ? 487 ASP A N   1 
ATOM 766  C CA  . ASP A 1 133 ? 7.207   -3.337  11.492  1.00 504.42 ? 487 ASP A CA  1 
ATOM 767  C C   . ASP A 1 133 ? 7.360   -4.470  10.491  1.00 504.42 ? 487 ASP A C   1 
ATOM 768  O O   . ASP A 1 133 ? 8.076   -4.335  9.489   1.00 504.42 ? 487 ASP A O   1 
ATOM 769  C CB  . ASP A 1 133 ? 7.853   -3.692  12.824  1.00 504.42 ? 487 ASP A CB  1 
ATOM 770  C CG  . ASP A 1 133 ? 7.957   -2.499  13.737  1.00 504.42 ? 487 ASP A CG  1 
ATOM 771  O OD1 . ASP A 1 133 ? 8.067   -1.370  13.214  1.00 504.42 ? 487 ASP A OD1 1 
ATOM 772  O OD2 . ASP A 1 133 ? 7.917   -2.684  14.971  1.00 504.42 ? 487 ASP A OD2 1 
ATOM 773  N N   . TYR A 1 134 ? 6.635   -5.570  10.710  1.00 537.83 ? 488 TYR A N   1 
ATOM 774  C CA  . TYR A 1 134 ? 6.622   -6.645  9.727   1.00 537.83 ? 488 TYR A CA  1 
ATOM 775  C C   . TYR A 1 134 ? 6.368   -6.098  8.335   1.00 537.83 ? 488 TYR A C   1 
ATOM 776  O O   . TYR A 1 134 ? 6.916   -6.607  7.353   1.00 537.83 ? 488 TYR A O   1 
ATOM 777  C CB  . TYR A 1 134 ? 5.576   -7.694  10.098  1.00 537.83 ? 488 TYR A CB  1 
ATOM 778  C CG  . TYR A 1 134 ? 5.907   -8.455  11.358  1.00 537.83 ? 488 TYR A CG  1 
ATOM 779  C CD1 . TYR A 1 134 ? 6.806   -9.512  11.329  1.00 537.83 ? 488 TYR A CD1 1 
ATOM 780  C CD2 . TYR A 1 134 ? 5.332   -8.120  12.572  1.00 537.83 ? 488 TYR A CD2 1 
ATOM 781  C CE1 . TYR A 1 134 ? 7.121   -10.217 12.473  1.00 537.83 ? 488 TYR A CE1 1 
ATOM 782  C CE2 . TYR A 1 134 ? 5.642   -8.815  13.727  1.00 537.83 ? 488 TYR A CE2 1 
ATOM 783  C CZ  . TYR A 1 134 ? 6.538   -9.865  13.670  1.00 537.83 ? 488 TYR A CZ  1 
ATOM 784  O OH  . TYR A 1 134 ? 6.852   -10.569 14.811  1.00 537.83 ? 488 TYR A OH  1 
ATOM 785  N N   . MET A 1 135 ? 5.590   -5.018  8.245   1.00 511.71 ? 489 MET A N   1 
ATOM 786  C CA  . MET A 1 135 ? 5.302   -4.412  6.953   1.00 511.71 ? 489 MET A CA  1 
ATOM 787  C C   . MET A 1 135 ? 6.579   -4.126  6.184   1.00 511.71 ? 489 MET A C   1 
ATOM 788  O O   . MET A 1 135 ? 6.784   -4.671  5.094   1.00 511.71 ? 489 MET A O   1 
ATOM 789  C CB  . MET A 1 135 ? 4.494   -3.131  7.138   1.00 511.71 ? 489 MET A CB  1 
ATOM 790  C CG  . MET A 1 135 ? 3.121   -3.374  7.725   1.00 511.71 ? 489 MET A CG  1 
ATOM 791  S SD  . MET A 1 135 ? 2.068   -4.417  6.716   1.00 511.71 ? 489 MET A SD  1 
ATOM 792  C CE  . MET A 1 135 ? 2.231   -5.943  7.637   1.00 511.71 ? 489 MET A CE  1 
ATOM 793  N N   . GLU A 1 136 ? 7.466   -3.299  6.738   1.00 420.78 ? 490 GLU A N   1 
ATOM 794  C CA  . GLU A 1 136 ? 8.723   -3.090  6.031   1.00 420.78 ? 490 GLU A CA  1 
ATOM 795  C C   . GLU A 1 136 ? 9.532   -4.371  6.039   1.00 420.78 ? 490 GLU A C   1 
ATOM 796  O O   . GLU A 1 136 ? 10.170  -4.721  5.040   1.00 420.78 ? 490 GLU A O   1 
ATOM 797  C CB  . GLU A 1 136 ? 9.519   -1.927  6.622   1.00 420.78 ? 490 GLU A CB  1 
ATOM 798  C CG  . GLU A 1 136 ? 10.069  -2.132  8.011   1.00 420.78 ? 490 GLU A CG  1 
ATOM 799  C CD  . GLU A 1 136 ? 9.084   -1.732  9.074   1.00 420.78 ? 490 GLU A CD  1 
ATOM 800  O OE1 . GLU A 1 136 ? 7.890   -1.597  8.748   1.00 420.78 ? 490 GLU A OE1 1 
ATOM 801  O OE2 . GLU A 1 136 ? 9.502   -1.543  10.233  1.00 420.78 ? 490 GLU A OE2 1 
ATOM 802  N N   . ASP A 1 137 ? 9.457   -5.117  7.140   1.00 460.09 ? 491 ASP A N   1 
ATOM 803  C CA  . ASP A 1 137 ? 10.090  -6.424  7.176   1.00 460.09 ? 491 ASP A CA  1 
ATOM 804  C C   . ASP A 1 137 ? 9.542   -7.293  6.062   1.00 460.09 ? 491 ASP A C   1 
ATOM 805  O O   . ASP A 1 137 ? 10.252  -8.140  5.511   1.00 460.09 ? 491 ASP A O   1 
ATOM 806  C CB  . ASP A 1 137 ? 9.859   -7.065  8.536   1.00 460.09 ? 491 ASP A CB  1 
ATOM 807  C CG  . ASP A 1 137 ? 10.480  -6.266  9.649   1.00 460.09 ? 491 ASP A CG  1 
ATOM 808  O OD1 . ASP A 1 137 ? 11.490  -5.585  9.389   1.00 460.09 ? 491 ASP A OD1 1 
ATOM 809  O OD2 . ASP A 1 137 ? 9.945   -6.299  10.775  1.00 460.09 ? 491 ASP A OD2 1 
ATOM 810  N N   . ALA A 1 138 ? 8.275   -7.083  5.709   1.00 508.71 ? 492 ALA A N   1 
ATOM 811  C CA  . ALA A 1 138 ? 7.763   -7.648  4.474   1.00 508.71 ? 492 ALA A CA  1 
ATOM 812  C C   . ALA A 1 138 ? 8.439   -7.017  3.271   1.00 508.71 ? 492 ALA A C   1 
ATOM 813  O O   . ALA A 1 138 ? 9.153   -7.692  2.523   1.00 508.71 ? 492 ALA A O   1 
ATOM 814  C CB  . ALA A 1 138 ? 6.253   -7.439  4.388   1.00 508.71 ? 492 ALA A CB  1 
ATOM 815  N N   . ILE A 1 139 ? 8.246   -5.716  3.084   1.00 445.82 ? 493 ILE A N   1 
ATOM 816  C CA  . ILE A 1 139 ? 8.538   -5.115  1.791   1.00 445.82 ? 493 ILE A CA  1 
ATOM 817  C C   . ILE A 1 139 ? 9.999   -4.742  1.598   1.00 445.82 ? 493 ILE A C   1 
ATOM 818  O O   . ILE A 1 139 ? 10.666  -5.281  0.708   1.00 445.82 ? 493 ILE A O   1 
ATOM 819  C CB  . ILE A 1 139 ? 7.621   -3.904  1.532   1.00 445.82 ? 493 ILE A CB  1 
ATOM 820  C CG1 . ILE A 1 139 ? 7.877   -3.370  0.126   1.00 445.82 ? 493 ILE A CG1 1 
ATOM 821  C CG2 . ILE A 1 139 ? 7.701   -2.842  2.635   1.00 445.82 ? 493 ILE A CG2 1 
ATOM 822  C CD1 . ILE A 1 139 ? 6.735   -2.656  -0.435  1.00 445.82 ? 493 ILE A CD1 1 
ATOM 823  N N   . VAL A 1 140 ? 10.511  -3.822  2.415   1.00 417.31 ? 494 VAL A N   1 
ATOM 824  C CA  . VAL A 1 140 ? 11.778  -3.181  2.083   1.00 417.31 ? 494 VAL A CA  1 
ATOM 825  C C   . VAL A 1 140 ? 12.896  -4.211  2.071   1.00 417.31 ? 494 VAL A C   1 
ATOM 826  O O   . VAL A 1 140 ? 13.760  -4.212  1.186   1.00 417.31 ? 494 VAL A O   1 
ATOM 827  C CB  . VAL A 1 140 ? 12.066  -2.019  3.049   1.00 417.31 ? 494 VAL A CB  1 
ATOM 828  C CG1 . VAL A 1 140 ? 10.960  -0.979  2.952   1.00 417.31 ? 494 VAL A CG1 1 
ATOM 829  C CG2 . VAL A 1 140 ? 12.221  -2.508  4.479   1.00 417.31 ? 494 VAL A CG2 1 
ATOM 830  N N   . CYS A 1 141 ? 12.842  -5.149  3.017   1.00 471.32 ? 495 CYS A N   1 
ATOM 831  C CA  . CYS A 1 141 ? 13.889  -6.152  3.148   1.00 471.32 ? 495 CYS A CA  1 
ATOM 832  C C   . CYS A 1 141 ? 14.069  -6.921  1.851   1.00 471.32 ? 495 CYS A C   1 
ATOM 833  O O   . CYS A 1 141 ? 15.199  -7.141  1.399   1.00 471.32 ? 495 CYS A O   1 
ATOM 834  C CB  . CYS A 1 141 ? 13.538  -7.102  4.290   1.00 471.32 ? 495 CYS A CB  1 
ATOM 835  S SG  . CYS A 1 141 ? 13.402  -6.294  5.898   1.00 471.32 ? 495 CYS A SG  1 
ATOM 836  N N   . TYR A 1 142 ? 12.963  -7.318  1.228   1.00 424.88 ? 496 TYR A N   1 
ATOM 837  C CA  . TYR A 1 142 ? 13.046  -8.135  0.028   1.00 424.88 ? 496 TYR A CA  1 
ATOM 838  C C   . TYR A 1 142 ? 13.579  -7.311  -1.139  1.00 424.88 ? 496 TYR A C   1 
ATOM 839  O O   . TYR A 1 142 ? 14.255  -7.843  -2.029  1.00 424.88 ? 496 TYR A O   1 
ATOM 840  C CB  . TYR A 1 142 ? 11.666  -8.718  -0.277  1.00 424.88 ? 496 TYR A CB  1 
ATOM 841  C CG  . TYR A 1 142 ? 11.581  -9.649  -1.464  1.00 424.88 ? 496 TYR A CG  1 
ATOM 842  C CD1 . TYR A 1 142 ? 12.052  -10.953 -1.373  1.00 424.88 ? 496 TYR A CD1 1 
ATOM 843  C CD2 . TYR A 1 142 ? 11.017  -9.239  -2.665  1.00 424.88 ? 496 TYR A CD2 1 
ATOM 844  C CE1 . TYR A 1 142 ? 11.965  -11.825 -2.442  1.00 424.88 ? 496 TYR A CE1 1 
ATOM 845  C CE2 . TYR A 1 142 ? 10.931  -10.104 -3.742  1.00 424.88 ? 496 TYR A CE2 1 
ATOM 846  C CZ  . TYR A 1 142 ? 11.408  -11.394 -3.624  1.00 424.88 ? 496 TYR A CZ  1 
ATOM 847  O OH  . TYR A 1 142 ? 11.325  -12.262 -4.688  1.00 424.88 ? 496 TYR A OH  1 
ATOM 848  N N   . LEU A 1 143 ? 13.315  -5.998  -1.129  1.00 381.21 ? 497 LEU A N   1 
ATOM 849  C CA  . LEU A 1 143 ? 13.877  -5.125  -2.155  1.00 381.21 ? 497 LEU A CA  1 
ATOM 850  C C   . LEU A 1 143 ? 15.387  -5.261  -2.223  1.00 381.21 ? 497 LEU A C   1 
ATOM 851  O O   . LEU A 1 143 ? 15.978  -5.194  -3.306  1.00 381.21 ? 497 LEU A O   1 
ATOM 852  C CB  . LEU A 1 143 ? 13.498  -3.673  -1.886  1.00 381.21 ? 497 LEU A CB  1 
ATOM 853  C CG  . LEU A 1 143 ? 12.221  -3.162  -2.537  1.00 381.21 ? 497 LEU A CG  1 
ATOM 854  C CD1 . LEU A 1 143 ? 12.024  -1.702  -2.185  1.00 381.21 ? 497 LEU A CD1 1 
ATOM 855  C CD2 . LEU A 1 143 ? 12.340  -3.342  -4.038  1.00 381.21 ? 497 LEU A CD2 1 
ATOM 856  N N   . THR A 1 144 ? 16.027  -5.443  -1.070  1.00 445.42 ? 498 THR A N   1 
ATOM 857  C CA  . THR A 1 144 ? 17.470  -5.627  -1.047  1.00 445.42 ? 498 THR A CA  1 
ATOM 858  C C   . THR A 1 144 ? 17.876  -6.860  -1.841  1.00 445.42 ? 498 THR A C   1 
ATOM 859  O O   . THR A 1 144 ? 18.809  -6.813  -2.648  1.00 445.42 ? 498 THR A O   1 
ATOM 860  C CB  . THR A 1 144 ? 17.954  -5.739  0.397   1.00 445.42 ? 498 THR A CB  1 
ATOM 861  O OG1 . THR A 1 144 ? 17.363  -6.893  1.005   1.00 445.42 ? 498 THR A OG1 1 
ATOM 862  C CG2 . THR A 1 144 ? 17.548  -4.504  1.183   1.00 445.42 ? 498 THR A CG2 1 
ATOM 863  N N   . VAL A 1 145 ? 17.173  -7.974  -1.638  1.00 418.55 ? 499 VAL A N   1 
ATOM 864  C CA  . VAL A 1 145 ? 17.630  -9.228  -2.227  1.00 418.55 ? 499 VAL A CA  1 
ATOM 865  C C   . VAL A 1 145 ? 17.185  -9.335  -3.681  1.00 418.55 ? 499 VAL A C   1 
ATOM 866  O O   . VAL A 1 145 ? 17.907  -9.876  -4.527  1.00 418.55 ? 499 VAL A O   1 
ATOM 867  C CB  . VAL A 1 145 ? 17.148  -10.429 -1.389  1.00 418.55 ? 499 VAL A CB  1 
ATOM 868  C CG1 . VAL A 1 145 ? 15.638  -10.521 -1.385  1.00 418.55 ? 499 VAL A CG1 1 
ATOM 869  C CG2 . VAL A 1 145 ? 17.754  -11.719 -1.919  1.00 418.55 ? 499 VAL A CG2 1 
ATOM 870  N N   . CYS A 1 146 ? 16.006  -8.807  -4.000  1.00 402.01 ? 500 CYS A N   1 
ATOM 871  C CA  . CYS A 1 146 ? 15.403  -9.011  -5.311  1.00 402.01 ? 500 CYS A CA  1 
ATOM 872  C C   . CYS A 1 146 ? 15.054  -7.672  -5.937  1.00 402.01 ? 500 CYS A C   1 
ATOM 873  O O   . CYS A 1 146 ? 14.658  -6.735  -5.235  1.00 402.01 ? 500 CYS A O   1 
ATOM 874  C CB  . CYS A 1 146 ? 14.166  -9.905  -5.215  1.00 402.01 ? 500 CYS A CB  1 
ATOM 875  S SG  . CYS A 1 146 ? 14.554  -11.598 -4.724  1.00 402.01 ? 500 CYS A SG  1 
ATOM 876  N N   . LYS A 1 147 ? 15.189  -7.599  -7.260  1.00 410.22 ? 501 LYS A N   1 
ATOM 877  C CA  . LYS A 1 147 ? 15.046  -6.350  -8.005  1.00 410.22 ? 501 LYS A CA  1 
ATOM 878  C C   . LYS A 1 147 ? 13.587  -6.196  -8.431  1.00 410.22 ? 501 LYS A C   1 
ATOM 879  O O   . LYS A 1 147 ? 13.249  -6.062  -9.608  1.00 410.22 ? 501 LYS A O   1 
ATOM 880  C CB  . LYS A 1 147 ? 15.988  -6.340  -9.204  1.00 410.22 ? 501 LYS A CB  1 
ATOM 881  C CG  . LYS A 1 147 ? 17.209  -7.253  -9.065  1.00 410.22 ? 501 LYS A CG  1 
ATOM 882  C CD  . LYS A 1 147 ? 18.058  -6.926  -7.839  1.00 410.22 ? 501 LYS A CD  1 
ATOM 883  C CE  . LYS A 1 147 ? 19.132  -7.978  -7.623  1.00 410.22 ? 501 LYS A CE  1 
ATOM 884  N NZ  . LYS A 1 147 ? 18.617  -9.130  -6.834  1.00 410.22 ? 501 LYS A NZ  1 
ATOM 885  N N   . LEU A 1 148 ? 12.714  -6.227  -7.428  1.00 442.62 ? 502 LEU A N   1 
ATOM 886  C CA  . LEU A 1 148 ? 11.269  -6.268  -7.628  1.00 442.62 ? 502 LEU A CA  1 
ATOM 887  C C   . LEU A 1 148 ? 10.693  -4.904  -7.276  1.00 442.62 ? 502 LEU A C   1 
ATOM 888  O O   . LEU A 1 148 ? 10.335  -4.651  -6.121  1.00 442.62 ? 502 LEU A O   1 
ATOM 889  C CB  . LEU A 1 148 ? 10.641  -7.370  -6.784  1.00 442.62 ? 502 LEU A CB  1 
ATOM 890  C CG  . LEU A 1 148 ? 9.266   -7.822  -7.265  1.00 442.62 ? 502 LEU A CG  1 
ATOM 891  C CD1 . LEU A 1 148 ? 9.242   -7.902  -8.786  1.00 442.62 ? 502 LEU A CD1 1 
ATOM 892  C CD2 . LEU A 1 148 ? 8.883   -9.157  -6.647  1.00 442.62 ? 502 LEU A CD2 1 
ATOM 893  N N   . GLN A 1 149 ? 10.584  -4.039  -8.281  1.00 510.85 ? 503 GLN A N   1 
ATOM 894  C CA  . GLN A 1 149 ? 10.300  -2.632  -8.026  1.00 510.85 ? 503 GLN A CA  1 
ATOM 895  C C   . GLN A 1 149 ? 8.806   -2.375  -7.880  1.00 510.85 ? 503 GLN A C   1 
ATOM 896  O O   . GLN A 1 149 ? 8.386   -1.649  -6.976  1.00 510.85 ? 503 GLN A O   1 
ATOM 897  C CB  . GLN A 1 149 ? 10.883  -1.780  -9.152  1.00 510.85 ? 503 GLN A CB  1 
ATOM 898  C CG  . GLN A 1 149 ? 10.428  -2.176  -10.558 1.00 510.85 ? 503 GLN A CG  1 
ATOM 899  C CD  . GLN A 1 149 ? 11.162  -3.380  -11.114 1.00 510.85 ? 503 GLN A CD  1 
ATOM 900  O OE1 . GLN A 1 149 ? 11.242  -4.423  -10.469 1.00 510.85 ? 503 GLN A OE1 1 
ATOM 901  N NE2 . GLN A 1 149 ? 11.700  -3.242  -12.320 1.00 510.85 ? 503 GLN A NE2 1 
ATOM 902  N N   . GLN A 1 150 ? 7.991   -2.949  -8.764  1.00 518.57 ? 504 GLN A N   1 
ATOM 903  C CA  . GLN A 1 150 ? 6.588   -2.551  -8.840  1.00 518.57 ? 504 GLN A CA  1 
ATOM 904  C C   . GLN A 1 150 ? 5.792   -3.052  -7.640  1.00 518.57 ? 504 GLN A C   1 
ATOM 905  O O   . GLN A 1 150 ? 4.919   -2.341  -7.131  1.00 518.57 ? 504 GLN A O   1 
ATOM 906  C CB  . GLN A 1 150 ? 5.987   -3.046  -10.154 1.00 518.57 ? 504 GLN A CB  1 
ATOM 907  C CG  . GLN A 1 150 ? 5.822   -4.548  -10.244 1.00 518.57 ? 504 GLN A CG  1 
ATOM 908  C CD  . GLN A 1 150 ? 7.094   -5.236  -10.690 1.00 518.57 ? 504 GLN A CD  1 
ATOM 909  O OE1 . GLN A 1 150 ? 8.178   -4.652  -10.643 1.00 518.57 ? 504 GLN A OE1 1 
ATOM 910  N NE2 . GLN A 1 150 ? 6.972   -6.481  -11.130 1.00 518.57 ? 504 GLN A NE2 1 
ATOM 911  N N   . PHE A 1 151 ? 6.066   -4.272  -7.181  1.00 482.67 ? 505 PHE A N   1 
ATOM 912  C CA  . PHE A 1 151 ? 5.441   -4.726  -5.945  1.00 482.67 ? 505 PHE A CA  1 
ATOM 913  C C   . PHE A 1 151 ? 5.861   -3.849  -4.779  1.00 482.67 ? 505 PHE A C   1 
ATOM 914  O O   . PHE A 1 151 ? 5.049   -3.546  -3.896  1.00 482.67 ? 505 PHE A O   1 
ATOM 915  C CB  . PHE A 1 151 ? 5.785   -6.191  -5.688  1.00 482.67 ? 505 PHE A CB  1 
ATOM 916  C CG  . PHE A 1 151 ? 5.179   -7.137  -6.683  1.00 482.67 ? 505 PHE A CG  1 
ATOM 917  C CD1 . PHE A 1 151 ? 3.858   -7.536  -6.556  1.00 482.67 ? 505 PHE A CD1 1 
ATOM 918  C CD2 . PHE A 1 151 ? 5.911   -7.600  -7.761  1.00 482.67 ? 505 PHE A CD2 1 
ATOM 919  C CE1 . PHE A 1 151 ? 3.291   -8.401  -7.470  1.00 482.67 ? 505 PHE A CE1 1 
ATOM 920  C CE2 . PHE A 1 151 ? 5.351   -8.463  -8.681  1.00 482.67 ? 505 PHE A CE2 1 
ATOM 921  C CZ  . PHE A 1 151 ? 4.039   -8.864  -8.538  1.00 482.67 ? 505 PHE A CZ  1 
ATOM 922  N N   . ALA A 1 152 ? 7.124   -3.429  -4.762  1.00 484.79 ? 506 ALA A N   1 
ATOM 923  C CA  . ALA A 1 152 ? 7.539   -2.432  -3.788  1.00 484.79 ? 506 ALA A CA  1 
ATOM 924  C C   . ALA A 1 152 ? 6.658   -1.198  -3.878  1.00 484.79 ? 506 ALA A C   1 
ATOM 925  O O   . ALA A 1 152 ? 6.138   -0.728  -2.867  1.00 484.79 ? 506 ALA A O   1 
ATOM 926  C CB  . ALA A 1 152 ? 9.004   -2.061  -3.999  1.00 484.79 ? 506 ALA A CB  1 
ATOM 927  N N   . THR A 1 153 ? 6.452   -0.683  -5.087  1.00 476.09 ? 507 THR A N   1 
ATOM 928  C CA  . THR A 1 153 ? 5.628   0.510   -5.244  1.00 476.09 ? 507 THR A CA  1 
ATOM 929  C C   . THR A 1 153 ? 4.234   0.301   -4.672  1.00 476.09 ? 507 THR A C   1 
ATOM 930  O O   . THR A 1 153 ? 3.771   1.094   -3.845  1.00 476.09 ? 507 THR A O   1 
ATOM 931  C CB  . THR A 1 153 ? 5.536   0.888   -6.721  1.00 476.09 ? 507 THR A CB  1 
ATOM 932  O OG1 . THR A 1 153 ? 4.836   -0.141  -7.429  1.00 476.09 ? 507 THR A OG1 1 
ATOM 933  C CG2 . THR A 1 153 ? 6.917   1.061   -7.315  1.00 476.09 ? 507 THR A CG2 1 
ATOM 934  N N   . ARG A 1 154 ? 3.555   -0.766  -5.093  1.00 432.57 ? 508 ARG A N   1 
ATOM 935  C CA  . ARG A 1 154 ? 2.176   -0.971  -4.657  1.00 432.57 ? 508 ARG A CA  1 
ATOM 936  C C   . ARG A 1 154 ? 2.082   -1.172  -3.151  1.00 432.57 ? 508 ARG A C   1 
ATOM 937  O O   . ARG A 1 154 ? 1.249   -0.546  -2.484  1.00 432.57 ? 508 ARG A O   1 
ATOM 938  C CB  . ARG A 1 154 ? 1.536   -2.152  -5.390  1.00 432.57 ? 508 ARG A CB  1 
ATOM 939  C CG  . ARG A 1 154 ? 1.921   -2.339  -6.856  1.00 432.57 ? 508 ARG A CG  1 
ATOM 940  C CD  . ARG A 1 154 ? 0.980   -1.555  -7.779  1.00 432.57 ? 508 ARG A CD  1 
ATOM 941  N NE  . ARG A 1 154 ? 0.979   -2.059  -9.155  1.00 432.57 ? 508 ARG A NE  1 
ATOM 942  C CZ  . ARG A 1 154 ? 0.408   -1.438  -10.185 1.00 432.57 ? 508 ARG A CZ  1 
ATOM 943  N NH1 . ARG A 1 154 ? 0.452   -1.981  -11.394 1.00 432.57 ? 508 ARG A NH1 1 
ATOM 944  N NH2 . ARG A 1 154 ? -0.211  -0.278  -10.011 1.00 432.57 ? 508 ARG A NH2 1 
ATOM 945  N N   . ALA A 1 155 ? 2.900   -2.062  -2.595  1.00 460.50 ? 509 ALA A N   1 
ATOM 946  C CA  . ALA A 1 155 ? 2.778   -2.332  -1.171  1.00 460.50 ? 509 ALA A CA  1 
ATOM 947  C C   . ALA A 1 155 ? 3.196   -1.122  -0.348  1.00 460.50 ? 509 ALA A C   1 
ATOM 948  O O   . ALA A 1 155 ? 2.553   -0.800  0.658   1.00 460.50 ? 509 ALA A O   1 
ATOM 949  C CB  . ALA A 1 155 ? 3.572   -3.578  -0.799  1.00 460.50 ? 509 ALA A CB  1 
ATOM 950  N N   . THR A 1 156 ? 4.248   -0.414  -0.773  1.00 517.08 ? 510 THR A N   1 
ATOM 951  C CA  . THR A 1 156 ? 4.617   0.828   -0.110  1.00 517.08 ? 510 THR A CA  1 
ATOM 952  C C   . THR A 1 156 ? 3.479   1.832   -0.132  1.00 517.08 ? 510 THR A C   1 
ATOM 953  O O   . THR A 1 156 ? 3.209   2.486   0.879   1.00 517.08 ? 510 THR A O   1 
ATOM 954  C CB  . THR A 1 156 ? 5.857   1.441   -0.758  1.00 517.08 ? 510 THR A CB  1 
ATOM 955  O OG1 . THR A 1 156 ? 5.689   1.488   -2.183  1.00 517.08 ? 510 THR A OG1 1 
ATOM 956  C CG2 . THR A 1 156 ? 7.127   0.704   -0.374  1.00 517.08 ? 510 THR A CG2 1 
ATOM 957  N N   . LEU A 1 157 ? 2.807   1.993   -1.271  1.00 502.21 ? 511 LEU A N   1 
ATOM 958  C CA  . LEU A 1 157 ? 1.732   2.973   -1.294  1.00 502.21 ? 511 LEU A CA  1 
ATOM 959  C C   . LEU A 1 157 ? 0.604   2.555   -0.361  1.00 502.21 ? 511 LEU A C   1 
ATOM 960  O O   . LEU A 1 157 ? 0.277   3.287   0.579   1.00 502.21 ? 511 LEU A O   1 
ATOM 961  C CB  . LEU A 1 157 ? 1.240   3.209   -2.725  1.00 502.21 ? 511 LEU A CB  1 
ATOM 962  C CG  . LEU A 1 157 ? 0.623   2.140   -3.626  1.00 502.21 ? 511 LEU A CG  1 
ATOM 963  C CD1 . LEU A 1 157 ? -0.878  2.011   -3.416  1.00 502.21 ? 511 LEU A CD1 1 
ATOM 964  C CD2 . LEU A 1 157 ? 0.938   2.436   -5.079  1.00 502.21 ? 511 LEU A CD2 1 
ATOM 965  N N   . LEU A 1 158 ? 0.095   1.330   -0.513  1.00 507.42 ? 512 LEU A N   1 
ATOM 966  C CA  . LEU A 1 158 ? -0.999  0.910   0.356   1.00 507.42 ? 512 LEU A CA  1 
ATOM 967  C C   . LEU A 1 158 ? -0.609  1.049   1.821   1.00 507.42 ? 512 LEU A C   1 
ATOM 968  O O   . LEU A 1 158 ? -1.444  1.405   2.661   1.00 507.42 ? 512 LEU A O   1 
ATOM 969  C CB  . LEU A 1 158 ? -1.430  -0.517  0.027   1.00 507.42 ? 512 LEU A CB  1 
ATOM 970  C CG  . LEU A 1 158 ? -0.401  -1.640  0.037   1.00 507.42 ? 512 LEU A CG  1 
ATOM 971  C CD1 . LEU A 1 158 ? -0.293  -2.308  1.396   1.00 507.42 ? 512 LEU A CD1 1 
ATOM 972  C CD2 . LEU A 1 158 ? -0.756  -2.656  -1.037  1.00 507.42 ? 512 LEU A CD2 1 
ATOM 973  N N   . SER A 1 159 ? 0.671   0.847   2.131   1.00 575.01 ? 513 SER A N   1 
ATOM 974  C CA  . SER A 1 159 ? 1.156   1.164   3.465   1.00 575.01 ? 513 SER A CA  1 
ATOM 975  C C   . SER A 1 159 ? 1.032   2.654   3.751   1.00 575.01 ? 513 SER A C   1 
ATOM 976  O O   . SER A 1 159 ? 0.713   3.053   4.874   1.00 575.01 ? 513 SER A O   1 
ATOM 977  C CB  . SER A 1 159 ? 2.604   0.711   3.617   1.00 575.01 ? 513 SER A CB  1 
ATOM 978  O OG  . SER A 1 159 ? 3.465   1.501   2.821   1.00 575.01 ? 513 SER A OG  1 
ATOM 979  N N   . MET A 1 160 ? 1.309   3.494   2.753   1.00 584.74 ? 514 MET A N   1 
ATOM 980  C CA  . MET A 1 160 ? 1.241   4.936   2.963   1.00 584.74 ? 514 MET A CA  1 
ATOM 981  C C   . MET A 1 160 ? -0.164  5.359   3.367   1.00 584.74 ? 514 MET A C   1 
ATOM 982  O O   . MET A 1 160 ? -0.347  6.109   4.332   1.00 584.74 ? 514 MET A O   1 
ATOM 983  C CB  . MET A 1 160 ? 1.698   5.679   1.705   1.00 584.74 ? 514 MET A CB  1 
ATOM 984  C CG  . MET A 1 160 ? 1.730   7.202   1.835   1.00 584.74 ? 514 MET A CG  1 
ATOM 985  S SD  . MET A 1 160 ? 0.139   8.029   1.610   1.00 584.74 ? 514 MET A SD  1 
ATOM 986  C CE  . MET A 1 160 ? -0.101  7.845   -0.153  1.00 584.74 ? 514 MET A CE  1 
ATOM 987  N N   . GLU A 1 161 ? -1.173  4.883   2.641   1.00 576.13 ? 515 GLU A N   1 
ATOM 988  C CA  . GLU A 1 161 ? -2.543  5.221   3.035   1.00 576.13 ? 515 GLU A CA  1 
ATOM 989  C C   . GLU A 1 161 ? -2.985  4.523   4.320   1.00 576.13 ? 515 GLU A C   1 
ATOM 990  O O   . GLU A 1 161 ? -3.781  5.087   5.075   1.00 576.13 ? 515 GLU A O   1 
ATOM 991  C CB  . GLU A 1 161 ? -3.563  4.985   1.913   1.00 576.13 ? 515 GLU A CB  1 
ATOM 992  C CG  . GLU A 1 161 ? -3.453  3.698   1.168   1.00 576.13 ? 515 GLU A CG  1 
ATOM 993  C CD  . GLU A 1 161 ? -2.537  3.881   -0.013  1.00 576.13 ? 515 GLU A CD  1 
ATOM 994  O OE1 . GLU A 1 161 ? -1.589  4.680   0.101   1.00 576.13 ? 515 GLU A OE1 1 
ATOM 995  O OE2 . GLU A 1 161 ? -2.754  3.226   -1.051  1.00 576.13 ? 515 GLU A OE2 1 
ATOM 996  N N   . CYS A 1 162 ? -2.507  3.309   4.605   1.00 572.88 ? 516 CYS A N   1 
ATOM 997  C CA  . CYS A 1 162 ? -2.944  2.697   5.859   1.00 572.88 ? 516 CYS A CA  1 
ATOM 998  C C   . CYS A 1 162 ? -2.348  3.431   7.057   1.00 572.88 ? 516 CYS A C   1 
ATOM 999  O O   . CYS A 1 162 ? -3.001  3.574   8.097   1.00 572.88 ? 516 CYS A O   1 
ATOM 1000 C CB  . CYS A 1 162 ? -2.591  1.211   5.903   1.00 572.88 ? 516 CYS A CB  1 
ATOM 1001 S SG  . CYS A 1 162 ? -0.862  0.827   6.194   1.00 572.88 ? 516 CYS A SG  1 
ATOM 1002 N N   . LEU A 1 163 ? -1.111  3.906   6.925   1.00 596.16 ? 517 LEU A N   1 
ATOM 1003 C CA  . LEU A 1 163 ? -0.526  4.781   7.933   1.00 596.16 ? 517 LEU A CA  1 
ATOM 1004 C C   . LEU A 1 163 ? -1.163  6.159   7.919   1.00 596.16 ? 517 LEU A C   1 
ATOM 1005 O O   . LEU A 1 163 ? -1.103  6.878   8.922   1.00 596.16 ? 517 LEU A O   1 
ATOM 1006 C CB  . LEU A 1 163 ? 0.981   4.861   7.715   1.00 596.16 ? 517 LEU A CB  1 
ATOM 1007 C CG  . LEU A 1 163 ? 1.556   3.481   8.004   1.00 596.16 ? 517 LEU A CG  1 
ATOM 1008 C CD1 . LEU A 1 163 ? 3.022   3.354   7.691   1.00 596.16 ? 517 LEU A CD1 1 
ATOM 1009 C CD2 . LEU A 1 163 ? 1.363   3.301   9.486   1.00 596.16 ? 517 LEU A CD2 1 
ATOM 1010 N N   . LYS A 1 164 ? -1.770  6.546   6.797   1.00 601.14 ? 518 LYS A N   1 
ATOM 1011 C CA  . LYS A 1 164 ? -2.605  7.739   6.797   1.00 601.14 ? 518 LYS A CA  1 
ATOM 1012 C C   . LYS A 1 164 ? -3.815  7.541   7.701   1.00 601.14 ? 518 LYS A C   1 
ATOM 1013 O O   . LYS A 1 164 ? -4.227  8.466   8.410   1.00 601.14 ? 518 LYS A O   1 
ATOM 1014 C CB  . LYS A 1 164 ? -3.036  8.083   5.373   1.00 601.14 ? 518 LYS A CB  1 
ATOM 1015 C CG  . LYS A 1 164 ? -2.024  8.913   4.601   1.00 601.14 ? 518 LYS A CG  1 
ATOM 1016 C CD  . LYS A 1 164 ? -1.743  10.239  5.290   1.00 601.14 ? 518 LYS A CD  1 
ATOM 1017 C CE  . LYS A 1 164 ? -0.350  10.754  4.949   1.00 601.14 ? 518 LYS A CE  1 
ATOM 1018 N NZ  . LYS A 1 164 ? 0.717   9.841   5.442   1.00 601.14 ? 518 LYS A NZ  1 
ATOM 1019 N N   . THR A 1 165 ? -4.395  6.338   7.687   1.00 632.38 ? 519 THR A N   1 
ATOM 1020 C CA  . THR A 1 165 ? -5.431  6.005   8.660   1.00 632.38 ? 519 THR A CA  1 
ATOM 1021 C C   . THR A 1 165 ? -4.880  6.067   10.075  1.00 632.38 ? 519 THR A C   1 
ATOM 1022 O O   . THR A 1 165 ? -5.552  6.550   10.992  1.00 632.38 ? 519 THR A O   1 
ATOM 1023 C CB  . THR A 1 165 ? -6.007  4.616   8.378   1.00 632.38 ? 519 THR A CB  1 
ATOM 1024 O OG1 . THR A 1 165 ? -5.096  3.614   8.848   1.00 632.38 ? 519 THR A OG1 1 
ATOM 1025 C CG2 . THR A 1 165 ? -6.242  4.425   6.894   1.00 632.38 ? 519 THR A CG2 1 
ATOM 1026 N N   . ALA A 1 166 ? -3.662  5.576   10.272  1.00 607.08 ? 520 ALA A N   1 
ATOM 1027 C CA  . ALA A 1 166 ? -2.985  5.747   11.542  1.00 607.08 ? 520 ALA A CA  1 
ATOM 1028 C C   . ALA A 1 166 ? -2.524  7.192   11.699  1.00 607.08 ? 520 ALA A C   1 
ATOM 1029 O O   . ALA A 1 166 ? -2.749  8.048   10.840  1.00 607.08 ? 520 ALA A O   1 
ATOM 1030 C CB  . ALA A 1 166 ? -1.797  4.794   11.650  1.00 607.08 ? 520 ALA A CB  1 
ATOM 1031 N N   . ARG A 1 167 ? -1.870  7.461   12.820  1.00 561.34 ? 521 ARG A N   1 
ATOM 1032 C CA  . ARG A 1 167 ? -1.363  8.797   13.092  1.00 561.34 ? 521 ARG A CA  1 
ATOM 1033 C C   . ARG A 1 167 ? 0.034   9.012   12.514  1.00 561.34 ? 521 ARG A C   1 
ATOM 1034 O O   . ARG A 1 167 ? 0.495   10.155  12.438  1.00 561.34 ? 521 ARG A O   1 
ATOM 1035 C CB  . ARG A 1 167 ? -1.395  9.023   14.613  1.00 561.34 ? 521 ARG A CB  1 
ATOM 1036 C CG  . ARG A 1 167 ? -0.434  10.045  15.198  1.00 561.34 ? 521 ARG A CG  1 
ATOM 1037 C CD  . ARG A 1 167 ? -0.962  11.451  14.962  1.00 561.34 ? 521 ARG A CD  1 
ATOM 1038 N NE  . ARG A 1 167 ? -0.078  12.482  15.492  1.00 561.34 ? 521 ARG A NE  1 
ATOM 1039 C CZ  . ARG A 1 167 ? -0.232  13.781  15.263  1.00 561.34 ? 521 ARG A CZ  1 
ATOM 1040 N NH1 . ARG A 1 167 ? -1.230  14.208  14.502  1.00 561.34 ? 521 ARG A NH1 1 
ATOM 1041 N NH2 . ARG A 1 167 ? 0.617   14.656  15.788  1.00 561.34 ? 521 ARG A NH2 1 
ATOM 1042 N N   . LEU A 1 168 ? 0.678   7.952   12.023  1.00 471.00 ? 522 LEU A N   1 
ATOM 1043 C CA  . LEU A 1 168 ? 2.095   7.996   11.656  1.00 471.00 ? 522 LEU A CA  1 
ATOM 1044 C C   . LEU A 1 168 ? 2.242   8.226   10.151  1.00 471.00 ? 522 LEU A C   1 
ATOM 1045 O O   . LEU A 1 168 ? 2.080   7.328   9.323   1.00 471.00 ? 522 LEU A O   1 
ATOM 1046 C CB  . LEU A 1 168 ? 2.792   6.719   12.100  1.00 471.00 ? 522 LEU A CB  1 
ATOM 1047 C CG  . LEU A 1 168 ? 3.268   6.620   13.552  1.00 471.00 ? 522 LEU A CG  1 
ATOM 1048 C CD1 . LEU A 1 168 ? 4.320   7.678   13.840  1.00 471.00 ? 522 LEU A CD1 1 
ATOM 1049 C CD2 . LEU A 1 168 ? 2.113   6.715   14.539  1.00 471.00 ? 522 LEU A CD2 1 
ATOM 1050 N N   . TYR A 1 169 ? 2.560   9.475   9.805   1.00 521.40 ? 523 TYR A N   1 
ATOM 1051 C CA  . TYR A 1 169 ? 2.642   9.859   8.398   1.00 521.40 ? 523 TYR A CA  1 
ATOM 1052 C C   . TYR A 1 169 ? 4.084   10.029  7.928   1.00 521.40 ? 523 TYR A C   1 
ATOM 1053 O O   . TYR A 1 169 ? 4.313   10.482  6.802   1.00 521.40 ? 523 TYR A O   1 
ATOM 1054 C CB  . TYR A 1 169 ? 1.873   11.157  8.169   1.00 521.40 ? 523 TYR A CB  1 
ATOM 1055 C CG  . TYR A 1 169 ? 0.554   11.222  8.898   1.00 521.40 ? 523 TYR A CG  1 
ATOM 1056 C CD1 . TYR A 1 169 ? -0.513  10.421  8.521   1.00 521.40 ? 523 TYR A CD1 1 
ATOM 1057 C CD2 . TYR A 1 169 ? 0.373   12.097  9.960   1.00 521.40 ? 523 TYR A CD2 1 
ATOM 1058 C CE1 . TYR A 1 169 ? -1.718  10.483  9.185   1.00 521.40 ? 523 TYR A CE1 1 
ATOM 1059 C CE2 . TYR A 1 169 ? -0.835  12.171  10.628  1.00 521.40 ? 523 TYR A CE2 1 
ATOM 1060 C CZ  . TYR A 1 169 ? -1.874  11.359  10.238  1.00 521.40 ? 523 TYR A CZ  1 
ATOM 1061 O OH  . TYR A 1 169 ? -3.072  11.428  10.902  1.00 521.40 ? 523 TYR A OH  1 
ATOM 1062 N N   . SER A 1 170 ? 5.064   9.709   8.773   1.00 534.01 ? 524 SER A N   1 
ATOM 1063 C CA  . SER A 1 170 ? 6.445   10.087  8.476   1.00 534.01 ? 524 SER A CA  1 
ATOM 1064 C C   . SER A 1 170 ? 7.220   8.951   7.827   1.00 534.01 ? 524 SER A C   1 
ATOM 1065 O O   . SER A 1 170 ? 7.882   9.142   6.799   1.00 534.01 ? 524 SER A O   1 
ATOM 1066 C CB  . SER A 1 170 ? 7.144   10.522  9.757   1.00 534.01 ? 524 SER A CB  1 
ATOM 1067 O OG  . SER A 1 170 ? 6.997   9.526   10.751  1.00 534.01 ? 524 SER A OG  1 
ATOM 1068 N N   . GLU A 1 171 ? 7.179   7.771   8.443   1.00 546.53 ? 525 GLU A N   1 
ATOM 1069 C CA  . GLU A 1 171 ? 7.908   6.618   7.932   1.00 546.53 ? 525 GLU A CA  1 
ATOM 1070 C C   . GLU A 1 171 ? 7.573   6.357   6.473   1.00 546.53 ? 525 GLU A C   1 
ATOM 1071 O O   . GLU A 1 171 ? 8.443   5.962   5.684   1.00 546.53 ? 525 GLU A O   1 
ATOM 1072 C CB  . GLU A 1 171 ? 7.589   5.410   8.808   1.00 546.53 ? 525 GLU A CB  1 
ATOM 1073 C CG  . GLU A 1 171 ? 6.150   4.948   8.686   1.00 546.53 ? 525 GLU A CG  1 
ATOM 1074 C CD  . GLU A 1 171 ? 5.195   5.782   9.526   1.00 546.53 ? 525 GLU A CD  1 
ATOM 1075 O OE1 . GLU A 1 171 ? 5.568   6.902   9.934   1.00 546.53 ? 525 GLU A OE1 1 
ATOM 1076 O OE2 . GLU A 1 171 ? 4.063   5.324   9.769   1.00 546.53 ? 525 GLU A OE2 1 
ATOM 1077 N N   . VAL A 1 172 ? 6.322   6.600   6.090   1.00 507.06 ? 526 VAL A N   1 
ATOM 1078 C CA  . VAL A 1 172 ? 5.962   6.490   4.686   1.00 507.06 ? 526 VAL A CA  1 
ATOM 1079 C C   . VAL A 1 172 ? 6.765   7.484   3.869   1.00 507.06 ? 526 VAL A C   1 
ATOM 1080 O O   . VAL A 1 172 ? 7.285   7.151   2.804   1.00 507.06 ? 526 VAL A O   1 
ATOM 1081 C CB  . VAL A 1 172 ? 4.448   6.683   4.505   1.00 507.06 ? 526 VAL A CB  1 
ATOM 1082 C CG1 . VAL A 1 172 ? 3.721   5.616   5.257   1.00 507.06 ? 526 VAL A CG1 1 
ATOM 1083 C CG2 . VAL A 1 172 ? 4.006   8.039   5.000   1.00 507.06 ? 526 VAL A CG2 1 
ATOM 1084 N N   . ALA A 1 173 ? 6.921   8.704   4.378   1.00 528.06 ? 527 ALA A N   1 
ATOM 1085 C CA  . ALA A 1 173 ? 7.686   9.701   3.644   1.00 528.06 ? 527 ALA A CA  1 
ATOM 1086 C C   . ALA A 1 173 ? 9.144   9.291   3.517   1.00 528.06 ? 527 ALA A C   1 
ATOM 1087 O O   . ALA A 1 173 ? 9.754   9.468   2.458   1.00 528.06 ? 527 ALA A O   1 
ATOM 1088 C CB  . ALA A 1 173 ? 7.566   11.062  4.323   1.00 528.06 ? 527 ALA A CB  1 
ATOM 1089 N N   . LYS A 1 174 ? 9.724   8.731   4.579   1.00 553.51 ? 528 LYS A N   1 
ATOM 1090 C CA  . LYS A 1 174 ? 11.156  8.448   4.539   1.00 553.51 ? 528 LYS A CA  1 
ATOM 1091 C C   . LYS A 1 174 ? 11.468  7.246   3.655   1.00 553.51 ? 528 LYS A C   1 
ATOM 1092 O O   . LYS A 1 174 ? 12.424  7.285   2.872   1.00 553.51 ? 528 LYS A O   1 
ATOM 1093 C CB  . LYS A 1 174 ? 11.709  8.265   5.952   1.00 553.51 ? 528 LYS A CB  1 
ATOM 1094 C CG  . LYS A 1 174 ? 11.122  7.133   6.752   1.00 553.51 ? 528 LYS A CG  1 
ATOM 1095 C CD  . LYS A 1 174 ? 11.829  7.020   8.088   1.00 553.51 ? 528 LYS A CD  1 
ATOM 1096 C CE  . LYS A 1 174 ? 11.549  8.234   8.961   1.00 553.51 ? 528 LYS A CE  1 
ATOM 1097 N NZ  . LYS A 1 174 ? 10.128  8.353   9.371   1.00 553.51 ? 528 LYS A NZ  1 
ATOM 1098 N N   . GLN A 1 175 ? 10.674  6.177   3.742   1.00 565.26 ? 529 GLN A N   1 
ATOM 1099 C CA  . GLN A 1 175 ? 10.798  5.115   2.745   1.00 565.26 ? 529 GLN A CA  1 
ATOM 1100 C C   . GLN A 1 175 ? 10.496  5.639   1.345   1.00 565.26 ? 529 GLN A C   1 
ATOM 1101 O O   . GLN A 1 175 ? 11.122  5.219   0.354   1.00 565.26 ? 529 GLN A O   1 
ATOM 1102 C CB  . GLN A 1 175 ? 9.882   3.946   3.111   1.00 565.26 ? 529 GLN A CB  1 
ATOM 1103 C CG  . GLN A 1 175 ? 8.397   4.295   3.136   1.00 565.26 ? 529 GLN A CG  1 
ATOM 1104 C CD  . GLN A 1 175 ? 7.720   4.254   1.786   1.00 565.26 ? 529 GLN A CD  1 
ATOM 1105 O OE1 . GLN A 1 175 ? 8.102   3.496   0.902   1.00 565.26 ? 529 GLN A OE1 1 
ATOM 1106 N NE2 . GLN A 1 175 ? 6.714   5.103   1.613   1.00 565.26 ? 529 GLN A NE2 1 
ATOM 1107 N N   . LEU A 1 176 ? 9.556   6.579   1.252   1.00 538.36 ? 530 LEU A N   1 
ATOM 1108 C CA  . LEU A 1 176 ? 9.111   7.070   -0.035  1.00 538.36 ? 530 LEU A CA  1 
ATOM 1109 C C   . LEU A 1 176 ? 10.212  7.854   -0.715  1.00 538.36 ? 530 LEU A C   1 
ATOM 1110 O O   . LEU A 1 176 ? 10.326  7.844   -1.942  1.00 538.36 ? 530 LEU A O   1 
ATOM 1111 C CB  . LEU A 1 176 ? 7.870   7.930   0.169   1.00 538.36 ? 530 LEU A CB  1 
ATOM 1112 C CG  . LEU A 1 176 ? 7.258   8.463   -1.107  1.00 538.36 ? 530 LEU A CG  1 
ATOM 1113 C CD1 . LEU A 1 176 ? 6.924   7.234   -1.895  1.00 538.36 ? 530 LEU A CD1 1 
ATOM 1114 C CD2 . LEU A 1 176 ? 6.008   9.259   -0.781  1.00 538.36 ? 530 LEU A CD2 1 
ATOM 1115 N N   . ILE A 1 177 ? 11.035  8.535   0.075   1.00 545.95 ? 531 ILE A N   1 
ATOM 1116 C CA  . ILE A 1 177 ? 12.178  9.244   -0.478  1.00 545.95 ? 531 ILE A CA  1 
ATOM 1117 C C   . ILE A 1 177 ? 13.124  8.268   -1.160  1.00 545.95 ? 531 ILE A C   1 
ATOM 1118 O O   . ILE A 1 177 ? 13.587  8.517   -2.278  1.00 545.95 ? 531 ILE A O   1 
ATOM 1119 C CB  . ILE A 1 177 ? 12.892  10.050  0.621   1.00 545.95 ? 531 ILE A CB  1 
ATOM 1120 C CG1 . ILE A 1 177 ? 11.964  11.123  1.187   1.00 545.95 ? 531 ILE A CG1 1 
ATOM 1121 C CG2 . ILE A 1 177 ? 14.162  10.684  0.076   1.00 545.95 ? 531 ILE A CG2 1 
ATOM 1122 C CD1 . ILE A 1 177 ? 12.492  11.780  2.435   1.00 545.95 ? 531 ILE A CD1 1 
ATOM 1123 N N   . ARG A 1 178 ? 13.420  7.138   -0.512  1.00 520.38 ? 532 ARG A N   1 
ATOM 1124 C CA  . ARG A 1 178 ? 14.389  6.224   -1.108  1.00 520.38 ? 532 ARG A CA  1 
ATOM 1125 C C   . ARG A 1 178 ? 13.831  5.579   -2.367  1.00 520.38 ? 532 ARG A C   1 
ATOM 1126 O O   . ARG A 1 178 ? 14.537  5.467   -3.376  1.00 520.38 ? 532 ARG A O   1 
ATOM 1127 C CB  . ARG A 1 178 ? 14.811  5.141   -0.115  1.00 520.38 ? 532 ARG A CB  1 
ATOM 1128 C CG  . ARG A 1 178 ? 15.928  4.278   -0.690  1.00 520.38 ? 532 ARG A CG  1 
ATOM 1129 C CD  . ARG A 1 178 ? 15.422  3.040   -1.397  1.00 520.38 ? 532 ARG A CD  1 
ATOM 1130 N NE  . ARG A 1 178 ? 16.523  2.230   -1.897  1.00 520.38 ? 532 ARG A NE  1 
ATOM 1131 C CZ  . ARG A 1 178 ? 17.113  2.447   -3.067  1.00 520.38 ? 532 ARG A CZ  1 
ATOM 1132 N NH1 . ARG A 1 178 ? 16.711  3.451   -3.836  1.00 520.38 ? 532 ARG A NH1 1 
ATOM 1133 N NH2 . ARG A 1 178 ? 18.110  1.673   -3.466  1.00 520.38 ? 532 ARG A NH2 1 
ATOM 1134 N N   . MET A 1 179 ? 12.572  5.144   -2.336  1.00 557.12 ? 533 MET A N   1 
ATOM 1135 C CA  . MET A 1 179 ? 12.029  4.533   -3.548  1.00 557.12 ? 533 MET A CA  1 
ATOM 1136 C C   . MET A 1 179 ? 11.575  5.576   -4.562  1.00 557.12 ? 533 MET A C   1 
ATOM 1137 O O   . MET A 1 179 ? 11.120  5.225   -5.656  1.00 557.12 ? 533 MET A O   1 
ATOM 1138 C CB  . MET A 1 179 ? 10.915  3.543   -3.213  1.00 557.12 ? 533 MET A CB  1 
ATOM 1139 C CG  . MET A 1 179 ? 11.456  2.212   -2.694  1.00 557.12 ? 533 MET A CG  1 
ATOM 1140 S SD  . MET A 1 179 ? 12.141  2.150   -1.029  1.00 557.12 ? 533 MET A SD  1 
ATOM 1141 C CE  . MET A 1 179 ? 10.668  2.209   -0.032  1.00 557.12 ? 533 MET A CE  1 
ATOM 1142 N N   . THR A 1 180 ? 11.690  6.856   -4.216  1.00 533.85 ? 534 THR A N   1 
ATOM 1143 C CA  . THR A 1 180 ? 11.209  7.920   -5.088  1.00 533.85 ? 534 THR A CA  1 
ATOM 1144 C C   . THR A 1 180 ? 11.989  7.994   -6.397  1.00 533.85 ? 534 THR A C   1 
ATOM 1145 O O   . THR A 1 180 ? 11.400  7.943   -7.482  1.00 533.85 ? 534 THR A O   1 
ATOM 1146 C CB  . THR A 1 180 ? 11.286  9.251   -4.334  1.00 533.85 ? 534 THR A CB  1 
ATOM 1147 O OG1 . THR A 1 180 ? 10.294  9.292   -3.302  1.00 533.85 ? 534 THR A OG1 1 
ATOM 1148 C CG2 . THR A 1 180 ? 11.130  10.425  -5.244  1.00 533.85 ? 534 THR A CG2 1 
ATOM 1149 N N   . ASN A 1 181 ? 13.317  8.065   -6.314  1.00 470.08 ? 535 ASN A N   1 
ATOM 1150 C CA  . ASN A 1 181 ? 14.100  8.627   -7.411  1.00 470.08 ? 535 ASN A CA  1 
ATOM 1151 C C   . ASN A 1 181 ? 14.186  7.691   -8.610  1.00 470.08 ? 535 ASN A C   1 
ATOM 1152 O O   . ASN A 1 181 ? 14.265  8.149   -9.757  1.00 470.08 ? 535 ASN A O   1 
ATOM 1153 C CB  . ASN A 1 181 ? 15.503  8.968   -6.914  1.00 470.08 ? 535 ASN A CB  1 
ATOM 1154 C CG  . ASN A 1 181 ? 16.419  7.761   -6.891  1.00 470.08 ? 535 ASN A CG  1 
ATOM 1155 O OD1 . ASN A 1 181 ? 17.120  7.483   -7.864  1.00 470.08 ? 535 ASN A OD1 1 
ATOM 1156 N ND2 . ASN A 1 181 ? 16.406  7.028   -5.782  1.00 470.08 ? 535 ASN A ND2 1 
ATOM 1157 N N   . GLU A 1 182 ? 14.179  6.385   -8.374  1.00 432.58 ? 536 GLU A N   1 
ATOM 1158 C CA  . GLU A 1 182 ? 14.680  5.471   -9.386  1.00 432.58 ? 536 GLU A CA  1 
ATOM 1159 C C   . GLU A 1 182 ? 13.677  5.281   -10.520 1.00 432.58 ? 536 GLU A C   1 
ATOM 1160 O O   . GLU A 1 182 ? 12.466  5.475   -10.370 1.00 432.58 ? 536 GLU A O   1 
ATOM 1161 C CB  . GLU A 1 182 ? 15.024  4.120   -8.766  1.00 432.58 ? 536 GLU A CB  1 
ATOM 1162 C CG  . GLU A 1 182 ? 15.790  4.221   -7.466  1.00 432.58 ? 536 GLU A CG  1 
ATOM 1163 C CD  . GLU A 1 182 ? 17.237  4.596   -7.679  1.00 432.58 ? 536 GLU A CD  1 
ATOM 1164 O OE1 . GLU A 1 182 ? 17.917  4.914   -6.684  1.00 432.58 ? 536 GLU A OE1 1 
ATOM 1165 O OE2 . GLU A 1 182 ? 17.692  4.593   -8.841  1.00 432.58 ? 536 GLU A OE2 1 
ATOM 1166 N N   . GLU A 1 183 ? 14.225  4.940   -11.684 1.00 485.34 ? 537 GLU A N   1 
ATOM 1167 C CA  . GLU A 1 183 ? 13.506  4.376   -12.836 1.00 485.34 ? 537 GLU A CA  1 
ATOM 1168 C C   . GLU A 1 183 ? 12.675  5.476   -13.492 1.00 485.34 ? 537 GLU A C   1 
ATOM 1169 O O   . GLU A 1 183 ? 12.187  5.272   -14.615 1.00 485.34 ? 537 GLU A O   1 
ATOM 1170 C CB  . GLU A 1 183 ? 12.726  3.151   -12.363 1.00 485.34 ? 537 GLU A CB  1 
ATOM 1171 C CG  . GLU A 1 183 ? 12.103  2.306   -13.468 1.00 485.34 ? 537 GLU A CG  1 
ATOM 1172 C CD  . GLU A 1 183 ? 10.763  2.844   -13.935 1.00 485.34 ? 537 GLU A CD  1 
ATOM 1173 O OE1 . GLU A 1 183 ? 10.064  3.485   -13.120 1.00 485.34 ? 537 GLU A OE1 1 
ATOM 1174 O OE2 . GLU A 1 183 ? 10.407  2.628   -15.112 1.00 485.34 ? 537 GLU A OE2 1 
ATOM 1175 N N   . SER A 1 184 ? 12.541  6.650   -12.893 1.00 489.88 ? 538 SER A N   1 
ATOM 1176 C CA  . SER A 1 184 ? 11.595  7.629   -13.391 1.00 489.88 ? 538 SER A CA  1 
ATOM 1177 C C   . SER A 1 184 ? 11.692  8.923   -12.608 1.00 489.88 ? 538 SER A C   1 
ATOM 1178 O O   . SER A 1 184 ? 12.295  8.995   -11.535 1.00 489.88 ? 538 SER A O   1 
ATOM 1179 C CB  . SER A 1 184 ? 10.158  7.117   -13.291 1.00 489.88 ? 538 SER A CB  1 
ATOM 1180 O OG  . SER A 1 184 ? 9.711   7.214   -11.952 1.00 489.88 ? 538 SER A OG  1 
ATOM 1181 N N   . ASP A 1 185 ? 11.068  9.950   -13.178 1.00 550.09 ? 539 ASP A N   1 
ATOM 1182 C CA  . ASP A 1 185 ? 10.801  11.161  -12.420 1.00 550.09 ? 539 ASP A CA  1 
ATOM 1183 C C   . ASP A 1 185 ? 9.307   11.318  -12.166 1.00 550.09 ? 539 ASP A C   1 
ATOM 1184 O O   . ASP A 1 185 ? 8.898   12.010  -11.227 1.00 550.09 ? 539 ASP A O   1 
ATOM 1185 C CB  . ASP A 1 185 ? 11.378  12.367  -13.158 1.00 550.09 ? 539 ASP A CB  1 
ATOM 1186 C CG  . ASP A 1 185 ? 10.766  12.569  -14.527 1.00 550.09 ? 539 ASP A CG  1 
ATOM 1187 O OD1 . ASP A 1 185 ? 10.178  11.609  -15.068 1.00 550.09 ? 539 ASP A OD1 1 
ATOM 1188 O OD2 . ASP A 1 185 ? 10.902  13.685  -15.071 1.00 550.09 ? 539 ASP A OD2 1 
ATOM 1189 N N   . LEU A 1 186 ? 8.478   10.664  -12.986 1.00 543.19 ? 540 LEU A N   1 
ATOM 1190 C CA  . LEU A 1 186 ? 7.031   10.734  -12.796 1.00 543.19 ? 540 LEU A CA  1 
ATOM 1191 C C   . LEU A 1 186 ? 6.619   10.123  -11.467 1.00 543.19 ? 540 LEU A C   1 
ATOM 1192 O O   . LEU A 1 186 ? 5.930   10.766  -10.666 1.00 543.19 ? 540 LEU A O   1 
ATOM 1193 C CB  . LEU A 1 186 ? 6.316   10.030  -13.947 1.00 543.19 ? 540 LEU A CB  1 
ATOM 1194 C CG  . LEU A 1 186 ? 4.860   9.625   -13.700 1.00 543.19 ? 540 LEU A CG  1 
ATOM 1195 C CD1 . LEU A 1 186 ? 3.947   10.838  -13.708 1.00 543.19 ? 540 LEU A CD1 1 
ATOM 1196 C CD2 . LEU A 1 186 ? 4.412   8.616   -14.744 1.00 543.19 ? 540 LEU A CD2 1 
ATOM 1197 N N   . ARG A 1 187 ? 7.032   8.881   -11.209 1.00 519.79 ? 541 ARG A N   1 
ATOM 1198 C CA  . ARG A 1 187 ? 6.909   8.357   -9.857  1.00 519.79 ? 541 ARG A CA  1 
ATOM 1199 C C   . ARG A 1 187 ? 7.629   9.267   -8.879  1.00 519.79 ? 541 ARG A C   1 
ATOM 1200 O O   . ARG A 1 187 ? 7.056   9.681   -7.868  1.00 519.79 ? 541 ARG A O   1 
ATOM 1201 C CB  . ARG A 1 187 ? 7.480   6.942   -9.773  1.00 519.79 ? 541 ARG A CB  1 
ATOM 1202 C CG  . ARG A 1 187 ? 7.074   5.984   -10.886 1.00 519.79 ? 541 ARG A CG  1 
ATOM 1203 C CD  . ARG A 1 187 ? 5.610   5.560   -10.810 1.00 519.79 ? 541 ARG A CD  1 
ATOM 1204 N NE  . ARG A 1 187 ? 4.740   6.252   -11.755 1.00 519.79 ? 541 ARG A NE  1 
ATOM 1205 C CZ  . ARG A 1 187 ? 3.482   5.889   -12.003 1.00 519.79 ? 541 ARG A CZ  1 
ATOM 1206 N NH1 . ARG A 1 187 ? 2.961   4.840   -11.383 1.00 519.79 ? 541 ARG A NH1 1 
ATOM 1207 N NH2 . ARG A 1 187 ? 2.748   6.562   -12.878 1.00 519.79 ? 541 ARG A NH2 1 
ATOM 1208 N N   . SER A 1 188 ? 8.868   9.633   -9.201  1.00 545.55 ? 542 SER A N   1 
ATOM 1209 C CA  . SER A 1 188 ? 9.685   10.399  -8.271  1.00 545.55 ? 542 SER A CA  1 
ATOM 1210 C C   . SER A 1 188 ? 9.002   11.692  -7.849  1.00 545.55 ? 542 SER A C   1 
ATOM 1211 O O   . SER A 1 188 ? 8.903   11.992  -6.654  1.00 545.55 ? 542 SER A O   1 
ATOM 1212 C CB  . SER A 1 188 ? 11.045  10.697  -8.897  1.00 545.55 ? 542 SER A CB  1 
ATOM 1213 O OG  . SER A 1 188 ? 11.739  11.677  -8.150  1.00 545.55 ? 542 SER A OG  1 
ATOM 1214 N N   . ALA A 1 189 ? 8.526   12.471  -8.815  1.00 579.47 ? 543 ALA A N   1 
ATOM 1215 C CA  . ALA A 1 189 ? 8.011   13.797  -8.499  1.00 579.47 ? 543 ALA A CA  1 
ATOM 1216 C C   . ALA A 1 189 ? 6.710   13.721  -7.705  1.00 579.47 ? 543 ALA A C   1 
ATOM 1217 O O   . ALA A 1 189 ? 6.541   14.432  -6.703  1.00 579.47 ? 543 ALA A O   1 
ATOM 1218 C CB  . ALA A 1 189 ? 7.832   14.586  -9.790  1.00 579.47 ? 543 ALA A CB  1 
ATOM 1219 N N   . LEU A 1 190 ? 5.778   12.866  -8.136  1.00 560.42 ? 544 LEU A N   1 
ATOM 1220 C CA  . LEU A 1 190 ? 4.560   12.655  -7.361  1.00 560.42 ? 544 LEU A CA  1 
ATOM 1221 C C   . LEU A 1 190 ? 4.888   12.237  -5.938  1.00 560.42 ? 544 LEU A C   1 
ATOM 1222 O O   . LEU A 1 190 ? 4.336   12.782  -4.972  1.00 560.42 ? 544 LEU A O   1 
ATOM 1223 C CB  . LEU A 1 190 ? 3.685   11.591  -8.024  1.00 560.42 ? 544 LEU A CB  1 
ATOM 1224 C CG  . LEU A 1 190 ? 3.099   11.832  -9.411  1.00 560.42 ? 544 LEU A CG  1 
ATOM 1225 C CD1 . LEU A 1 190 ? 2.786   10.510  -10.080 1.00 560.42 ? 544 LEU A CD1 1 
ATOM 1226 C CD2 . LEU A 1 190 ? 1.827   12.656  -9.295  1.00 560.42 ? 544 LEU A CD2 1 
ATOM 1227 N N   . LEU A 1 191 ? 5.791   11.268  -5.796  1.00 557.70 ? 545 LEU A N   1 
ATOM 1228 C CA  . LEU A 1 191 ? 6.109   10.742  -4.479  1.00 557.70 ? 545 LEU A CA  1 
ATOM 1229 C C   . LEU A 1 191 ? 6.725   11.818  -3.601  1.00 557.70 ? 545 LEU A C   1 
ATOM 1230 O O   . LEU A 1 191 ? 6.449   11.884  -2.399  1.00 557.70 ? 545 LEU A O   1 
ATOM 1231 C CB  . LEU A 1 191 ? 7.048   9.550   -4.620  1.00 557.70 ? 545 LEU A CB  1 
ATOM 1232 C CG  . LEU A 1 191 ? 6.344   8.395   -5.337  1.00 557.70 ? 545 LEU A CG  1 
ATOM 1233 C CD1 . LEU A 1 191 ? 7.302   7.237   -5.608  1.00 557.70 ? 545 LEU A CD1 1 
ATOM 1234 C CD2 . LEU A 1 191 ? 5.050   7.957   -4.665  1.00 557.70 ? 545 LEU A CD2 1 
ATOM 1235 N N   . LEU A 1 192 ? 7.568   12.669  -4.188  1.00 614.07 ? 546 LEU A N   1 
ATOM 1236 C CA  . LEU A 1 192 ? 8.128   13.781  -3.433  1.00 614.07 ? 546 LEU A CA  1 
ATOM 1237 C C   . LEU A 1 192 ? 7.040   14.749  -2.995  1.00 614.07 ? 546 LEU A C   1 
ATOM 1238 O O   . LEU A 1 192 ? 7.102   15.297  -1.893  1.00 614.07 ? 546 LEU A O   1 
ATOM 1239 C CB  . LEU A 1 192 ? 9.188   14.500  -4.261  1.00 614.07 ? 546 LEU A CB  1 
ATOM 1240 C CG  . LEU A 1 192 ? 10.576  13.863  -4.315  1.00 614.07 ? 546 LEU A CG  1 
ATOM 1241 C CD1 . LEU A 1 192 ? 11.521  14.710  -5.149  1.00 614.07 ? 546 LEU A CD1 1 
ATOM 1242 C CD2 . LEU A 1 192 ? 11.125  13.676  -2.913  1.00 614.07 ? 546 LEU A CD2 1 
ATOM 1243 N N   . GLU A 1 193 ? 6.032   14.971  -3.840  1.00 702.80 ? 547 GLU A N   1 
ATOM 1244 C CA  . GLU A 1 193 ? 4.895   15.795  -3.428  1.00 702.80 ? 547 GLU A CA  1 
ATOM 1245 C C   . GLU A 1 193 ? 4.167   15.193  -2.229  1.00 702.80 ? 547 GLU A C   1 
ATOM 1246 O O   . GLU A 1 193 ? 3.803   15.907  -1.278  1.00 702.80 ? 547 GLU A O   1 
ATOM 1247 C CB  . GLU A 1 193 ? 3.931   15.972  -4.601  1.00 702.80 ? 547 GLU A CB  1 
ATOM 1248 C CG  . GLU A 1 193 ? 2.764   16.908  -4.329  1.00 702.80 ? 547 GLU A CG  1 
ATOM 1249 C CD  . GLU A 1 193 ? 1.612   16.193  -3.639  1.00 702.80 ? 547 GLU A CD  1 
ATOM 1250 O OE1 . GLU A 1 193 ? 1.471   14.970  -3.853  1.00 702.80 ? 547 GLU A OE1 1 
ATOM 1251 O OE2 . GLU A 1 193 ? 0.859   16.844  -2.886  1.00 702.80 ? 547 GLU A OE2 1 
ATOM 1252 N N   . GLN A 1 194 ? 3.912   13.888  -2.272  1.00 663.70 ? 548 GLN A N   1 
ATOM 1253 C CA  . GLN A 1 194 ? 3.202   13.264  -1.160  1.00 663.70 ? 548 GLN A CA  1 
ATOM 1254 C C   . GLN A 1 194 ? 4.028   13.321  0.116   1.00 663.70 ? 548 GLN A C   1 
ATOM 1255 O O   . GLN A 1 194 ? 3.517   13.686  1.184   1.00 663.70 ? 548 GLN A O   1 
ATOM 1256 C CB  . GLN A 1 194 ? 2.813   11.827  -1.497  1.00 663.70 ? 548 GLN A CB  1 
ATOM 1257 C CG  . GLN A 1 194 ? 1.571   11.735  -2.361  1.00 663.70 ? 548 GLN A CG  1 
ATOM 1258 C CD  . GLN A 1 194 ? 1.887   11.542  -3.826  1.00 663.70 ? 548 GLN A CD  1 
ATOM 1259 O OE1 . GLN A 1 194 ? 2.826   10.832  -4.181  1.00 663.70 ? 548 GLN A OE1 1 
ATOM 1260 N NE2 . GLN A 1 194 ? 1.110   12.186  -4.688  1.00 663.70 ? 548 GLN A NE2 1 
ATOM 1261 N N   . ALA A 1 195 ? 5.314   12.983  0.019   1.00 633.26 ? 549 ALA A N   1 
ATOM 1262 C CA  . ALA A 1 195 ? 6.204   13.116  1.164   1.00 633.26 ? 549 ALA A CA  1 
ATOM 1263 C C   . ALA A 1 195 ? 6.265   14.560  1.638   1.00 633.26 ? 549 ALA A C   1 
ATOM 1264 O O   . ALA A 1 195 ? 6.445   14.824  2.830   1.00 633.26 ? 549 ALA A O   1 
ATOM 1265 C CB  . ALA A 1 195 ? 7.598   12.609  0.802   1.00 633.26 ? 549 ALA A CB  1 
ATOM 1266 N N   . ALA A 1 196 ? 6.101   15.509  0.716   1.00 640.06 ? 550 ALA A N   1 
ATOM 1267 C CA  . ALA A 1 196 ? 6.092   16.915  1.087   1.00 640.06 ? 550 ALA A CA  1 
ATOM 1268 C C   . ALA A 1 196 ? 4.928   17.222  2.009   1.00 640.06 ? 550 ALA A C   1 
ATOM 1269 O O   . ALA A 1 196 ? 5.116   17.756  3.107   1.00 640.06 ? 550 ALA A O   1 
ATOM 1270 C CB  . ALA A 1 196 ? 6.017   17.782  -0.166  1.00 640.06 ? 550 ALA A CB  1 
ATOM 1271 N N   . TYR A 1 197 ? 3.712   16.873  1.592   1.00 659.26 ? 551 TYR A N   1 
ATOM 1272 C CA  . TYR A 1 197 ? 2.589   17.213  2.462   1.00 659.26 ? 551 TYR A CA  1 
ATOM 1273 C C   . TYR A 1 197 ? 2.674   16.424  3.765   1.00 659.26 ? 551 TYR A C   1 
ATOM 1274 O O   . TYR A 1 197 ? 2.302   16.930  4.833   1.00 659.26 ? 551 TYR A O   1 
ATOM 1275 C CB  . TYR A 1 197 ? 1.241   17.006  1.760   1.00 659.26 ? 551 TYR A CB  1 
ATOM 1276 C CG  . TYR A 1 197 ? 0.709   15.595  1.701   1.00 659.26 ? 551 TYR A CG  1 
ATOM 1277 C CD1 . TYR A 1 197 ? 0.785   14.856  0.536   1.00 659.26 ? 551 TYR A CD1 1 
ATOM 1278 C CD2 . TYR A 1 197 ? 0.084   15.019  2.801   1.00 659.26 ? 551 TYR A CD2 1 
ATOM 1279 C CE1 . TYR A 1 197 ? 0.286   13.571  0.477   1.00 659.26 ? 551 TYR A CE1 1 
ATOM 1280 C CE2 . TYR A 1 197 ? -0.413  13.738  2.751   1.00 659.26 ? 551 TYR A CE2 1 
ATOM 1281 C CZ  . TYR A 1 197 ? -0.309  13.017  1.586   1.00 659.26 ? 551 TYR A CZ  1 
ATOM 1282 O OH  . TYR A 1 197 ? -0.806  11.737  1.523   1.00 659.26 ? 551 TYR A OH  1 
ATOM 1283 N N   . CYS A 1 198 ? 3.215   15.203  3.701   1.00 601.45 ? 552 CYS A N   1 
ATOM 1284 C CA  . CYS A 1 198 ? 3.449   14.436  4.920   1.00 601.45 ? 552 CYS A CA  1 
ATOM 1285 C C   . CYS A 1 198 ? 4.390   15.177  5.861   1.00 601.45 ? 552 CYS A C   1 
ATOM 1286 O O   . CYS A 1 198 ? 4.188   15.174  7.082   1.00 601.45 ? 552 CYS A O   1 
ATOM 1287 C CB  . CYS A 1 198 ? 4.014   13.061  4.571   1.00 601.45 ? 552 CYS A CB  1 
ATOM 1288 S SG  . CYS A 1 198 ? 2.841   11.953  3.767   1.00 601.45 ? 552 CYS A SG  1 
ATOM 1289 N N   . PHE A 1 199 ? 5.410   15.836  5.302   1.00 559.33 ? 553 PHE A N   1 
ATOM 1290 C CA  . PHE A 1 199 ? 6.400   16.561  6.096   1.00 559.33 ? 553 PHE A CA  1 
ATOM 1291 C C   . PHE A 1 199 ? 5.754   17.489  7.117   1.00 559.33 ? 553 PHE A C   1 
ATOM 1292 O O   . PHE A 1 199 ? 6.363   17.812  8.144   1.00 559.33 ? 553 PHE A O   1 
ATOM 1293 C CB  . PHE A 1 199 ? 7.309   17.355  5.160   1.00 559.33 ? 553 PHE A CB  1 
ATOM 1294 C CG  . PHE A 1 199 ? 8.390   18.117  5.857   1.00 559.33 ? 553 PHE A CG  1 
ATOM 1295 C CD1 . PHE A 1 199 ? 9.505   17.468  6.355   1.00 559.33 ? 553 PHE A CD1 1 
ATOM 1296 C CD2 . PHE A 1 199 ? 8.300   19.488  5.999   1.00 559.33 ? 553 PHE A CD2 1 
ATOM 1297 C CE1 . PHE A 1 199 ? 10.506  18.175  6.992   1.00 559.33 ? 553 PHE A CE1 1 
ATOM 1298 C CE2 . PHE A 1 199 ? 9.299   20.194  6.627   1.00 559.33 ? 553 PHE A CE2 1 
ATOM 1299 C CZ  . PHE A 1 199 ? 10.402  19.538  7.127   1.00 559.33 ? 553 PHE A CZ  1 
ATOM 1300 N N   . LEU A 1 200 ? 4.534   17.930  6.857   1.00 497.19 ? 554 LEU A N   1 
ATOM 1301 C CA  . LEU A 1 200 ? 3.867   18.851  7.760   1.00 497.19 ? 554 LEU A CA  1 
ATOM 1302 C C   . LEU A 1 200 ? 2.429   18.461  8.068   1.00 497.19 ? 554 LEU A C   1 
ATOM 1303 O O   . LEU A 1 200 ? 1.681   19.302  8.576   1.00 497.19 ? 554 LEU A O   1 
ATOM 1304 C CB  . LEU A 1 200 ? 3.908   20.270  7.186   1.00 497.19 ? 554 LEU A CB  1 
ATOM 1305 C CG  . LEU A 1 200 ? 3.020   20.611  5.990   1.00 497.19 ? 554 LEU A CG  1 
ATOM 1306 C CD1 . LEU A 1 200 ? 2.940   22.111  5.847   1.00 497.19 ? 554 LEU A CD1 1 
ATOM 1307 C CD2 . LEU A 1 200 ? 3.549   20.000  4.698   1.00 497.19 ? 554 LEU A CD2 1 
ATOM 1308 N N   . VAL A 1 201 ? 2.017   17.225  7.771   1.00 501.92 ? 555 VAL A N   1 
ATOM 1309 C CA  . VAL A 1 201 ? 0.685   16.793  8.192   1.00 501.92 ? 555 VAL A CA  1 
ATOM 1310 C C   . VAL A 1 201 ? 0.514   16.969  9.697   1.00 501.92 ? 555 VAL A C   1 
ATOM 1311 O O   . VAL A 1 201 ? -0.434  17.619  10.153  1.00 501.92 ? 555 VAL A O   1 
ATOM 1312 C CB  . VAL A 1 201 ? 0.415   15.337  7.774   1.00 501.92 ? 555 VAL A CB  1 
ATOM 1313 C CG1 . VAL A 1 201 ? -0.869  14.857  8.411   1.00 501.92 ? 555 VAL A CG1 1 
ATOM 1314 C CG2 . VAL A 1 201 ? 0.279   15.230  6.284   1.00 501.92 ? 555 VAL A CG2 1 
ATOM 1315 N N   . THR A 1 202 ? 1.415   16.395  10.494  1.00 442.36 ? 556 THR A N   1 
ATOM 1316 C CA  . THR A 1 202 ? 1.325   16.617  11.933  1.00 442.36 ? 556 THR A CA  1 
ATOM 1317 C C   . THR A 1 202 ? 2.014   17.910  12.358  1.00 442.36 ? 556 THR A C   1 
ATOM 1318 O O   . THR A 1 202 ? 1.358   18.824  12.871  1.00 442.36 ? 556 THR A O   1 
ATOM 1319 C CB  . THR A 1 202 ? 1.867   15.404  12.699  1.00 442.36 ? 556 THR A CB  1 
ATOM 1320 O OG1 . THR A 1 202 ? 1.628   15.586  14.100  1.00 442.36 ? 556 THR A OG1 1 
ATOM 1321 C CG2 . THR A 1 202 ? 3.342   15.107  12.421  1.00 442.36 ? 556 THR A CG2 1 
ATOM 1322 N N   . GLN A 1 203 ? 3.319   18.015  12.151  1.00 431.66 ? 557 GLN A N   1 
ATOM 1323 C CA  . GLN A 1 203 ? 4.073   19.181  12.549  1.00 431.66 ? 557 GLN A CA  1 
ATOM 1324 C C   . GLN A 1 203 ? 4.983   19.627  11.415  1.00 431.66 ? 557 GLN A C   1 
ATOM 1325 O O   . GLN A 1 203 ? 5.541   18.798  10.687  1.00 431.66 ? 557 GLN A O   1 
ATOM 1326 C CB  . GLN A 1 203 ? 4.897   18.924  13.820  1.00 431.66 ? 557 GLN A CB  1 
ATOM 1327 C CG  . GLN A 1 203 ? 4.104   18.997  15.122  1.00 431.66 ? 557 GLN A CG  1 
ATOM 1328 C CD  . GLN A 1 203 ? 3.115   17.873  15.303  1.00 431.66 ? 557 GLN A CD  1 
ATOM 1329 O OE1 . GLN A 1 203 ? 1.913   18.104  15.430  1.00 431.66 ? 557 GLN A OE1 1 
ATOM 1330 N NE2 . GLN A 1 203 ? 3.611   16.648  15.320  1.00 431.66 ? 557 GLN A NE2 1 
ATOM 1331 N N   . PRO A 1 204 ? 5.136   20.933  11.245  1.00 484.57 ? 558 PRO A N   1 
ATOM 1332 C CA  . PRO A 1 204 ? 5.836   21.471  10.072  1.00 484.57 ? 558 PRO A CA  1 
ATOM 1333 C C   . PRO A 1 204 ? 7.351   21.321  10.128  1.00 484.57 ? 558 PRO A C   1 
ATOM 1334 O O   . PRO A 1 204 ? 7.958   20.958  9.112   1.00 484.57 ? 558 PRO A O   1 
ATOM 1335 C CB  . PRO A 1 204 ? 5.437   22.958  10.076  1.00 484.57 ? 558 PRO A CB  1 
ATOM 1336 C CG  . PRO A 1 204 ? 4.701   23.194  11.364  1.00 484.57 ? 558 PRO A CG  1 
ATOM 1337 C CD  . PRO A 1 204 ? 4.178   21.891  11.816  1.00 484.57 ? 558 PRO A CD  1 
ATOM 1338 N N   . PRO A 1 205 ? 8.014   21.549  11.303  1.00 531.38 ? 559 PRO A N   1 
ATOM 1339 C CA  . PRO A 1 205 ? 9.319   22.252  11.302  1.00 531.38 ? 559 PRO A CA  1 
ATOM 1340 C C   . PRO A 1 205 ? 10.431  21.754  10.380  1.00 531.38 ? 559 PRO A C   1 
ATOM 1341 O O   . PRO A 1 205 ? 10.444  20.597  9.949   1.00 531.38 ? 559 PRO A O   1 
ATOM 1342 C CB  . PRO A 1 205 ? 9.775   22.118  12.763  1.00 531.38 ? 559 PRO A CB  1 
ATOM 1343 C CG  . PRO A 1 205 ? 9.133   20.875  13.234  1.00 531.38 ? 559 PRO A CG  1 
ATOM 1344 C CD  . PRO A 1 205 ? 7.782   20.871  12.594  1.00 531.38 ? 559 PRO A CD  1 
ATOM 1345 N N   . MET A 1 206 ? 11.395  22.655  10.130  1.00 446.94 ? 560 MET A N   1 
ATOM 1346 C CA  . MET A 1 206 ? 12.625  22.440  9.365   1.00 446.94 ? 560 MET A CA  1 
ATOM 1347 C C   . MET A 1 206 ? 12.413  22.401  7.852   1.00 446.94 ? 560 MET A C   1 
ATOM 1348 O O   . MET A 1 206 ? 13.188  21.759  7.134   1.00 446.94 ? 560 MET A O   1 
ATOM 1349 C CB  . MET A 1 206 ? 13.339  21.161  9.821   1.00 446.94 ? 560 MET A CB  1 
ATOM 1350 C CG  . MET A 1 206 ? 14.285  21.343  11.010  1.00 446.94 ? 560 MET A CG  1 
ATOM 1351 S SD  . MET A 1 206 ? 15.435  22.742  11.024  1.00 446.94 ? 560 MET A SD  1 
ATOM 1352 C CE  . MET A 1 206 ? 15.900  22.938  9.302   1.00 446.94 ? 560 MET A CE  1 
ATOM 1353 N N   . HIS A 1 207 ? 11.390  23.102  7.359   1.00 539.25 ? 561 HIS A N   1 
ATOM 1354 C CA  . HIS A 1 207 ? 11.023  23.097  5.941   1.00 539.25 ? 561 HIS A CA  1 
ATOM 1355 C C   . HIS A 1 207 ? 12.103  23.489  4.941   1.00 539.25 ? 561 HIS A C   1 
ATOM 1356 O O   . HIS A 1 207 ? 11.833  23.476  3.734   1.00 539.25 ? 561 HIS A O   1 
ATOM 1357 C CB  . HIS A 1 207 ? 9.812   24.001  5.685   1.00 539.25 ? 561 HIS A CB  1 
ATOM 1358 C CG  . HIS A 1 207 ? 8.494   23.348  5.954   1.00 539.25 ? 561 HIS A CG  1 
ATOM 1359 N ND1 . HIS A 1 207 ? 7.766   22.688  4.988   1.00 539.25 ? 561 HIS A ND1 1 
ATOM 1360 C CD2 . HIS A 1 207 ? 7.780   23.241  7.100   1.00 539.25 ? 561 HIS A CD2 1 
ATOM 1361 C CE1 . HIS A 1 207 ? 6.659   22.210  5.527   1.00 539.25 ? 561 HIS A CE1 1 
ATOM 1362 N NE2 . HIS A 1 207 ? 6.640   22.538  6.806   1.00 539.25 ? 561 HIS A NE2 1 
ATOM 1363 N N   . ARG A 1 208 ? 13.289  23.903  5.394   1.00 432.12 ? 562 ARG A N   1 
ATOM 1364 C CA  . ARG A 1 208 ? 14.351  24.170  4.429   1.00 432.12 ? 562 ARG A CA  1 
ATOM 1365 C C   . ARG A 1 208 ? 14.541  22.975  3.512   1.00 432.12 ? 562 ARG A C   1 
ATOM 1366 O O   . ARG A 1 208 ? 14.506  23.106  2.282   1.00 432.12 ? 562 ARG A O   1 
ATOM 1367 C CB  . ARG A 1 208 ? 15.664  24.498  5.132   1.00 432.12 ? 562 ARG A CB  1 
ATOM 1368 C CG  . ARG A 1 208 ? 16.690  25.072  4.171   1.00 432.12 ? 562 ARG A CG  1 
ATOM 1369 C CD  . ARG A 1 208 ? 18.070  24.493  4.378   1.00 432.12 ? 562 ARG A CD  1 
ATOM 1370 N NE  . ARG A 1 208 ? 18.187  23.148  3.828   1.00 432.12 ? 562 ARG A NE  1 
ATOM 1371 C CZ  . ARG A 1 208 ? 18.790  22.861  2.682   1.00 432.12 ? 562 ARG A CZ  1 
ATOM 1372 N NH1 . ARG A 1 208 ? 19.326  23.827  1.948   1.00 432.12 ? 562 ARG A NH1 1 
ATOM 1373 N NH2 . ARG A 1 208 ? 18.851  21.607  2.266   1.00 432.12 ? 562 ARG A NH2 1 
ATOM 1374 N N   . LYS A 1 209 ? 14.681  21.790  4.102   1.00 506.91 ? 563 LYS A N   1 
ATOM 1375 C CA  . LYS A 1 209 ? 14.795  20.570  3.317   1.00 506.91 ? 563 LYS A CA  1 
ATOM 1376 C C   . LYS A 1 209 ? 13.525  20.322  2.511   1.00 506.91 ? 563 LYS A C   1 
ATOM 1377 O O   . LYS A 1 209 ? 13.589  19.882  1.356   1.00 506.91 ? 563 LYS A O   1 
ATOM 1378 C CB  . LYS A 1 209 ? 15.087  19.381  4.235   1.00 506.91 ? 563 LYS A CB  1 
ATOM 1379 C CG  . LYS A 1 209 ? 15.809  19.695  5.552   1.00 506.91 ? 563 LYS A CG  1 
ATOM 1380 C CD  . LYS A 1 209 ? 17.078  20.516  5.386   1.00 506.91 ? 563 LYS A CD  1 
ATOM 1381 C CE  . LYS A 1 209 ? 17.425  21.203  6.686   1.00 506.91 ? 563 LYS A CE  1 
ATOM 1382 N NZ  . LYS A 1 209 ? 18.618  22.073  6.573   1.00 506.91 ? 563 LYS A NZ  1 
ATOM 1383 N N   . TYR A 1 210 ? 12.363  20.593  3.113   1.00 571.88 ? 564 TYR A N   1 
ATOM 1384 C CA  . TYR A 1 210 ? 11.084  20.448  2.420   1.00 571.88 ? 564 TYR A CA  1 
ATOM 1385 C C   . TYR A 1 210 ? 11.101  21.124  1.059   1.00 571.88 ? 564 TYR A C   1 
ATOM 1386 O O   . TYR A 1 210 ? 10.934  20.470  0.021   1.00 571.88 ? 564 TYR A O   1 
ATOM 1387 C CB  . TYR A 1 210 ? 9.969   21.032  3.285   1.00 571.88 ? 564 TYR A CB  1 
ATOM 1388 C CG  . TYR A 1 210 ? 8.617   21.092  2.621   1.00 571.88 ? 564 TYR A CG  1 
ATOM 1389 C CD1 . TYR A 1 210 ? 7.701   20.072  2.774   1.00 571.88 ? 564 TYR A CD1 1 
ATOM 1390 C CD2 . TYR A 1 210 ? 8.244   22.199  1.869   1.00 571.88 ? 564 TYR A CD2 1 
ATOM 1391 C CE1 . TYR A 1 210 ? 6.469   20.142  2.183   1.00 571.88 ? 564 TYR A CE1 1 
ATOM 1392 C CE2 . TYR A 1 210 ? 7.015   22.269  1.270   1.00 571.88 ? 564 TYR A CE2 1 
ATOM 1393 C CZ  . TYR A 1 210 ? 6.129   21.234  1.427   1.00 571.88 ? 564 TYR A CZ  1 
ATOM 1394 O OH  . TYR A 1 210 ? 4.890   21.292  0.836   1.00 571.88 ? 564 TYR A OH  1 
ATOM 1395 N N   . ALA A 1 211 ? 11.292  22.441  1.046   1.00 621.38 ? 565 ALA A N   1 
ATOM 1396 C CA  . ALA A 1 211 ? 11.336  23.156  -0.220  1.00 621.38 ? 565 ALA A CA  1 
ATOM 1397 C C   . ALA A 1 211 ? 12.501  22.671  -1.071  1.00 621.38 ? 565 ALA A C   1 
ATOM 1398 O O   . ALA A 1 211 ? 12.369  22.516  -2.295  1.00 621.38 ? 565 ALA A O   1 
ATOM 1399 C CB  . ALA A 1 211 ? 11.434  24.660  0.028   1.00 621.38 ? 565 ALA A CB  1 
ATOM 1400 N N   . PHE A 1 212 ? 13.638  22.387  -0.431  1.00 617.67 ? 566 PHE A N   1 
ATOM 1401 C CA  . PHE A 1 212 ? 14.866  22.119  -1.164  1.00 617.67 ? 566 PHE A CA  1 
ATOM 1402 C C   . PHE A 1 212 ? 14.755  20.791  -1.915  1.00 617.67 ? 566 PHE A C   1 
ATOM 1403 O O   . PHE A 1 212 ? 15.553  20.505  -2.814  1.00 617.67 ? 566 PHE A O   1 
ATOM 1404 C CB  . PHE A 1 212 ? 16.032  22.141  -0.165  1.00 617.67 ? 566 PHE A CB  1 
ATOM 1405 C CG  . PHE A 1 212 ? 17.399  21.953  -0.769  1.00 617.67 ? 566 PHE A CG  1 
ATOM 1406 C CD1 . PHE A 1 212 ? 18.008  22.999  -1.449  1.00 617.67 ? 566 PHE A CD1 1 
ATOM 1407 C CD2 . PHE A 1 212 ? 18.098  20.770  -0.616  1.00 617.67 ? 566 PHE A CD2 1 
ATOM 1408 C CE1 . PHE A 1 212 ? 19.274  22.861  -1.985  1.00 617.67 ? 566 PHE A CE1 1 
ATOM 1409 C CE2 . PHE A 1 212 ? 19.367  20.625  -1.156  1.00 617.67 ? 566 PHE A CE2 1 
ATOM 1410 C CZ  . PHE A 1 212 ? 19.952  21.674  -1.842  1.00 617.67 ? 566 PHE A CZ  1 
ATOM 1411 N N   . HIS A 1 213 ? 13.753  19.965  -1.564  1.00 626.83 ? 567 HIS A N   1 
ATOM 1412 C CA  . HIS A 1 213 ? 13.527  18.748  -2.349  1.00 626.83 ? 567 HIS A CA  1 
ATOM 1413 C C   . HIS A 1 213 ? 12.259  18.842  -3.203  1.00 626.83 ? 567 HIS A C   1 
ATOM 1414 O O   . HIS A 1 213 ? 12.167  18.193  -4.254  1.00 626.83 ? 567 HIS A O   1 
ATOM 1415 C CB  . HIS A 1 213 ? 13.472  17.498  -1.460  1.00 626.83 ? 567 HIS A CB  1 
ATOM 1416 C CG  . HIS A 1 213 ? 12.405  17.514  -0.407  1.00 626.83 ? 567 HIS A CG  1 
ATOM 1417 N ND1 . HIS A 1 213 ? 11.064  17.629  -0.706  1.00 626.83 ? 567 HIS A ND1 1 
ATOM 1418 C CD2 . HIS A 1 213 ? 12.476  17.349  0.934   1.00 626.83 ? 567 HIS A CD2 1 
ATOM 1419 C CE1 . HIS A 1 213 ? 10.360  17.579  0.411   1.00 626.83 ? 567 HIS A CE1 1 
ATOM 1420 N NE2 . HIS A 1 213 ? 11.193  17.413  1.420   1.00 626.83 ? 567 HIS A NE2 1 
ATOM 1421 N N   . ILE A 1 214 ? 11.259  19.622  -2.780  1.00 568.81 ? 568 ILE A N   1 
ATOM 1422 C CA  . ILE A 1 214 ? 10.067  19.690  -3.623  1.00 568.81 ? 568 ILE A CA  1 
ATOM 1423 C C   . ILE A 1 214 ? 10.358  20.484  -4.884  1.00 568.81 ? 568 ILE A C   1 
ATOM 1424 O O   . ILE A 1 214 ? 9.689   20.303  -5.904  1.00 568.81 ? 568 ILE A O   1 
ATOM 1425 C CB  . ILE A 1 214 ? 8.848   20.270  -2.883  1.00 568.81 ? 568 ILE A CB  1 
ATOM 1426 C CG1 . ILE A 1 214 ? 9.038   21.748  -2.571  1.00 568.81 ? 568 ILE A CG1 1 
ATOM 1427 C CG2 . ILE A 1 214 ? 8.575   19.503  -1.628  1.00 568.81 ? 568 ILE A CG2 1 
ATOM 1428 C CD1 . ILE A 1 214 ? 7.775   22.387  -2.050  1.00 568.81 ? 568 ILE A CD1 1 
ATOM 1429 N N   . VAL A 1 215 ? 11.357  21.365  -4.850  1.00 631.90 ? 569 VAL A N   1 
ATOM 1430 C CA  . VAL A 1 215 ? 11.774  22.010  -6.092  1.00 631.90 ? 569 VAL A CA  1 
ATOM 1431 C C   . VAL A 1 215 ? 12.397  20.985  -7.032  1.00 631.90 ? 569 VAL A C   1 
ATOM 1432 O O   . VAL A 1 215 ? 12.212  21.042  -8.258  1.00 631.90 ? 569 VAL A O   1 
ATOM 1433 C CB  . VAL A 1 215 ? 12.730  23.178  -5.795  1.00 631.90 ? 569 VAL A CB  1 
ATOM 1434 C CG1 . VAL A 1 215 ? 13.251  23.787  -7.092  1.00 631.90 ? 569 VAL A CG1 1 
ATOM 1435 C CG2 . VAL A 1 215 ? 12.018  24.226  -4.970  1.00 631.90 ? 569 VAL A CG2 1 
ATOM 1436 N N   . LEU A 1 216 ? 13.141  20.025  -6.472  1.00 691.00 ? 570 LEU A N   1 
ATOM 1437 C CA  . LEU A 1 216 ? 13.635  18.916  -7.278  1.00 691.00 ? 570 LEU A CA  1 
ATOM 1438 C C   . LEU A 1 216 ? 12.477  18.157  -7.900  1.00 691.00 ? 570 LEU A C   1 
ATOM 1439 O O   . LEU A 1 216 ? 12.520  17.794  -9.080  1.00 691.00 ? 570 LEU A O   1 
ATOM 1440 C CB  . LEU A 1 216 ? 14.484  17.973  -6.427  1.00 691.00 ? 570 LEU A CB  1 
ATOM 1441 C CG  . LEU A 1 216 ? 15.531  18.618  -5.522  1.00 691.00 ? 570 LEU A CG  1 
ATOM 1442 C CD1 . LEU A 1 216 ? 16.140  17.582  -4.592  1.00 691.00 ? 570 LEU A CD1 1 
ATOM 1443 C CD2 . LEU A 1 216 ? 16.596  19.319  -6.340  1.00 691.00 ? 570 LEU A CD2 1 
ATOM 1444 N N   . ALA A 1 217 ? 11.428  17.921  -7.111  1.00 640.03 ? 571 ALA A N   1 
ATOM 1445 C CA  . ALA A 1 217 ? 10.222  17.295  -7.643  1.00 640.03 ? 571 ALA A CA  1 
ATOM 1446 C C   . ALA A 1 217 ? 9.631   18.115  -8.783  1.00 640.03 ? 571 ALA A C   1 
ATOM 1447 O O   . ALA A 1 217 ? 9.209   17.565  -9.808  1.00 640.03 ? 571 ALA A O   1 
ATOM 1448 C CB  . ALA A 1 217 ? 9.189   17.125  -6.532  1.00 640.03 ? 571 ALA A CB  1 
ATOM 1449 N N   . GLY A 1 218 ? 9.577   19.431  -8.610  1.00 630.52 ? 572 GLY A N   1 
ATOM 1450 C CA  . GLY A 1 218 ? 8.921   20.269  -9.596  1.00 630.52 ? 572 GLY A CA  1 
ATOM 1451 C C   . GLY A 1 218 ? 9.658   20.315  -10.917 1.00 630.52 ? 572 GLY A C   1 
ATOM 1452 O O   . GLY A 1 218 ? 9.039   20.327  -11.984 1.00 630.52 ? 572 GLY A O   1 
ATOM 1453 N N   . ASN A 1 219 ? 10.990  20.363  -10.871 1.00 647.58 ? 573 ASN A N   1 
ATOM 1454 C CA  . ASN A 1 219 ? 11.734  20.391  -12.128 1.00 647.58 ? 573 ASN A CA  1 
ATOM 1455 C C   . ASN A 1 219 ? 11.624  19.050  -12.841 1.00 647.58 ? 573 ASN A C   1 
ATOM 1456 O O   . ASN A 1 219 ? 11.643  18.986  -14.075 1.00 647.58 ? 573 ASN A O   1 
ATOM 1457 C CB  . ASN A 1 219 ? 13.195  20.778  -11.887 1.00 647.58 ? 573 ASN A CB  1 
ATOM 1458 C CG  . ASN A 1 219 ? 14.070  19.597  -11.531 1.00 647.58 ? 573 ASN A CG  1 
ATOM 1459 O OD1 . ASN A 1 219 ? 14.468  18.816  -12.400 1.00 647.58 ? 573 ASN A OD1 1 
ATOM 1460 N ND2 . ASN A 1 219 ? 14.383  19.465  -10.256 1.00 647.58 ? 573 ASN A ND2 1 
ATOM 1461 N N   . ARG A 1 220 ? 11.484  17.965  -12.080 1.00 601.77 ? 574 ARG A N   1 
ATOM 1462 C CA  . ARG A 1 220 ? 11.230  16.665  -12.689 1.00 601.77 ? 574 ARG A CA  1 
ATOM 1463 C C   . ARG A 1 220 ? 9.837   16.609  -13.310 1.00 601.77 ? 574 ARG A C   1 
ATOM 1464 O O   . ARG A 1 220 ? 9.644   15.988  -14.363 1.00 601.77 ? 574 ARG A O   1 
ATOM 1465 C CB  . ARG A 1 220 ? 11.438  15.565  -11.649 1.00 601.77 ? 574 ARG A CB  1 
ATOM 1466 C CG  . ARG A 1 220 ? 12.875  15.025  -11.607 1.00 601.77 ? 574 ARG A CG  1 
ATOM 1467 C CD  . ARG A 1 220 ? 13.914  16.038  -11.145 1.00 601.77 ? 574 ARG A CD  1 
ATOM 1468 N NE  . ARG A 1 220 ? 15.236  15.431  -11.010 1.00 601.77 ? 574 ARG A NE  1 
ATOM 1469 C CZ  . ARG A 1 220 ? 16.360  16.108  -10.791 1.00 601.77 ? 574 ARG A CZ  1 
ATOM 1470 N NH1 . ARG A 1 220 ? 16.341  17.428  -10.699 1.00 601.77 ? 574 ARG A NH1 1 
ATOM 1471 N NH2 . ARG A 1 220 ? 17.513  15.462  -10.683 1.00 601.77 ? 574 ARG A NH2 1 
ATOM 1472 N N   . TYR A 1 221 ? 8.853   17.261  -12.681 1.00 581.52 ? 575 TYR A N   1 
ATOM 1473 C CA  . TYR A 1 221 ? 7.593   17.507  -13.381 1.00 581.52 ? 575 TYR A CA  1 
ATOM 1474 C C   . TYR A 1 221 ? 7.828   18.213  -14.703 1.00 581.52 ? 575 TYR A C   1 
ATOM 1475 O O   . TYR A 1 221 ? 7.354   17.764  -15.751 1.00 581.52 ? 575 TYR A O   1 
ATOM 1476 C CB  . TYR A 1 221 ? 6.629   18.353  -12.549 1.00 581.52 ? 575 TYR A CB  1 
ATOM 1477 C CG  . TYR A 1 221 ? 5.652   17.593  -11.702 1.00 581.52 ? 575 TYR A CG  1 
ATOM 1478 C CD1 . TYR A 1 221 ? 4.359   17.375  -12.152 1.00 581.52 ? 575 TYR A CD1 1 
ATOM 1479 C CD2 . TYR A 1 221 ? 5.975   17.182  -10.426 1.00 581.52 ? 575 TYR A CD2 1 
ATOM 1480 C CE1 . TYR A 1 221 ? 3.443   16.697  -11.389 1.00 581.52 ? 575 TYR A CE1 1 
ATOM 1481 C CE2 . TYR A 1 221 ? 5.062   16.507  -9.647  1.00 581.52 ? 575 TYR A CE2 1 
ATOM 1482 C CZ  . TYR A 1 221 ? 3.801   16.262  -10.137 1.00 581.52 ? 575 TYR A CZ  1 
ATOM 1483 O OH  . TYR A 1 221 ? 2.882   15.600  -9.363  1.00 581.52 ? 575 TYR A OH  1 
ATOM 1484 N N   . SER A 1 222 ? 8.552   19.329  -14.665 1.00 582.79 ? 576 SER A N   1 
ATOM 1485 C CA  . SER A 1 222 ? 8.747   20.125  -15.870 1.00 582.79 ? 576 SER A CA  1 
ATOM 1486 C C   . SER A 1 222 ? 9.469   19.326  -16.948 1.00 582.79 ? 576 SER A C   1 
ATOM 1487 O O   . SER A 1 222 ? 9.282   19.575  -18.144 1.00 582.79 ? 576 SER A O   1 
ATOM 1488 C CB  . SER A 1 222 ? 9.510   21.404  -15.532 1.00 582.79 ? 576 SER A CB  1 
ATOM 1489 O OG  . SER A 1 222 ? 8.837   22.133  -14.519 1.00 582.79 ? 576 SER A OG  1 
ATOM 1490 N N   . ARG A 1 223 ? 10.306  18.368  -16.547 1.00 536.72 ? 577 ARG A N   1 
ATOM 1491 C CA  . ARG A 1 223 ? 10.951  17.516  -17.541 1.00 536.72 ? 577 ARG A CA  1 
ATOM 1492 C C   . ARG A 1 223 ? 9.966   16.513  -18.127 1.00 536.72 ? 577 ARG A C   1 
ATOM 1493 O O   . ARG A 1 223 ? 9.828   16.408  -19.351 1.00 536.72 ? 577 ARG A O   1 
ATOM 1494 C CB  . ARG A 1 223 ? 12.150  16.782  -16.944 1.00 536.72 ? 577 ARG A CB  1 
ATOM 1495 C CG  . ARG A 1 223 ? 13.357  17.653  -16.669 1.00 536.72 ? 577 ARG A CG  1 
ATOM 1496 C CD  . ARG A 1 223 ? 14.619  16.820  -16.766 1.00 536.72 ? 577 ARG A CD  1 
ATOM 1497 N NE  . ARG A 1 223 ? 15.123  16.364  -15.479 1.00 536.72 ? 577 ARG A NE  1 
ATOM 1498 C CZ  . ARG A 1 223 ? 14.842  15.177  -14.957 1.00 536.72 ? 577 ARG A CZ  1 
ATOM 1499 N NH1 . ARG A 1 223 ? 14.054  14.334  -15.608 1.00 536.72 ? 577 ARG A NH1 1 
ATOM 1500 N NH2 . ARG A 1 223 ? 15.350  14.830  -13.787 1.00 536.72 ? 577 ARG A NH2 1 
ATOM 1501 N N   . ALA A 1 224 ? 9.266   15.768  -17.272 1.00 560.95 ? 578 ALA A N   1 
ATOM 1502 C CA  . ALA A 1 224 ? 8.350   14.744  -17.760 1.00 560.95 ? 578 ALA A CA  1 
ATOM 1503 C C   . ALA A 1 224 ? 6.946   14.814  -17.184 1.00 560.95 ? 578 ALA A C   1 
ATOM 1504 O O   . ALA A 1 224 ? 6.004   14.415  -17.879 1.00 560.95 ? 578 ALA A O   1 
ATOM 1505 C CB  . ALA A 1 224 ? 8.914   13.341  -17.490 1.00 560.95 ? 578 ALA A CB  1 
ATOM 1506 N N   . GLY A 1 225 ? 6.765   15.309  -15.961 1.00 580.26 ? 579 GLY A N   1 
ATOM 1507 C CA  . GLY A 1 225 ? 5.480   15.282  -15.302 1.00 580.26 ? 579 GLY A CA  1 
ATOM 1508 C C   . GLY A 1 225 ? 4.534   16.338  -15.838 1.00 580.26 ? 579 GLY A C   1 
ATOM 1509 O O   . GLY A 1 225 ? 4.746   16.936  -16.895 1.00 580.26 ? 579 GLY A O   1 
ATOM 1510 N N   . GLN A 1 226 ? 3.456   16.555  -15.091 1.00 564.62 ? 580 GLN A N   1 
ATOM 1511 C CA  . GLN A 1 226 ? 2.442   17.506  -15.516 1.00 564.62 ? 580 GLN A CA  1 
ATOM 1512 C C   . GLN A 1 226 ? 2.986   18.924  -15.480 1.00 564.62 ? 580 GLN A C   1 
ATOM 1513 O O   . GLN A 1 226 ? 3.679   19.313  -14.536 1.00 564.62 ? 580 GLN A O   1 
ATOM 1514 C CB  . GLN A 1 226 ? 1.204   17.403  -14.632 1.00 564.62 ? 580 GLN A CB  1 
ATOM 1515 C CG  . GLN A 1 226 ? 0.081   18.315  -15.089 1.00 564.62 ? 580 GLN A CG  1 
ATOM 1516 C CD  . GLN A 1 226 ? -1.170  18.166  -14.263 1.00 564.62 ? 580 GLN A CD  1 
ATOM 1517 O OE1 . GLN A 1 226 ? -1.209  17.397  -13.302 1.00 564.62 ? 580 GLN A OE1 1 
ATOM 1518 N NE2 . GLN A 1 226 ? -2.212  18.894  -14.638 1.00 564.62 ? 580 GLN A NE2 1 
ATOM 1519 N N   . ARG A 1 227 ? 2.678   19.694  -16.525 1.00 592.08 ? 581 ARG A N   1 
ATOM 1520 C CA  . ARG A 1 227 ? 3.028   21.108  -16.528 1.00 592.08 ? 581 ARG A CA  1 
ATOM 1521 C C   . ARG A 1 227 ? 2.266   21.858  -15.442 1.00 592.08 ? 581 ARG A C   1 
ATOM 1522 O O   . ARG A 1 227 ? 2.857   22.621  -14.668 1.00 592.08 ? 581 ARG A O   1 
ATOM 1523 C CB  . ARG A 1 227 ? 2.717   21.716  -17.894 1.00 592.08 ? 581 ARG A CB  1 
ATOM 1524 C CG  . ARG A 1 227 ? 3.119   20.871  -19.096 1.00 592.08 ? 581 ARG A CG  1 
ATOM 1525 C CD  . ARG A 1 227 ? 4.611   20.626  -19.207 1.00 592.08 ? 581 ARG A CD  1 
ATOM 1526 N NE  . ARG A 1 227 ? 5.042   19.396  -18.549 1.00 592.08 ? 581 ARG A NE  1 
ATOM 1527 C CZ  . ARG A 1 227 ? 6.311   19.020  -18.459 1.00 592.08 ? 581 ARG A CZ  1 
ATOM 1528 N NH1 . ARG A 1 227 ? 7.254   19.769  -19.008 1.00 592.08 ? 581 ARG A NH1 1 
ATOM 1529 N NH2 . ARG A 1 227 ? 6.638   17.891  -17.848 1.00 592.08 ? 581 ARG A NH2 1 
ATOM 1530 N N   . LYS A 1 228 ? 0.948   21.648  -15.374 1.00 569.65 ? 582 LYS A N   1 
ATOM 1531 C CA  . LYS A 1 228 ? 0.117   22.387  -14.429 1.00 569.65 ? 582 LYS A CA  1 
ATOM 1532 C C   . LYS A 1 228 ? 0.489   22.066  -12.988 1.00 569.65 ? 582 LYS A C   1 
ATOM 1533 O O   . LYS A 1 228 ? 0.576   22.965  -12.142 1.00 569.65 ? 582 LYS A O   1 
ATOM 1534 C CB  . LYS A 1 228 ? -1.361  22.079  -14.679 1.00 569.65 ? 582 LYS A CB  1 
ATOM 1535 C CG  . LYS A 1 228 ? -2.303  22.698  -13.656 1.00 569.65 ? 582 LYS A CG  1 
ATOM 1536 C CD  . LYS A 1 228 ? -3.639  21.968  -13.584 1.00 569.65 ? 582 LYS A CD  1 
ATOM 1537 C CE  . LYS A 1 228 ? -3.617  20.861  -12.533 1.00 569.65 ? 582 LYS A CE  1 
ATOM 1538 N NZ  . LYS A 1 228 ? -4.957  20.245  -12.321 1.00 569.65 ? 582 LYS A NZ  1 
ATOM 1539 N N   . HIS A 1 229 ? 0.711   20.789  -12.682 1.00 611.05 ? 583 HIS A N   1 
ATOM 1540 C CA  . HIS A 1 229 ? 1.020   20.456  -11.301 1.00 611.05 ? 583 HIS A CA  1 
ATOM 1541 C C   . HIS A 1 229 ? 2.450   20.864  -10.976 1.00 611.05 ? 583 HIS A C   1 
ATOM 1542 O O   . HIS A 1 229 ? 2.771   21.172  -9.824  1.00 611.05 ? 583 HIS A O   1 
ATOM 1543 C CB  . HIS A 1 229 ? 0.813   18.970  -11.037 1.00 611.05 ? 583 HIS A CB  1 
ATOM 1544 C CG  . HIS A 1 229 ? 0.942   18.602  -9.591  1.00 611.05 ? 583 HIS A CG  1 
ATOM 1545 N ND1 . HIS A 1 229 ? 2.147   18.306  -8.994  1.00 611.05 ? 583 HIS A ND1 1 
ATOM 1546 C CD2 . HIS A 1 229 ? -0.001  18.443  -8.631  1.00 611.05 ? 583 HIS A CD2 1 
ATOM 1547 C CE1 . HIS A 1 229 ? 1.945   18.008  -7.723  1.00 611.05 ? 583 HIS A CE1 1 
ATOM 1548 N NE2 . HIS A 1 229 ? 0.650   18.082  -7.477  1.00 611.05 ? 583 HIS A NE2 1 
ATOM 1549 N N   . ALA A 1 230 ? 3.326   20.870  -11.986 1.00 590.37 ? 584 ALA A N   1 
ATOM 1550 C CA  . ALA A 1 230 ? 4.619   21.524  -11.828 1.00 590.37 ? 584 ALA A CA  1 
ATOM 1551 C C   . ALA A 1 230 ? 4.436   22.962  -11.383 1.00 590.37 ? 584 ALA A C   1 
ATOM 1552 O O   . ALA A 1 230 ? 5.091   23.418  -10.441 1.00 590.37 ? 584 ALA A O   1 
ATOM 1553 C CB  . ALA A 1 230 ? 5.408   21.479  -13.135 1.00 590.37 ? 584 ALA A CB  1 
ATOM 1554 N N   . TYR A 1 231 ? 3.523   23.683  -12.032 1.00 571.56 ? 585 TYR A N   1 
ATOM 1555 C CA  . TYR A 1 231 ? 3.264   25.062  -11.639 1.00 571.56 ? 585 TYR A CA  1 
ATOM 1556 C C   . TYR A 1 231 ? 2.769   25.143  -10.202 1.00 571.56 ? 585 TYR A C   1 
ATOM 1557 O O   . TYR A 1 231 ? 3.191   26.020  -9.446  1.00 571.56 ? 585 TYR A O   1 
ATOM 1558 C CB  . TYR A 1 231 ? 2.252   25.706  -12.593 1.00 571.56 ? 585 TYR A CB  1 
ATOM 1559 C CG  . TYR A 1 231 ? 1.802   27.094  -12.170 1.00 571.56 ? 585 TYR A CG  1 
ATOM 1560 C CD1 . TYR A 1 231 ? 2.350   28.228  -12.757 1.00 571.56 ? 585 TYR A CD1 1 
ATOM 1561 C CD2 . TYR A 1 231 ? 0.806   27.270  -11.213 1.00 571.56 ? 585 TYR A CD2 1 
ATOM 1562 C CE1 . TYR A 1 231 ? 1.947   29.493  -12.380 1.00 571.56 ? 585 TYR A CE1 1 
ATOM 1563 C CE2 . TYR A 1 231 ? 0.397   28.531  -10.829 1.00 571.56 ? 585 TYR A CE2 1 
ATOM 1564 C CZ  . TYR A 1 231 ? 0.967   29.640  -11.417 1.00 571.56 ? 585 TYR A CZ  1 
ATOM 1565 O OH  . TYR A 1 231 ? 0.556   30.898  -11.041 1.00 571.56 ? 585 TYR A OH  1 
ATOM 1566 N N   . ARG A 1 232 ? 1.853   24.255  -9.816  1.00 692.71 ? 586 ARG A N   1 
ATOM 1567 C CA  . ARG A 1 232 ? 1.257   24.380  -8.485  1.00 692.71 ? 586 ARG A CA  1 
ATOM 1568 C C   . ARG A 1 232 ? 2.263   24.031  -7.391  1.00 692.71 ? 586 ARG A C   1 
ATOM 1569 O O   . ARG A 1 232 ? 2.312   24.691  -6.341  1.00 692.71 ? 586 ARG A O   1 
ATOM 1570 C CB  . ARG A 1 232 ? -0.009  23.523  -8.390  1.00 692.71 ? 586 ARG A CB  1 
ATOM 1571 C CG  . ARG A 1 232 ? 0.194   22.034  -8.181  1.00 692.71 ? 586 ARG A CG  1 
ATOM 1572 C CD  . ARG A 1 232 ? -1.085  21.365  -7.674  1.00 692.71 ? 586 ARG A CD  1 
ATOM 1573 N NE  . ARG A 1 232 ? -1.653  21.986  -6.481  1.00 692.71 ? 586 ARG A NE  1 
ATOM 1574 C CZ  . ARG A 1 232 ? -1.115  21.917  -5.268  1.00 692.71 ? 586 ARG A CZ  1 
ATOM 1575 N NH1 . ARG A 1 232 ? 0.011   21.243  -5.076  1.00 692.71 ? 586 ARG A NH1 1 
ATOM 1576 N NH2 . ARG A 1 232 ? -1.710  22.508  -4.242  1.00 692.71 ? 586 ARG A NH2 1 
ATOM 1577 N N   . CYS A 1 233 ? 3.096   23.014  -7.628  1.00 615.46 ? 587 CYS A N   1 
ATOM 1578 C CA  . CYS A 1 233 ? 4.148   22.694  -6.673  1.00 615.46 ? 587 CYS A CA  1 
ATOM 1579 C C   . CYS A 1 233 ? 5.163   23.825  -6.590  1.00 615.46 ? 587 CYS A C   1 
ATOM 1580 O O   . CYS A 1 233 ? 5.617   24.180  -5.496  1.00 615.46 ? 587 CYS A O   1 
ATOM 1581 C CB  . CYS A 1 233 ? 4.825   21.376  -7.048  1.00 615.46 ? 587 CYS A CB  1 
ATOM 1582 S SG  . CYS A 1 233 ? 6.032   21.504  -8.365  1.00 615.46 ? 587 CYS A SG  1 
ATOM 1583 N N   . TYR A 1 234 ? 5.521   24.413  -7.738  1.00 640.03 ? 588 TYR A N   1 
ATOM 1584 C CA  . TYR A 1 234 ? 6.362   25.604  -7.722  1.00 640.03 ? 588 TYR A CA  1 
ATOM 1585 C C   . TYR A 1 234 ? 5.742   26.702  -6.877  1.00 640.03 ? 588 TYR A C   1 
ATOM 1586 O O   . TYR A 1 234 ? 6.427   27.321  -6.064  1.00 640.03 ? 588 TYR A O   1 
ATOM 1587 C CB  . TYR A 1 234 ? 6.596   26.121  -9.141  1.00 640.03 ? 588 TYR A CB  1 
ATOM 1588 C CG  . TYR A 1 234 ? 7.390   25.205  -10.032 1.00 640.03 ? 588 TYR A CG  1 
ATOM 1589 C CD1 . TYR A 1 234 ? 8.349   24.353  -9.506  1.00 640.03 ? 588 TYR A CD1 1 
ATOM 1590 C CD2 . TYR A 1 234 ? 7.206   25.222  -11.407 1.00 640.03 ? 588 TYR A CD2 1 
ATOM 1591 C CE1 . TYR A 1 234 ? 9.083   23.530  -10.323 1.00 640.03 ? 588 TYR A CE1 1 
ATOM 1592 C CE2 . TYR A 1 234 ? 7.932   24.398  -12.231 1.00 640.03 ? 588 TYR A CE2 1 
ATOM 1593 C CZ  . TYR A 1 234 ? 8.868   23.552  -11.687 1.00 640.03 ? 588 TYR A CZ  1 
ATOM 1594 O OH  . TYR A 1 234 ? 9.594   22.738  -12.520 1.00 640.03 ? 588 TYR A OH  1 
ATOM 1595 N N   . ARG A 1 235 ? 4.450   26.965  -7.068  1.00 688.52 ? 589 ARG A N   1 
ATOM 1596 C CA  . ARG A 1 235 ? 3.751   28.012  -6.327  1.00 688.52 ? 589 ARG A CA  1 
ATOM 1597 C C   . ARG A 1 235 ? 3.836   27.798  -4.821  1.00 688.52 ? 589 ARG A C   1 
ATOM 1598 O O   . ARG A 1 235 ? 4.168   28.726  -4.066  1.00 688.52 ? 589 ARG A O   1 
ATOM 1599 C CB  . ARG A 1 235 ? 2.297   28.055  -6.797  1.00 688.52 ? 589 ARG A CB  1 
ATOM 1600 C CG  . ARG A 1 235 ? 1.390   29.075  -6.138  1.00 688.52 ? 589 ARG A CG  1 
ATOM 1601 C CD  . ARG A 1 235 ? 0.641   28.396  -4.996  1.00 688.52 ? 589 ARG A CD  1 
ATOM 1602 N NE  . ARG A 1 235 ? -0.051  27.207  -5.484  1.00 688.52 ? 589 ARG A NE  1 
ATOM 1603 C CZ  . ARG A 1 235 ? -0.487  26.217  -4.710  1.00 688.52 ? 589 ARG A CZ  1 
ATOM 1604 N NH1 . ARG A 1 235 ? -0.311  26.266  -3.396  1.00 688.52 ? 589 ARG A NH1 1 
ATOM 1605 N NH2 . ARG A 1 235 ? -1.101  25.177  -5.254  1.00 688.52 ? 589 ARG A NH2 1 
ATOM 1606 N N   . GLN A 1 236 ? 3.507   26.594  -4.357  1.00 679.52 ? 590 GLN A N   1 
ATOM 1607 C CA  . GLN A 1 236 ? 3.568   26.355  -2.920  1.00 679.52 ? 590 GLN A CA  1 
ATOM 1608 C C   . GLN A 1 236 ? 5.008   26.460  -2.419  1.00 679.52 ? 590 GLN A C   1 
ATOM 1609 O O   . GLN A 1 236 ? 5.269   27.012  -1.337  1.00 679.52 ? 590 GLN A O   1 
ATOM 1610 C CB  . GLN A 1 236 ? 2.957   24.995  -2.589  1.00 679.52 ? 590 GLN A CB  1 
ATOM 1611 C CG  . GLN A 1 236 ? 2.696   24.800  -1.110  1.00 679.52 ? 590 GLN A CG  1 
ATOM 1612 C CD  . GLN A 1 236 ? 1.390   25.441  -0.671  1.00 679.52 ? 590 GLN A CD  1 
ATOM 1613 O OE1 . GLN A 1 236 ? 0.364   25.311  -1.340  1.00 679.52 ? 590 GLN A OE1 1 
ATOM 1614 N NE2 . GLN A 1 236 ? 1.426   26.148  0.451   1.00 679.52 ? 590 GLN A NE2 1 
ATOM 1615 N N   . ALA A 1 237 ? 5.963   25.969  -3.216  1.00 618.14 ? 591 ALA A N   1 
ATOM 1616 C CA  . ALA A 1 237 ? 7.370   26.146  -2.882  1.00 618.14 ? 591 ALA A CA  1 
ATOM 1617 C C   . ALA A 1 237 ? 7.747   27.622  -2.837  1.00 618.14 ? 591 ALA A C   1 
ATOM 1618 O O   . ALA A 1 237 ? 8.662   28.010  -2.113  1.00 618.14 ? 591 ALA A O   1 
ATOM 1619 C CB  . ALA A 1 237 ? 8.245   25.403  -3.891  1.00 618.14 ? 591 ALA A CB  1 
ATOM 1620 N N   . TYR A 1 238 ? 7.052   28.457  -3.607  1.00 639.96 ? 592 TYR A N   1 
ATOM 1621 C CA  . TYR A 1 238 ? 7.346   29.887  -3.600  1.00 639.96 ? 592 TYR A CA  1 
ATOM 1622 C C   . TYR A 1 238 ? 6.825   30.532  -2.330  1.00 639.96 ? 592 TYR A C   1 
ATOM 1623 O O   . TYR A 1 238 ? 7.451   31.444  -1.781  1.00 639.96 ? 592 TYR A O   1 
ATOM 1624 C CB  . TYR A 1 238 ? 6.735   30.559  -4.827  1.00 639.96 ? 592 TYR A CB  1 
ATOM 1625 C CG  . TYR A 1 238 ? 7.290   30.045  -6.130  1.00 639.96 ? 592 TYR A CG  1 
ATOM 1626 C CD1 . TYR A 1 238 ? 8.556   29.478  -6.191  1.00 639.96 ? 592 TYR A CD1 1 
ATOM 1627 C CD2 . TYR A 1 238 ? 6.539   30.099  -7.297  1.00 639.96 ? 592 TYR A CD2 1 
ATOM 1628 C CE1 . TYR A 1 238 ? 9.063   28.994  -7.377  1.00 639.96 ? 592 TYR A CE1 1 
ATOM 1629 C CE2 . TYR A 1 238 ? 7.039   29.617  -8.490  1.00 639.96 ? 592 TYR A CE2 1 
ATOM 1630 C CZ  . TYR A 1 238 ? 8.301   29.067  -8.524  1.00 639.96 ? 592 TYR A CZ  1 
ATOM 1631 O OH  . TYR A 1 238 ? 8.803   28.585  -9.709  1.00 639.96 ? 592 TYR A OH  1 
ATOM 1632 N N   . GLN A 1 239 ? 5.666   30.078  -1.857  1.00 634.46 ? 593 GLN A N   1 
ATOM 1633 C CA  . GLN A 1 239 ? 5.231   30.461  -0.516  1.00 634.46 ? 593 GLN A CA  1 
ATOM 1634 C C   . GLN A 1 239 ? 6.309   30.133  0.511   1.00 634.46 ? 593 GLN A C   1 
ATOM 1635 O O   . GLN A 1 239 ? 6.719   30.996  1.308   1.00 634.46 ? 593 GLN A O   1 
ATOM 1636 C CB  . GLN A 1 239 ? 3.931   29.743  -0.150  1.00 634.46 ? 593 GLN A CB  1 
ATOM 1637 C CG  . GLN A 1 239 ? 2.727   30.106  -0.991  1.00 634.46 ? 593 GLN A CG  1 
ATOM 1638 C CD  . GLN A 1 239 ? 1.488   29.339  -0.566  1.00 634.46 ? 593 GLN A CD  1 
ATOM 1639 O OE1 . GLN A 1 239 ? 1.545   28.494  0.326   1.00 634.46 ? 593 GLN A OE1 1 
ATOM 1640 N NE2 . GLN A 1 239 ? 0.357   29.640  -1.194  1.00 634.46 ? 593 GLN A NE2 1 
ATOM 1641 N N   . VAL A 1 240 ? 6.797   28.891  0.485   1.00 587.44 ? 594 VAL A N   1 
ATOM 1642 C CA  . VAL A 1 240 ? 7.829   28.476  1.435   1.00 587.44 ? 594 VAL A CA  1 
ATOM 1643 C C   . VAL A 1 240 ? 9.099   29.307  1.251   1.00 587.44 ? 594 VAL A C   1 
ATOM 1644 O O   . VAL A 1 240 ? 9.783   29.644  2.225   1.00 587.44 ? 594 VAL A O   1 
ATOM 1645 C CB  . VAL A 1 240 ? 8.105   26.966  1.300   1.00 587.44 ? 594 VAL A CB  1 
ATOM 1646 C CG1 . VAL A 1 240 ? 9.031   26.489  2.406   1.00 587.44 ? 594 VAL A CG1 1 
ATOM 1647 C CG2 . VAL A 1 240 ? 6.801   26.194  1.350   1.00 587.44 ? 594 VAL A CG2 1 
ATOM 1648 N N   . PHE A 1 241 ? 9.435   29.639  0.002   1.00 579.66 ? 595 PHE A N   1 
ATOM 1649 C CA  . PHE A 1 241 ? 10.574  30.509  -0.275  1.00 579.66 ? 595 PHE A CA  1 
ATOM 1650 C C   . PHE A 1 241 ? 10.406  31.860  0.395   1.00 579.66 ? 595 PHE A C   1 
ATOM 1651 O O   . PHE A 1 241 ? 11.337  32.378  1.022   1.00 579.66 ? 595 PHE A O   1 
ATOM 1652 C CB  . PHE A 1 241 ? 10.726  30.711  -1.784  1.00 579.66 ? 595 PHE A CB  1 
ATOM 1653 C CG  . PHE A 1 241 ? 11.359  29.559  -2.498  1.00 579.66 ? 595 PHE A CG  1 
ATOM 1654 C CD1 . PHE A 1 241 ? 11.012  29.270  -3.807  1.00 579.66 ? 595 PHE A CD1 1 
ATOM 1655 C CD2 . PHE A 1 241 ? 12.312  28.776  -1.875  1.00 579.66 ? 595 PHE A CD2 1 
ATOM 1656 C CE1 . PHE A 1 241 ? 11.592  28.215  -4.475  1.00 579.66 ? 595 PHE A CE1 1 
ATOM 1657 C CE2 . PHE A 1 241 ? 12.897  27.719  -2.538  1.00 579.66 ? 595 PHE A CE2 1 
ATOM 1658 C CZ  . PHE A 1 241 ? 12.537  27.439  -3.840  1.00 579.66 ? 595 PHE A CZ  1 
ATOM 1659 N N   . GLN A 1 242 ? 9.219   32.449  0.259   1.00 587.60 ? 596 GLN A N   1 
ATOM 1660 C CA  . GLN A 1 242 ? 8.981   33.785  0.783   1.00 587.60 ? 596 GLN A CA  1 
ATOM 1661 C C   . GLN A 1 242 ? 8.990   33.790  2.304   1.00 587.60 ? 596 GLN A C   1 
ATOM 1662 O O   . GLN A 1 242 ? 9.268   34.823  2.925   1.00 587.60 ? 596 GLN A O   1 
ATOM 1663 C CB  . GLN A 1 242 ? 7.650   34.314  0.255   1.00 587.60 ? 596 GLN A CB  1 
ATOM 1664 C CG  . GLN A 1 242 ? 7.610   34.544  -1.245  1.00 587.60 ? 596 GLN A CG  1 
ATOM 1665 C CD  . GLN A 1 242 ? 6.229   34.311  -1.819  1.00 587.60 ? 596 GLN A CD  1 
ATOM 1666 O OE1 . GLN A 1 242 ? 5.268   34.104  -1.079  1.00 587.60 ? 596 GLN A OE1 1 
ATOM 1667 N NE2 . GLN A 1 242 ? 6.119   34.340  -3.140  1.00 587.60 ? 596 GLN A NE2 1 
ATOM 1668 N N   . LYS A 1 243 ? 8.683   32.648  2.927   1.00 632.81 ? 597 LYS A N   1 
ATOM 1669 C CA  . LYS A 1 243 ? 8.500   32.655  4.378   1.00 632.81 ? 597 LYS A CA  1 
ATOM 1670 C C   . LYS A 1 243 ? 9.757   32.220  5.136   1.00 632.81 ? 597 LYS A C   1 
ATOM 1671 O O   . LYS A 1 243 ? 9.721   32.088  6.365   1.00 632.81 ? 597 LYS A O   1 
ATOM 1672 C CB  . LYS A 1 243 ? 7.310   31.770  4.755   1.00 632.81 ? 597 LYS A CB  1 
ATOM 1673 C CG  . LYS A 1 243 ? 5.970   32.303  4.262   1.00 632.81 ? 597 LYS A CG  1 
ATOM 1674 C CD  . LYS A 1 243 ? 4.880   31.237  4.280   1.00 632.81 ? 597 LYS A CD  1 
ATOM 1675 C CE  . LYS A 1 243 ? 4.588   30.749  5.691   1.00 632.81 ? 597 LYS A CE  1 
ATOM 1676 N NZ  . LYS A 1 243 ? 3.635   29.608  5.690   1.00 632.81 ? 597 LYS A NZ  1 
ATOM 1677 N N   . ARG A 1 244 ? 10.880  31.999  4.444   1.00 622.97 ? 598 ARG A N   1 
ATOM 1678 C CA  . ARG A 1 244 ? 12.037  31.338  5.046   1.00 622.97 ? 598 ARG A CA  1 
ATOM 1679 C C   . ARG A 1 244 ? 13.354  32.071  4.756   1.00 622.97 ? 598 ARG A C   1 
ATOM 1680 O O   . ARG A 1 244 ? 14.272  31.500  4.161   1.00 622.97 ? 598 ARG A O   1 
ATOM 1681 C CB  . ARG A 1 244 ? 12.094  29.876  4.594   1.00 622.97 ? 598 ARG A CB  1 
ATOM 1682 C CG  . ARG A 1 244 ? 13.129  28.990  5.301   1.00 622.97 ? 598 ARG A CG  1 
ATOM 1683 C CD  . ARG A 1 244 ? 12.740  28.769  6.768   1.00 622.97 ? 598 ARG A CD  1 
ATOM 1684 N NE  . ARG A 1 244 ? 13.622  27.835  7.467   1.00 622.97 ? 598 ARG A NE  1 
ATOM 1685 C CZ  . ARG A 1 244 ? 13.400  26.527  7.553   1.00 622.97 ? 598 ARG A CZ  1 
ATOM 1686 N NH1 . ARG A 1 244 ? 12.314  26.009  7.000   1.00 622.97 ? 598 ARG A NH1 1 
ATOM 1687 N NH2 . ARG A 1 244 ? 14.247  25.740  8.204   1.00 622.97 ? 598 ARG A NH2 1 
ATOM 1688 N N   . GLU A 1 245 ? 13.447  33.354  5.115   1.00 613.49 ? 599 GLU A N   1 
ATOM 1689 C CA  . GLU A 1 245 ? 14.568  34.167  4.647   1.00 613.49 ? 599 GLU A CA  1 
ATOM 1690 C C   . GLU A 1 245 ? 15.869  33.832  5.374   1.00 613.49 ? 599 GLU A C   1 
ATOM 1691 O O   . GLU A 1 245 ? 16.823  33.355  4.749   1.00 613.49 ? 599 GLU A O   1 
ATOM 1692 C CB  . GLU A 1 245 ? 14.233  35.646  4.820   1.00 613.49 ? 599 GLU A CB  1 
ATOM 1693 C CG  . GLU A 1 245 ? 13.215  36.158  3.820   1.00 613.49 ? 599 GLU A CG  1 
ATOM 1694 C CD  . GLU A 1 245 ? 13.769  36.229  2.413   1.00 613.49 ? 599 GLU A CD  1 
ATOM 1695 O OE1 . GLU A 1 245 ? 14.986  36.462  2.265   1.00 613.49 ? 599 GLU A OE1 1 
ATOM 1696 O OE2 . GLU A 1 245 ? 12.988  36.052  1.456   1.00 613.49 ? 599 GLU A OE2 1 
ATOM 1697 N N   . TRP A 1 246 ? 15.919  34.056  6.688   1.00 498.94 ? 600 TRP A N   1 
ATOM 1698 C CA  . TRP A 1 246 ? 17.105  33.816  7.528   1.00 498.94 ? 600 TRP A CA  1 
ATOM 1699 C C   . TRP A 1 246 ? 18.461  33.915  6.826   1.00 498.94 ? 600 TRP A C   1 
ATOM 1700 O O   . TRP A 1 246 ? 19.395  33.178  7.144   1.00 498.94 ? 600 TRP A O   1 
ATOM 1701 C CB  . TRP A 1 246 ? 16.980  32.448  8.190   1.00 498.94 ? 600 TRP A CB  1 
ATOM 1702 C CG  . TRP A 1 246 ? 15.779  32.357  9.070   1.00 498.94 ? 600 TRP A CG  1 
ATOM 1703 C CD1 . TRP A 1 246 ? 14.714  31.523  8.924   1.00 498.94 ? 600 TRP A CD1 1 
ATOM 1704 C CD2 . TRP A 1 246 ? 15.525  33.132  10.244  1.00 498.94 ? 600 TRP A CD2 1 
ATOM 1705 N NE1 . TRP A 1 246 ? 13.804  31.735  9.931   1.00 498.94 ? 600 TRP A NE1 1 
ATOM 1706 C CE2 . TRP A 1 246 ? 14.281  32.718  10.757  1.00 498.94 ? 600 TRP A CE2 1 
ATOM 1707 C CE3 . TRP A 1 246 ? 16.228  34.137  10.912  1.00 498.94 ? 600 TRP A CE3 1 
ATOM 1708 C CZ2 . TRP A 1 246 ? 13.728  33.271  11.906  1.00 498.94 ? 600 TRP A CZ2 1 
ATOM 1709 C CZ3 . TRP A 1 246 ? 15.678  34.684  12.049  1.00 498.94 ? 600 TRP A CZ3 1 
ATOM 1710 C CH2 . TRP A 1 246 ? 14.440  34.252  12.535  1.00 498.94 ? 600 TRP A CH2 1 
# 
